data_5DAE
# 
_entry.id   5DAE 
# 
_audit_conform.dict_name       mmcif_pdbx.dic 
_audit_conform.dict_version    5.397 
_audit_conform.dict_location   http://mmcif.pdb.org/dictionaries/ascii/mmcif_pdbx.dic 
# 
loop_
_database_2.database_id 
_database_2.database_code 
_database_2.pdbx_database_accession 
_database_2.pdbx_DOI 
PDB   5DAE         pdb_00005dae 10.2210/pdb5dae/pdb 
WWPDB D_1000212920 ?            ?                   
# 
loop_
_pdbx_audit_revision_history.ordinal 
_pdbx_audit_revision_history.data_content_type 
_pdbx_audit_revision_history.major_revision 
_pdbx_audit_revision_history.minor_revision 
_pdbx_audit_revision_history.revision_date 
1 'Structure model' 1 0 2016-09-07 
2 'Structure model' 1 1 2018-09-12 
3 'Structure model' 1 2 2019-04-17 
4 'Structure model' 1 3 2020-01-01 
5 'Structure model' 1 4 2024-10-30 
# 
_pdbx_audit_revision_details.ordinal             1 
_pdbx_audit_revision_details.revision_ordinal    1 
_pdbx_audit_revision_details.data_content_type   'Structure model' 
_pdbx_audit_revision_details.provider            repository 
_pdbx_audit_revision_details.type                'Initial release' 
_pdbx_audit_revision_details.description         ? 
_pdbx_audit_revision_details.details             ? 
# 
loop_
_pdbx_audit_revision_group.ordinal 
_pdbx_audit_revision_group.revision_ordinal 
_pdbx_audit_revision_group.data_content_type 
_pdbx_audit_revision_group.group 
1 2 'Structure model' 'Data collection'            
2 2 'Structure model' 'Database references'        
3 2 'Structure model' 'Derived calculations'       
4 3 'Structure model' 'Author supporting evidence' 
5 3 'Structure model' 'Data collection'            
6 4 'Structure model' 'Author supporting evidence' 
7 5 'Structure model' 'Data collection'            
8 5 'Structure model' 'Database references'        
9 5 'Structure model' 'Structure summary'          
# 
loop_
_pdbx_audit_revision_category.ordinal 
_pdbx_audit_revision_category.revision_ordinal 
_pdbx_audit_revision_category.data_content_type 
_pdbx_audit_revision_category.category 
1  2 'Structure model' citation                  
2  2 'Structure model' citation_author           
3  2 'Structure model' pdbx_struct_oper_list     
4  3 'Structure model' pdbx_audit_support        
5  4 'Structure model' pdbx_audit_support        
6  5 'Structure model' chem_comp_atom            
7  5 'Structure model' chem_comp_bond            
8  5 'Structure model' database_2                
9  5 'Structure model' pdbx_entry_details        
10 5 'Structure model' pdbx_modification_feature 
# 
loop_
_pdbx_audit_revision_item.ordinal 
_pdbx_audit_revision_item.revision_ordinal 
_pdbx_audit_revision_item.data_content_type 
_pdbx_audit_revision_item.item 
1  2 'Structure model' '_citation.country'                         
2  2 'Structure model' '_citation.journal_abbrev'                  
3  2 'Structure model' '_citation.journal_id_ASTM'                 
4  2 'Structure model' '_citation.journal_id_CSD'                  
5  2 'Structure model' '_citation.journal_id_ISSN'                 
6  2 'Structure model' '_citation.journal_volume'                  
7  2 'Structure model' '_citation.page_first'                      
8  2 'Structure model' '_citation.page_last'                       
9  2 'Structure model' '_citation.pdbx_database_id_DOI'            
10 2 'Structure model' '_citation.pdbx_database_id_PubMed'         
11 2 'Structure model' '_citation.title'                           
12 2 'Structure model' '_citation.year'                            
13 2 'Structure model' '_pdbx_struct_oper_list.symmetry_operation' 
14 3 'Structure model' '_pdbx_audit_support.funding_organization'  
15 4 'Structure model' '_pdbx_audit_support.funding_organization'  
16 5 'Structure model' '_database_2.pdbx_DOI'                      
17 5 'Structure model' '_database_2.pdbx_database_accession'       
# 
_pdbx_database_status.status_code                     REL 
_pdbx_database_status.status_code_sf                  REL 
_pdbx_database_status.status_code_mr                  ? 
_pdbx_database_status.entry_id                        5DAE 
_pdbx_database_status.recvd_initial_deposition_date   2015-08-19 
_pdbx_database_status.SG_entry                        N 
_pdbx_database_status.deposit_site                    RCSB 
_pdbx_database_status.process_site                    RCSB 
_pdbx_database_status.status_code_cs                  ? 
_pdbx_database_status.methods_development_category    ? 
_pdbx_database_status.pdb_format_compatible           Y 
_pdbx_database_status.status_code_nmr_data            ? 
# 
loop_
_audit_author.name 
_audit_author.pdbx_ordinal 
'Torquato, R.J.S.' 1 
'Pereira, P.J.B.'  2 
'Tanaka, A.S.'     3 
# 
_citation.abstract                  ? 
_citation.abstract_id_CAS           ? 
_citation.book_id_ISBN              ? 
_citation.book_publisher            ? 
_citation.book_publisher_city       ? 
_citation.book_title                ? 
_citation.coordinate_linkage        ? 
_citation.country                   US 
_citation.database_id_Medline       ? 
_citation.details                   ? 
_citation.id                        primary 
_citation.journal_abbrev            'Acta Crystallogr F Struct Biol Commun' 
_citation.journal_id_ASTM           ACSFEN 
_citation.journal_id_CSD            ? 
_citation.journal_id_ISSN           2053-230X 
_citation.journal_full              ? 
_citation.journal_issue             ? 
_citation.journal_volume            73 
_citation.language                  ? 
_citation.page_first                469 
_citation.page_last                 475 
_citation.title                     
'High-resolution structure of a Kazal-type serine protease inhibitor from the dengue vector Aedes aegypti.' 
_citation.year                      2017 
_citation.database_id_CSD           ? 
_citation.pdbx_database_id_DOI      10.1107/S2053230X17010007 
_citation.pdbx_database_id_PubMed   28777090 
_citation.unpublished_flag          ? 
# 
loop_
_citation_author.citation_id 
_citation_author.name 
_citation_author.ordinal 
_citation_author.identifier_ORCID 
primary 'Torquato, R.J.S.' 1 ? 
primary 'Lu, S.'           2 ? 
primary 'Martins, N.H.'    3 ? 
primary 'Tanaka, A.S.'     4 ? 
primary 'Pereira, P.J.B.'  5 ? 
# 
loop_
_entity.id 
_entity.type 
_entity.src_method 
_entity.pdbx_description 
_entity.formula_weight 
_entity.pdbx_number_of_molecules 
_entity.pdbx_ec 
_entity.pdbx_mutation 
_entity.pdbx_fragment 
_entity.details 
1 polymer man AAEL006007-PA 7362.287 2  ? ? 'UNP residues 27-91' ? 
2 water   nat water         18.015   89 ? ? ?                    ? 
# 
_entity_name_com.entity_id   1 
_entity_name_com.name        'Kazal domain-containing peptide' 
# 
_entity_poly.entity_id                      1 
_entity_poly.type                           'polypeptide(L)' 
_entity_poly.nstd_linkage                   no 
_entity_poly.nstd_monomer                   no 
_entity_poly.pdbx_seq_one_letter_code       ERGVCACPRIYMPVCGSNLKTYNNDCLLRCEINSDLGRANNLRKIADQACDNLTDNVNDFIPQEY 
_entity_poly.pdbx_seq_one_letter_code_can   ERGVCACPRIYMPVCGSNLKTYNNDCLLRCEINSDLGRANNLRKIADQACDNLTDNVNDFIPQEY 
_entity_poly.pdbx_strand_id                 A,B 
_entity_poly.pdbx_target_identifier         ? 
# 
_pdbx_entity_nonpoly.entity_id   2 
_pdbx_entity_nonpoly.name        water 
_pdbx_entity_nonpoly.comp_id     HOH 
# 
loop_
_entity_poly_seq.entity_id 
_entity_poly_seq.num 
_entity_poly_seq.mon_id 
_entity_poly_seq.hetero 
1 1  GLU n 
1 2  ARG n 
1 3  GLY n 
1 4  VAL n 
1 5  CYS n 
1 6  ALA n 
1 7  CYS n 
1 8  PRO n 
1 9  ARG n 
1 10 ILE n 
1 11 TYR n 
1 12 MET n 
1 13 PRO n 
1 14 VAL n 
1 15 CYS n 
1 16 GLY n 
1 17 SER n 
1 18 ASN n 
1 19 LEU n 
1 20 LYS n 
1 21 THR n 
1 22 TYR n 
1 23 ASN n 
1 24 ASN n 
1 25 ASP n 
1 26 CYS n 
1 27 LEU n 
1 28 LEU n 
1 29 ARG n 
1 30 CYS n 
1 31 GLU n 
1 32 ILE n 
1 33 ASN n 
1 34 SER n 
1 35 ASP n 
1 36 LEU n 
1 37 GLY n 
1 38 ARG n 
1 39 ALA n 
1 40 ASN n 
1 41 ASN n 
1 42 LEU n 
1 43 ARG n 
1 44 LYS n 
1 45 ILE n 
1 46 ALA n 
1 47 ASP n 
1 48 GLN n 
1 49 ALA n 
1 50 CYS n 
1 51 ASP n 
1 52 ASN n 
1 53 LEU n 
1 54 THR n 
1 55 ASP n 
1 56 ASN n 
1 57 VAL n 
1 58 ASN n 
1 59 ASP n 
1 60 PHE n 
1 61 ILE n 
1 62 PRO n 
1 63 GLN n 
1 64 GLU n 
1 65 TYR n 
# 
_entity_src_gen.entity_id                          1 
_entity_src_gen.pdbx_src_id                        1 
_entity_src_gen.pdbx_alt_source_flag               sample 
_entity_src_gen.pdbx_seq_type                      'Biological sequence' 
_entity_src_gen.pdbx_beg_seq_num                   1 
_entity_src_gen.pdbx_end_seq_num                   65 
_entity_src_gen.gene_src_common_name               'Yellowfever mosquito' 
_entity_src_gen.gene_src_genus                     ? 
_entity_src_gen.pdbx_gene_src_gene                 AAEL006007 
_entity_src_gen.gene_src_species                   ? 
_entity_src_gen.gene_src_strain                    ? 
_entity_src_gen.gene_src_tissue                    ? 
_entity_src_gen.gene_src_tissue_fraction           ? 
_entity_src_gen.gene_src_details                   ? 
_entity_src_gen.pdbx_gene_src_fragment             ? 
_entity_src_gen.pdbx_gene_src_scientific_name      'Aedes aegypti' 
_entity_src_gen.pdbx_gene_src_ncbi_taxonomy_id     7159 
_entity_src_gen.pdbx_gene_src_variant              ? 
_entity_src_gen.pdbx_gene_src_cell_line            ? 
_entity_src_gen.pdbx_gene_src_atcc                 ? 
_entity_src_gen.pdbx_gene_src_organ                ? 
_entity_src_gen.pdbx_gene_src_organelle            ? 
_entity_src_gen.pdbx_gene_src_cell                 ? 
_entity_src_gen.pdbx_gene_src_cellular_location    ? 
_entity_src_gen.host_org_common_name               ? 
_entity_src_gen.pdbx_host_org_scientific_name      'Komagataella pastoris GS115' 
_entity_src_gen.pdbx_host_org_ncbi_taxonomy_id     644223 
_entity_src_gen.host_org_genus                     ? 
_entity_src_gen.pdbx_host_org_gene                 ? 
_entity_src_gen.pdbx_host_org_organ                ? 
_entity_src_gen.host_org_species                   ? 
_entity_src_gen.pdbx_host_org_tissue               ? 
_entity_src_gen.pdbx_host_org_tissue_fraction      ? 
_entity_src_gen.pdbx_host_org_strain               ? 
_entity_src_gen.pdbx_host_org_variant              ? 
_entity_src_gen.pdbx_host_org_cell_line            ? 
_entity_src_gen.pdbx_host_org_atcc                 ? 
_entity_src_gen.pdbx_host_org_culture_collection   ? 
_entity_src_gen.pdbx_host_org_cell                 ? 
_entity_src_gen.pdbx_host_org_organelle            ? 
_entity_src_gen.pdbx_host_org_cellular_location    ? 
_entity_src_gen.pdbx_host_org_vector_type          ? 
_entity_src_gen.pdbx_host_org_vector               ? 
_entity_src_gen.host_org_details                   ? 
_entity_src_gen.expression_system_id               ? 
_entity_src_gen.plasmid_name                       pPIC9 
_entity_src_gen.plasmid_details                    ? 
_entity_src_gen.pdbx_description                   ? 
# 
loop_
_chem_comp.id 
_chem_comp.type 
_chem_comp.mon_nstd_flag 
_chem_comp.name 
_chem_comp.pdbx_synonyms 
_chem_comp.formula 
_chem_comp.formula_weight 
ALA 'L-peptide linking' y ALANINE         ? 'C3 H7 N O2'     89.093  
ARG 'L-peptide linking' y ARGININE        ? 'C6 H15 N4 O2 1' 175.209 
ASN 'L-peptide linking' y ASPARAGINE      ? 'C4 H8 N2 O3'    132.118 
ASP 'L-peptide linking' y 'ASPARTIC ACID' ? 'C4 H7 N O4'     133.103 
CYS 'L-peptide linking' y CYSTEINE        ? 'C3 H7 N O2 S'   121.158 
GLN 'L-peptide linking' y GLUTAMINE       ? 'C5 H10 N2 O3'   146.144 
GLU 'L-peptide linking' y 'GLUTAMIC ACID' ? 'C5 H9 N O4'     147.129 
GLY 'peptide linking'   y GLYCINE         ? 'C2 H5 N O2'     75.067  
HOH non-polymer         . WATER           ? 'H2 O'           18.015  
ILE 'L-peptide linking' y ISOLEUCINE      ? 'C6 H13 N O2'    131.173 
LEU 'L-peptide linking' y LEUCINE         ? 'C6 H13 N O2'    131.173 
LYS 'L-peptide linking' y LYSINE          ? 'C6 H15 N2 O2 1' 147.195 
MET 'L-peptide linking' y METHIONINE      ? 'C5 H11 N O2 S'  149.211 
PHE 'L-peptide linking' y PHENYLALANINE   ? 'C9 H11 N O2'    165.189 
PRO 'L-peptide linking' y PROLINE         ? 'C5 H9 N O2'     115.130 
SER 'L-peptide linking' y SERINE          ? 'C3 H7 N O3'     105.093 
THR 'L-peptide linking' y THREONINE       ? 'C4 H9 N O3'     119.119 
TYR 'L-peptide linking' y TYROSINE        ? 'C9 H11 N O3'    181.189 
VAL 'L-peptide linking' y VALINE          ? 'C5 H11 N O2'    117.146 
# 
loop_
_pdbx_poly_seq_scheme.asym_id 
_pdbx_poly_seq_scheme.entity_id 
_pdbx_poly_seq_scheme.seq_id 
_pdbx_poly_seq_scheme.mon_id 
_pdbx_poly_seq_scheme.ndb_seq_num 
_pdbx_poly_seq_scheme.pdb_seq_num 
_pdbx_poly_seq_scheme.auth_seq_num 
_pdbx_poly_seq_scheme.pdb_mon_id 
_pdbx_poly_seq_scheme.auth_mon_id 
_pdbx_poly_seq_scheme.pdb_strand_id 
_pdbx_poly_seq_scheme.pdb_ins_code 
_pdbx_poly_seq_scheme.hetero 
A 1 1  GLU 1  1  ?  ?   ?   A . n 
A 1 2  ARG 2  2  ?  ?   ?   A . n 
A 1 3  GLY 3  3  3  GLY GLY A . n 
A 1 4  VAL 4  4  4  VAL VAL A . n 
A 1 5  CYS 5  5  5  CYS CYS A . n 
A 1 6  ALA 6  6  6  ALA ALA A . n 
A 1 7  CYS 7  7  7  CYS CYS A . n 
A 1 8  PRO 8  8  8  PRO PRO A . n 
A 1 9  ARG 9  9  9  ARG ARG A . n 
A 1 10 ILE 10 10 10 ILE ILE A . n 
A 1 11 TYR 11 11 11 TYR TYR A . n 
A 1 12 MET 12 12 12 MET MET A . n 
A 1 13 PRO 13 13 13 PRO PRO A . n 
A 1 14 VAL 14 14 14 VAL VAL A . n 
A 1 15 CYS 15 15 15 CYS CYS A . n 
A 1 16 GLY 16 16 16 GLY GLY A . n 
A 1 17 SER 17 17 17 SER SER A . n 
A 1 18 ASN 18 18 18 ASN ASN A . n 
A 1 19 LEU 19 19 19 LEU LEU A . n 
A 1 20 LYS 20 20 20 LYS LYS A . n 
A 1 21 THR 21 21 21 THR THR A . n 
A 1 22 TYR 22 22 22 TYR TYR A . n 
A 1 23 ASN 23 23 23 ASN ASN A . n 
A 1 24 ASN 24 24 24 ASN ASN A . n 
A 1 25 ASP 25 25 25 ASP ASP A . n 
A 1 26 CYS 26 26 26 CYS CYS A . n 
A 1 27 LEU 27 27 27 LEU LEU A . n 
A 1 28 LEU 28 28 28 LEU LEU A . n 
A 1 29 ARG 29 29 29 ARG ARG A . n 
A 1 30 CYS 30 30 30 CYS CYS A . n 
A 1 31 GLU 31 31 31 GLU GLU A . n 
A 1 32 ILE 32 32 32 ILE ILE A . n 
A 1 33 ASN 33 33 33 ASN ASN A . n 
A 1 34 SER 34 34 34 SER SER A . n 
A 1 35 ASP 35 35 35 ASP ASP A . n 
A 1 36 LEU 36 36 36 LEU LEU A . n 
A 1 37 GLY 37 37 37 GLY GLY A . n 
A 1 38 ARG 38 38 38 ARG ARG A . n 
A 1 39 ALA 39 39 39 ALA ALA A . n 
A 1 40 ASN 40 40 40 ASN ASN A . n 
A 1 41 ASN 41 41 41 ASN ASN A . n 
A 1 42 LEU 42 42 42 LEU LEU A . n 
A 1 43 ARG 43 43 43 ARG ARG A . n 
A 1 44 LYS 44 44 44 LYS LYS A . n 
A 1 45 ILE 45 45 45 ILE ILE A . n 
A 1 46 ALA 46 46 46 ALA ALA A . n 
A 1 47 ASP 47 47 47 ASP ASP A . n 
A 1 48 GLN 48 48 48 GLN GLN A . n 
A 1 49 ALA 49 49 49 ALA ALA A . n 
A 1 50 CYS 50 50 50 CYS CYS A . n 
A 1 51 ASP 51 51 51 ASP ASP A . n 
A 1 52 ASN 52 52 52 ASN ASN A . n 
A 1 53 LEU 53 53 53 LEU LEU A . n 
A 1 54 THR 54 54 54 THR THR A . n 
A 1 55 ASP 55 55 55 ASP ASP A . n 
A 1 56 ASN 56 56 56 ASN ASN A . n 
A 1 57 VAL 57 57 57 VAL VAL A . n 
A 1 58 ASN 58 58 58 ASN ASN A . n 
A 1 59 ASP 59 59 59 ASP ASP A . n 
A 1 60 PHE 60 60 ?  ?   ?   A . n 
A 1 61 ILE 61 61 ?  ?   ?   A . n 
A 1 62 PRO 62 62 ?  ?   ?   A . n 
A 1 63 GLN 63 63 ?  ?   ?   A . n 
A 1 64 GLU 64 64 ?  ?   ?   A . n 
A 1 65 TYR 65 65 ?  ?   ?   A . n 
B 1 1  GLU 1  1  ?  ?   ?   B . n 
B 1 2  ARG 2  2  2  ARG ARG B . n 
B 1 3  GLY 3  3  3  GLY GLY B . n 
B 1 4  VAL 4  4  4  VAL VAL B . n 
B 1 5  CYS 5  5  5  CYS CYS B . n 
B 1 6  ALA 6  6  6  ALA ALA B . n 
B 1 7  CYS 7  7  7  CYS CYS B . n 
B 1 8  PRO 8  8  8  PRO PRO B . n 
B 1 9  ARG 9  9  9  ARG ARG B . n 
B 1 10 ILE 10 10 10 ILE ILE B . n 
B 1 11 TYR 11 11 11 TYR TYR B . n 
B 1 12 MET 12 12 12 MET MET B . n 
B 1 13 PRO 13 13 13 PRO PRO B . n 
B 1 14 VAL 14 14 14 VAL VAL B . n 
B 1 15 CYS 15 15 15 CYS CYS B . n 
B 1 16 GLY 16 16 16 GLY GLY B . n 
B 1 17 SER 17 17 17 SER SER B . n 
B 1 18 ASN 18 18 18 ASN ASN B . n 
B 1 19 LEU 19 19 19 LEU LEU B . n 
B 1 20 LYS 20 20 20 LYS LYS B . n 
B 1 21 THR 21 21 21 THR THR B . n 
B 1 22 TYR 22 22 22 TYR TYR B . n 
B 1 23 ASN 23 23 23 ASN ASN B . n 
B 1 24 ASN 24 24 24 ASN ASN B . n 
B 1 25 ASP 25 25 25 ASP ASP B . n 
B 1 26 CYS 26 26 26 CYS CYS B . n 
B 1 27 LEU 27 27 27 LEU LEU B . n 
B 1 28 LEU 28 28 28 LEU LEU B . n 
B 1 29 ARG 29 29 29 ARG ARG B . n 
B 1 30 CYS 30 30 30 CYS CYS B . n 
B 1 31 GLU 31 31 31 GLU GLU B . n 
B 1 32 ILE 32 32 32 ILE ILE B . n 
B 1 33 ASN 33 33 33 ASN ASN B . n 
B 1 34 SER 34 34 34 SER SER B . n 
B 1 35 ASP 35 35 35 ASP ASP B . n 
B 1 36 LEU 36 36 36 LEU LEU B . n 
B 1 37 GLY 37 37 37 GLY GLY B . n 
B 1 38 ARG 38 38 38 ARG ARG B . n 
B 1 39 ALA 39 39 39 ALA ALA B . n 
B 1 40 ASN 40 40 40 ASN ASN B . n 
B 1 41 ASN 41 41 41 ASN ASN B . n 
B 1 42 LEU 42 42 42 LEU LEU B . n 
B 1 43 ARG 43 43 43 ARG ARG B . n 
B 1 44 LYS 44 44 44 LYS LYS B . n 
B 1 45 ILE 45 45 45 ILE ILE B . n 
B 1 46 ALA 46 46 46 ALA ALA B . n 
B 1 47 ASP 47 47 47 ASP ASP B . n 
B 1 48 GLN 48 48 48 GLN GLN B . n 
B 1 49 ALA 49 49 49 ALA ALA B . n 
B 1 50 CYS 50 50 50 CYS CYS B . n 
B 1 51 ASP 51 51 51 ASP ASP B . n 
B 1 52 ASN 52 52 52 ASN ASN B . n 
B 1 53 LEU 53 53 53 LEU LEU B . n 
B 1 54 THR 54 54 54 THR THR B . n 
B 1 55 ASP 55 55 ?  ?   ?   B . n 
B 1 56 ASN 56 56 ?  ?   ?   B . n 
B 1 57 VAL 57 57 ?  ?   ?   B . n 
B 1 58 ASN 58 58 ?  ?   ?   B . n 
B 1 59 ASP 59 59 ?  ?   ?   B . n 
B 1 60 PHE 60 60 ?  ?   ?   B . n 
B 1 61 ILE 61 61 ?  ?   ?   B . n 
B 1 62 PRO 62 62 ?  ?   ?   B . n 
B 1 63 GLN 63 63 ?  ?   ?   B . n 
B 1 64 GLU 64 64 ?  ?   ?   B . n 
B 1 65 TYR 65 65 ?  ?   ?   B . n 
# 
loop_
_pdbx_nonpoly_scheme.asym_id 
_pdbx_nonpoly_scheme.entity_id 
_pdbx_nonpoly_scheme.mon_id 
_pdbx_nonpoly_scheme.ndb_seq_num 
_pdbx_nonpoly_scheme.pdb_seq_num 
_pdbx_nonpoly_scheme.auth_seq_num 
_pdbx_nonpoly_scheme.pdb_mon_id 
_pdbx_nonpoly_scheme.auth_mon_id 
_pdbx_nonpoly_scheme.pdb_strand_id 
_pdbx_nonpoly_scheme.pdb_ins_code 
C 2 HOH 1  101 77 HOH HOH A . 
C 2 HOH 2  102 73 HOH HOH A . 
C 2 HOH 3  103 59 HOH HOH A . 
C 2 HOH 4  104 58 HOH HOH A . 
C 2 HOH 5  105 74 HOH HOH A . 
C 2 HOH 6  106 66 HOH HOH A . 
C 2 HOH 7  107 22 HOH HOH A . 
C 2 HOH 8  108 64 HOH HOH A . 
C 2 HOH 9  109 27 HOH HOH A . 
C 2 HOH 10 110 12 HOH HOH A . 
C 2 HOH 11 111 8  HOH HOH A . 
C 2 HOH 12 112 78 HOH HOH A . 
C 2 HOH 13 113 84 HOH HOH A . 
C 2 HOH 14 114 32 HOH HOH A . 
C 2 HOH 15 115 56 HOH HOH A . 
C 2 HOH 16 116 36 HOH HOH A . 
C 2 HOH 17 117 19 HOH HOH A . 
C 2 HOH 18 118 55 HOH HOH A . 
C 2 HOH 19 119 70 HOH HOH A . 
C 2 HOH 20 120 60 HOH HOH A . 
C 2 HOH 21 121 41 HOH HOH A . 
C 2 HOH 22 122 89 HOH HOH A . 
C 2 HOH 23 123 20 HOH HOH A . 
C 2 HOH 24 124 87 HOH HOH A . 
C 2 HOH 25 125 34 HOH HOH A . 
C 2 HOH 26 126 28 HOH HOH A . 
C 2 HOH 27 127 21 HOH HOH A . 
C 2 HOH 28 128 3  HOH HOH A . 
C 2 HOH 29 129 4  HOH HOH A . 
C 2 HOH 30 130 68 HOH HOH A . 
C 2 HOH 31 131 53 HOH HOH A . 
C 2 HOH 32 132 63 HOH HOH A . 
C 2 HOH 33 133 50 HOH HOH A . 
C 2 HOH 34 134 69 HOH HOH A . 
C 2 HOH 35 135 49 HOH HOH A . 
C 2 HOH 36 136 54 HOH HOH A . 
C 2 HOH 37 137 72 HOH HOH A . 
C 2 HOH 38 138 37 HOH HOH A . 
C 2 HOH 39 139 45 HOH HOH A . 
C 2 HOH 40 140 80 HOH HOH A . 
D 2 HOH 1  101 71 HOH HOH B . 
D 2 HOH 2  102 76 HOH HOH B . 
D 2 HOH 3  103 83 HOH HOH B . 
D 2 HOH 4  104 11 HOH HOH B . 
D 2 HOH 5  105 38 HOH HOH B . 
D 2 HOH 6  106 15 HOH HOH B . 
D 2 HOH 7  107 85 HOH HOH B . 
D 2 HOH 8  108 1  HOH HOH B . 
D 2 HOH 9  109 46 HOH HOH B . 
D 2 HOH 10 110 13 HOH HOH B . 
D 2 HOH 11 111 18 HOH HOH B . 
D 2 HOH 12 112 33 HOH HOH B . 
D 2 HOH 13 113 10 HOH HOH B . 
D 2 HOH 14 114 14 HOH HOH B . 
D 2 HOH 15 115 2  HOH HOH B . 
D 2 HOH 16 116 79 HOH HOH B . 
D 2 HOH 17 117 7  HOH HOH B . 
D 2 HOH 18 118 75 HOH HOH B . 
D 2 HOH 19 119 6  HOH HOH B . 
D 2 HOH 20 120 39 HOH HOH B . 
D 2 HOH 21 121 62 HOH HOH B . 
D 2 HOH 22 122 29 HOH HOH B . 
D 2 HOH 23 123 31 HOH HOH B . 
D 2 HOH 24 124 48 HOH HOH B . 
D 2 HOH 25 125 9  HOH HOH B . 
D 2 HOH 26 126 30 HOH HOH B . 
D 2 HOH 27 127 26 HOH HOH B . 
D 2 HOH 28 128 43 HOH HOH B . 
D 2 HOH 29 129 81 HOH HOH B . 
D 2 HOH 30 130 90 HOH HOH B . 
D 2 HOH 31 131 88 HOH HOH B . 
D 2 HOH 32 132 24 HOH HOH B . 
D 2 HOH 33 133 23 HOH HOH B . 
D 2 HOH 34 134 91 HOH HOH B . 
D 2 HOH 35 135 5  HOH HOH B . 
D 2 HOH 36 136 40 HOH HOH B . 
D 2 HOH 37 137 61 HOH HOH B . 
D 2 HOH 38 138 35 HOH HOH B . 
D 2 HOH 39 139 17 HOH HOH B . 
D 2 HOH 40 140 52 HOH HOH B . 
D 2 HOH 41 141 65 HOH HOH B . 
D 2 HOH 42 142 42 HOH HOH B . 
D 2 HOH 43 143 47 HOH HOH B . 
D 2 HOH 44 144 82 HOH HOH B . 
D 2 HOH 45 145 86 HOH HOH B . 
D 2 HOH 46 146 16 HOH HOH B . 
D 2 HOH 47 147 51 HOH HOH B . 
D 2 HOH 48 148 44 HOH HOH B . 
D 2 HOH 49 149 92 HOH HOH B . 
# 
loop_
_software.citation_id 
_software.classification 
_software.compiler_name 
_software.compiler_version 
_software.contact_author 
_software.contact_author_email 
_software.date 
_software.description 
_software.dependencies 
_software.hardware 
_software.language 
_software.location 
_software.mods 
_software.name 
_software.os 
_software.os_version 
_software.type 
_software.version 
_software.pdbx_ordinal 
? refinement       ? ? ? ? ? ? ? ? ? ? ? PHENIX ? ? ? '(dev_2006: ???)' 1 
? 'data reduction' ? ? ? ? ? ? ? ? ? ? ? XDS    ? ? ? .                 2 
? 'data scaling'   ? ? ? ? ? ? ? ? ? ? ? SCALA  ? ? ? .                 3 
? phasing          ? ? ? ? ? ? ? ? ? ? ? SHELX  ? ? ? .                 4 
# 
_cell.angle_alpha                  90.00 
_cell.angle_alpha_esd              ? 
_cell.angle_beta                   116.50 
_cell.angle_beta_esd               ? 
_cell.angle_gamma                  90.00 
_cell.angle_gamma_esd              ? 
_cell.entry_id                     5DAE 
_cell.details                      ? 
_cell.formula_units_Z              ? 
_cell.length_a                     26.136 
_cell.length_a_esd                 ? 
_cell.length_b                     65.167 
_cell.length_b_esd                 ? 
_cell.length_c                     27.662 
_cell.length_c_esd                 ? 
_cell.volume                       ? 
_cell.volume_esd                   ? 
_cell.Z_PDB                        4 
_cell.reciprocal_angle_alpha       ? 
_cell.reciprocal_angle_beta        ? 
_cell.reciprocal_angle_gamma       ? 
_cell.reciprocal_angle_alpha_esd   ? 
_cell.reciprocal_angle_beta_esd    ? 
_cell.reciprocal_angle_gamma_esd   ? 
_cell.reciprocal_length_a          ? 
_cell.reciprocal_length_b          ? 
_cell.reciprocal_length_c          ? 
_cell.reciprocal_length_a_esd      ? 
_cell.reciprocal_length_b_esd      ? 
_cell.reciprocal_length_c_esd      ? 
_cell.pdbx_unique_axis             ? 
# 
_symmetry.entry_id                         5DAE 
_symmetry.cell_setting                     ? 
_symmetry.Int_Tables_number                4 
_symmetry.space_group_name_Hall            ? 
_symmetry.space_group_name_H-M             'P 1 21 1' 
_symmetry.pdbx_full_space_group_name_H-M   ? 
# 
_exptl.absorpt_coefficient_mu     ? 
_exptl.absorpt_correction_T_max   ? 
_exptl.absorpt_correction_T_min   ? 
_exptl.absorpt_correction_type    ? 
_exptl.absorpt_process_details    ? 
_exptl.entry_id                   5DAE 
_exptl.crystals_number            1 
_exptl.details                    ? 
_exptl.method                     'X-RAY DIFFRACTION' 
_exptl.method_details             ? 
# 
_exptl_crystal.colour                      ? 
_exptl_crystal.density_diffrn              ? 
_exptl_crystal.density_Matthews            1.43 
_exptl_crystal.density_method              ? 
_exptl_crystal.density_percent_sol         14.24 
_exptl_crystal.description                 ? 
_exptl_crystal.F_000                       ? 
_exptl_crystal.id                          1 
_exptl_crystal.preparation                 ? 
_exptl_crystal.size_max                    ? 
_exptl_crystal.size_mid                    ? 
_exptl_crystal.size_min                    ? 
_exptl_crystal.size_rad                    ? 
_exptl_crystal.colour_lustre               ? 
_exptl_crystal.colour_modifier             ? 
_exptl_crystal.colour_primary              ? 
_exptl_crystal.density_meas                ? 
_exptl_crystal.density_meas_esd            ? 
_exptl_crystal.density_meas_gt             ? 
_exptl_crystal.density_meas_lt             ? 
_exptl_crystal.density_meas_temp           ? 
_exptl_crystal.density_meas_temp_esd       ? 
_exptl_crystal.density_meas_temp_gt        ? 
_exptl_crystal.density_meas_temp_lt        ? 
_exptl_crystal.pdbx_crystal_image_url      ? 
_exptl_crystal.pdbx_crystal_image_format   ? 
_exptl_crystal.pdbx_mosaicity              ? 
_exptl_crystal.pdbx_mosaicity_esd          ? 
# 
_exptl_crystal_grow.apparatus       ? 
_exptl_crystal_grow.atmosphere      ? 
_exptl_crystal_grow.crystal_id      1 
_exptl_crystal_grow.details         ? 
_exptl_crystal_grow.method          'VAPOR DIFFUSION, SITTING DROP' 
_exptl_crystal_grow.method_ref      ? 
_exptl_crystal_grow.pH              5.5 
_exptl_crystal_grow.pressure        ? 
_exptl_crystal_grow.pressure_esd    ? 
_exptl_crystal_grow.seeding         ? 
_exptl_crystal_grow.seeding_ref     ? 
_exptl_crystal_grow.temp            291 
_exptl_crystal_grow.temp_details    ? 
_exptl_crystal_grow.temp_esd        ? 
_exptl_crystal_grow.time            ? 
_exptl_crystal_grow.pdbx_details    'sodium acetate, PEG 3350, PEG 400, Dioxane' 
_exptl_crystal_grow.pdbx_pH_range   5.5 
# 
_diffrn.ambient_environment    ? 
_diffrn.ambient_temp           100 
_diffrn.ambient_temp_details   ? 
_diffrn.ambient_temp_esd       ? 
_diffrn.crystal_id             1 
_diffrn.crystal_support        ? 
_diffrn.crystal_treatment      ? 
_diffrn.details                ? 
_diffrn.id                     1 
_diffrn.ambient_pressure       ? 
_diffrn.ambient_pressure_esd   ? 
_diffrn.ambient_pressure_gt    ? 
_diffrn.ambient_pressure_lt    ? 
_diffrn.ambient_temp_gt        ? 
_diffrn.ambient_temp_lt        ? 
# 
_diffrn_detector.details                      ? 
_diffrn_detector.detector                     CCD 
_diffrn_detector.diffrn_id                    1 
_diffrn_detector.type                         'MARMOSAIC 225 mm CCD' 
_diffrn_detector.area_resol_mean              ? 
_diffrn_detector.dtime                        ? 
_diffrn_detector.pdbx_frames_total            ? 
_diffrn_detector.pdbx_collection_time_total   ? 
_diffrn_detector.pdbx_collection_date         2010-06-14 
# 
_diffrn_radiation.collimation                      ? 
_diffrn_radiation.diffrn_id                        1 
_diffrn_radiation.filter_edge                      ? 
_diffrn_radiation.inhomogeneity                    ? 
_diffrn_radiation.monochromator                    ? 
_diffrn_radiation.polarisn_norm                    ? 
_diffrn_radiation.polarisn_ratio                   ? 
_diffrn_radiation.probe                            ? 
_diffrn_radiation.type                             ? 
_diffrn_radiation.xray_symbol                      ? 
_diffrn_radiation.wavelength_id                    1 
_diffrn_radiation.pdbx_monochromatic_or_laue_m_l   M 
_diffrn_radiation.pdbx_wavelength_list             ? 
_diffrn_radiation.pdbx_wavelength                  ? 
_diffrn_radiation.pdbx_diffrn_protocol             'SINGLE WAVELENGTH' 
_diffrn_radiation.pdbx_analyzer                    ? 
_diffrn_radiation.pdbx_scattering_type             x-ray 
# 
_diffrn_radiation_wavelength.id           1 
_diffrn_radiation_wavelength.wavelength   1.000 
_diffrn_radiation_wavelength.wt           1.0 
# 
_diffrn_source.current                     ? 
_diffrn_source.details                     ? 
_diffrn_source.diffrn_id                   1 
_diffrn_source.power                       ? 
_diffrn_source.size                        ? 
_diffrn_source.source                      SYNCHROTRON 
_diffrn_source.target                      ? 
_diffrn_source.type                        'LNLS BEAMLINE W01B-MX2' 
_diffrn_source.voltage                     ? 
_diffrn_source.take-off_angle              ? 
_diffrn_source.pdbx_wavelength_list        1.000 
_diffrn_source.pdbx_wavelength             ? 
_diffrn_source.pdbx_synchrotron_beamline   W01B-MX2 
_diffrn_source.pdbx_synchrotron_site       LNLS 
# 
_reflns.B_iso_Wilson_estimate            ? 
_reflns.entry_id                         5DAE 
_reflns.data_reduction_details           ? 
_reflns.data_reduction_method            ? 
_reflns.d_resolution_high                1.4 
_reflns.d_resolution_low                 65.2 
_reflns.details                          ? 
_reflns.limit_h_max                      ? 
_reflns.limit_h_min                      ? 
_reflns.limit_k_max                      ? 
_reflns.limit_k_min                      ? 
_reflns.limit_l_max                      ? 
_reflns.limit_l_min                      ? 
_reflns.number_all                       ? 
_reflns.number_obs                       16291 
_reflns.observed_criterion               ? 
_reflns.observed_criterion_F_max         ? 
_reflns.observed_criterion_F_min         ? 
_reflns.observed_criterion_I_max         ? 
_reflns.observed_criterion_I_min         ? 
_reflns.observed_criterion_sigma_F       ? 
_reflns.observed_criterion_sigma_I       ? 
_reflns.percent_possible_obs             99.5 
_reflns.R_free_details                   ? 
_reflns.Rmerge_F_all                     ? 
_reflns.Rmerge_F_obs                     ? 
_reflns.Friedel_coverage                 ? 
_reflns.number_gt                        ? 
_reflns.threshold_expression             ? 
_reflns.pdbx_redundancy                  4.6 
_reflns.pdbx_Rmerge_I_obs                0.07 
_reflns.pdbx_Rmerge_I_all                ? 
_reflns.pdbx_Rsym_value                  ? 
_reflns.pdbx_netI_over_av_sigmaI         ? 
_reflns.pdbx_netI_over_sigmaI            11.0 
_reflns.pdbx_res_netI_over_av_sigmaI_2   ? 
_reflns.pdbx_res_netI_over_sigmaI_2      ? 
_reflns.pdbx_chi_squared                 ? 
_reflns.pdbx_scaling_rejects             ? 
_reflns.pdbx_d_res_high_opt              ? 
_reflns.pdbx_d_res_low_opt               ? 
_reflns.pdbx_d_res_opt_method            ? 
_reflns.phase_calculation_details        ? 
_reflns.pdbx_Rrim_I_all                  ? 
_reflns.pdbx_Rpim_I_all                  ? 
_reflns.pdbx_d_opt                       ? 
_reflns.pdbx_number_measured_all         ? 
_reflns.pdbx_diffrn_id                   1 
_reflns.pdbx_ordinal                     1 
_reflns.pdbx_CC_half                     ? 
_reflns.pdbx_R_split                     ? 
# 
_reflns_shell.d_res_high                  1.40 
_reflns_shell.d_res_low                   1.48 
_reflns_shell.meanI_over_sigI_all         ? 
_reflns_shell.meanI_over_sigI_obs         1.2 
_reflns_shell.number_measured_all         ? 
_reflns_shell.number_measured_obs         ? 
_reflns_shell.number_possible             ? 
_reflns_shell.number_unique_all           ? 
_reflns_shell.number_unique_obs           ? 
_reflns_shell.percent_possible_all        98.8 
_reflns_shell.percent_possible_obs        ? 
_reflns_shell.Rmerge_F_all                ? 
_reflns_shell.Rmerge_F_obs                ? 
_reflns_shell.Rmerge_I_all                ? 
_reflns_shell.Rmerge_I_obs                1.398 
_reflns_shell.meanI_over_sigI_gt          ? 
_reflns_shell.meanI_over_uI_all           ? 
_reflns_shell.meanI_over_uI_gt            ? 
_reflns_shell.number_measured_gt          ? 
_reflns_shell.number_unique_gt            ? 
_reflns_shell.percent_possible_gt         ? 
_reflns_shell.Rmerge_F_gt                 ? 
_reflns_shell.Rmerge_I_gt                 ? 
_reflns_shell.pdbx_redundancy             4.5 
_reflns_shell.pdbx_Rsym_value             ? 
_reflns_shell.pdbx_chi_squared            ? 
_reflns_shell.pdbx_netI_over_sigmaI_all   ? 
_reflns_shell.pdbx_netI_over_sigmaI_obs   ? 
_reflns_shell.pdbx_Rrim_I_all             ? 
_reflns_shell.pdbx_Rpim_I_all             ? 
_reflns_shell.pdbx_rejects                ? 
_reflns_shell.pdbx_ordinal                1 
_reflns_shell.pdbx_diffrn_id              1 
_reflns_shell.pdbx_CC_half                ? 
_reflns_shell.pdbx_R_split                ? 
# 
_refine.aniso_B[1][1]                            ? 
_refine.aniso_B[1][2]                            ? 
_refine.aniso_B[1][3]                            ? 
_refine.aniso_B[2][2]                            ? 
_refine.aniso_B[2][3]                            ? 
_refine.aniso_B[3][3]                            ? 
_refine.B_iso_max                                ? 
_refine.B_iso_mean                               ? 
_refine.B_iso_min                                ? 
_refine.correlation_coeff_Fo_to_Fc               ? 
_refine.correlation_coeff_Fo_to_Fc_free          ? 
_refine.details                                  ? 
_refine.diff_density_max                         ? 
_refine.diff_density_max_esd                     ? 
_refine.diff_density_min                         ? 
_refine.diff_density_min_esd                     ? 
_refine.diff_density_rms                         ? 
_refine.diff_density_rms_esd                     ? 
_refine.entry_id                                 5DAE 
_refine.pdbx_refine_id                           'X-RAY DIFFRACTION' 
_refine.ls_abs_structure_details                 ? 
_refine.ls_abs_structure_Flack                   ? 
_refine.ls_abs_structure_Flack_esd               ? 
_refine.ls_abs_structure_Rogers                  ? 
_refine.ls_abs_structure_Rogers_esd              ? 
_refine.ls_d_res_high                            1.400 
_refine.ls_d_res_low                             32.584 
_refine.ls_extinction_coef                       ? 
_refine.ls_extinction_coef_esd                   ? 
_refine.ls_extinction_expression                 ? 
_refine.ls_extinction_method                     ? 
_refine.ls_goodness_of_fit_all                   ? 
_refine.ls_goodness_of_fit_all_esd               ? 
_refine.ls_goodness_of_fit_obs                   ? 
_refine.ls_goodness_of_fit_obs_esd               ? 
_refine.ls_hydrogen_treatment                    ? 
_refine.ls_matrix_type                           ? 
_refine.ls_number_constraints                    ? 
_refine.ls_number_parameters                     ? 
_refine.ls_number_reflns_all                     ? 
_refine.ls_number_reflns_obs                     16260 
_refine.ls_number_reflns_R_free                  840 
_refine.ls_number_reflns_R_work                  ? 
_refine.ls_number_restraints                     ? 
_refine.ls_percent_reflns_obs                    99.32 
_refine.ls_percent_reflns_R_free                 5.17 
_refine.ls_R_factor_all                          ? 
_refine.ls_R_factor_obs                          0.1827 
_refine.ls_R_factor_R_free                       0.2304 
_refine.ls_R_factor_R_free_error                 ? 
_refine.ls_R_factor_R_free_error_details         ? 
_refine.ls_R_factor_R_work                       0.1802 
_refine.ls_R_Fsqd_factor_obs                     ? 
_refine.ls_R_I_factor_obs                        ? 
_refine.ls_redundancy_reflns_all                 ? 
_refine.ls_redundancy_reflns_obs                 ? 
_refine.ls_restrained_S_all                      ? 
_refine.ls_restrained_S_obs                      ? 
_refine.ls_shift_over_esd_max                    ? 
_refine.ls_shift_over_esd_mean                   ? 
_refine.ls_structure_factor_coef                 ? 
_refine.ls_weighting_details                     ? 
_refine.ls_weighting_scheme                      ? 
_refine.ls_wR_factor_all                         ? 
_refine.ls_wR_factor_obs                         ? 
_refine.ls_wR_factor_R_free                      ? 
_refine.ls_wR_factor_R_work                      ? 
_refine.occupancy_max                            ? 
_refine.occupancy_min                            ? 
_refine.solvent_model_details                    'FLAT BULK SOLVENT MODEL' 
_refine.solvent_model_param_bsol                 ? 
_refine.solvent_model_param_ksol                 ? 
_refine.ls_R_factor_gt                           ? 
_refine.ls_goodness_of_fit_gt                    ? 
_refine.ls_goodness_of_fit_ref                   ? 
_refine.ls_shift_over_su_max                     ? 
_refine.ls_shift_over_su_max_lt                  ? 
_refine.ls_shift_over_su_mean                    ? 
_refine.ls_shift_over_su_mean_lt                 ? 
_refine.pdbx_ls_sigma_I                          ? 
_refine.pdbx_ls_sigma_F                          1.35 
_refine.pdbx_ls_sigma_Fsqd                       ? 
_refine.pdbx_data_cutoff_high_absF               ? 
_refine.pdbx_data_cutoff_high_rms_absF           ? 
_refine.pdbx_data_cutoff_low_absF                ? 
_refine.pdbx_isotropic_thermal_model             ? 
_refine.pdbx_ls_cross_valid_method               'FREE R-VALUE' 
_refine.pdbx_method_to_determine_struct          SAD 
_refine.pdbx_starting_model                      ? 
_refine.pdbx_stereochemistry_target_values       ML 
_refine.pdbx_R_Free_selection_details            'Random selection' 
_refine.pdbx_stereochem_target_val_spec_case     ? 
_refine.pdbx_overall_ESU_R                       ? 
_refine.pdbx_overall_ESU_R_Free                  ? 
_refine.pdbx_solvent_vdw_probe_radii             1.11 
_refine.pdbx_solvent_ion_probe_radii             ? 
_refine.pdbx_solvent_shrinkage_radii             0.90 
_refine.pdbx_real_space_R                        ? 
_refine.pdbx_density_correlation                 ? 
_refine.pdbx_pd_number_of_powder_patterns        ? 
_refine.pdbx_pd_number_of_points                 ? 
_refine.pdbx_pd_meas_number_of_points            ? 
_refine.pdbx_pd_proc_ls_prof_R_factor            ? 
_refine.pdbx_pd_proc_ls_prof_wR_factor           ? 
_refine.pdbx_pd_Marquardt_correlation_coeff      ? 
_refine.pdbx_pd_Fsqrd_R_factor                   ? 
_refine.pdbx_pd_ls_matrix_band_width             ? 
_refine.pdbx_overall_phase_error                 28.71 
_refine.pdbx_overall_SU_R_free_Cruickshank_DPI   ? 
_refine.pdbx_overall_SU_R_free_Blow_DPI          ? 
_refine.pdbx_overall_SU_R_Blow_DPI               ? 
_refine.pdbx_TLS_residual_ADP_flag               ? 
_refine.pdbx_diffrn_id                           1 
_refine.overall_SU_B                             ? 
_refine.overall_SU_ML                            0.20 
_refine.overall_SU_R_Cruickshank_DPI             ? 
_refine.overall_SU_R_free                        ? 
_refine.overall_FOM_free_R_set                   ? 
_refine.overall_FOM_work_R_set                   ? 
_refine.pdbx_average_fsc_overall                 ? 
_refine.pdbx_average_fsc_work                    ? 
_refine.pdbx_average_fsc_free                    ? 
# 
_refine_hist.pdbx_refine_id                   'X-RAY DIFFRACTION' 
_refine_hist.cycle_id                         LAST 
_refine_hist.pdbx_number_atoms_protein        838 
_refine_hist.pdbx_number_atoms_nucleic_acid   0 
_refine_hist.pdbx_number_atoms_ligand         0 
_refine_hist.number_atoms_solvent             89 
_refine_hist.number_atoms_total               927 
_refine_hist.d_res_high                       1.400 
_refine_hist.d_res_low                        32.584 
# 
loop_
_refine_ls_restr.pdbx_refine_id 
_refine_ls_restr.criterion 
_refine_ls_restr.dev_ideal 
_refine_ls_restr.dev_ideal_target 
_refine_ls_restr.number 
_refine_ls_restr.rejects 
_refine_ls_restr.type 
_refine_ls_restr.weight 
_refine_ls_restr.pdbx_restraint_function 
'X-RAY DIFFRACTION' ? 0.011  ? 850  ? f_bond_d           ? ? 
'X-RAY DIFFRACTION' ? 1.405  ? 1152 ? f_angle_d          ? ? 
'X-RAY DIFFRACTION' ? 13.107 ? 342  ? f_dihedral_angle_d ? ? 
'X-RAY DIFFRACTION' ? 0.091  ? 131  ? f_chiral_restr     ? ? 
'X-RAY DIFFRACTION' ? 0.007  ? 155  ? f_plane_restr      ? ? 
# 
loop_
_refine_ls_shell.pdbx_refine_id 
_refine_ls_shell.d_res_high 
_refine_ls_shell.d_res_low 
_refine_ls_shell.number_reflns_all 
_refine_ls_shell.number_reflns_obs 
_refine_ls_shell.number_reflns_R_free 
_refine_ls_shell.number_reflns_R_work 
_refine_ls_shell.percent_reflns_obs 
_refine_ls_shell.percent_reflns_R_free 
_refine_ls_shell.R_factor_all 
_refine_ls_shell.R_factor_obs 
_refine_ls_shell.R_factor_R_free 
_refine_ls_shell.R_factor_R_free_error 
_refine_ls_shell.R_factor_R_work 
_refine_ls_shell.redundancy_reflns_all 
_refine_ls_shell.redundancy_reflns_obs 
_refine_ls_shell.wR_factor_all 
_refine_ls_shell.wR_factor_obs 
_refine_ls_shell.wR_factor_R_free 
_refine_ls_shell.wR_factor_R_work 
_refine_ls_shell.pdbx_total_number_of_bins_used 
_refine_ls_shell.pdbx_phase_error 
_refine_ls_shell.pdbx_fsc_work 
_refine_ls_shell.pdbx_fsc_free 
'X-RAY DIFFRACTION' 1.4000 1.4877  . . 142 2549 99.00  . . . 0.3628 . 0.3202 . . . . . . . . . . 
'X-RAY DIFFRACTION' 1.4877 1.6026  . . 113 2572 99.00  . . . 0.2742 . 0.2509 . . . . . . . . . . 
'X-RAY DIFFRACTION' 1.6026 1.7638  . . 138 2574 100.00 . . . 0.2487 . 0.2230 . . . . . . . . . . 
'X-RAY DIFFRACTION' 1.7638 2.0191  . . 173 2537 100.00 . . . 0.2000 . 0.1836 . . . . . . . . . . 
'X-RAY DIFFRACTION' 2.0191 2.5436  . . 160 2572 100.00 . . . 0.2257 . 0.1880 . . . . . . . . . . 
'X-RAY DIFFRACTION' 2.5436 32.5923 . . 114 2616 99.00  . . . 0.2206 . 0.1497 . . . . . . . . . . 
# 
_struct.entry_id                     5DAE 
_struct.title                        'Kazal type inhibitor from salivary glands of Aedes aegypti mosquito' 
_struct.pdbx_model_details           ? 
_struct.pdbx_formula_weight          ? 
_struct.pdbx_formula_weight_method   ? 
_struct.pdbx_model_type_details      ? 
_struct.pdbx_CASP_flag               ? 
# 
_struct_keywords.entry_id        5DAE 
_struct_keywords.text            'inhibitor, Kazal, trypsin, anticoagulant, PROTEIN BINDING' 
_struct_keywords.pdbx_keywords   'PROTEIN BINDING' 
# 
loop_
_struct_asym.id 
_struct_asym.pdbx_blank_PDB_chainid_flag 
_struct_asym.pdbx_modified 
_struct_asym.entity_id 
_struct_asym.details 
A N N 1 ? 
B N N 1 ? 
C N N 2 ? 
D N N 2 ? 
# 
_struct_ref.id                         1 
_struct_ref.db_name                    UNP 
_struct_ref.db_code                    Q1HRB8_AEDAE 
_struct_ref.pdbx_db_accession          Q1HRB8 
_struct_ref.pdbx_db_isoform            ? 
_struct_ref.entity_id                  1 
_struct_ref.pdbx_seq_one_letter_code   ERGVCACPRIYMPVCGSNLKTYNNDCLLRCEINSDLGRANNLRKIADQACDNLTDNVNDFIPQEY 
_struct_ref.pdbx_align_begin           27 
# 
loop_
_struct_ref_seq.align_id 
_struct_ref_seq.ref_id 
_struct_ref_seq.pdbx_PDB_id_code 
_struct_ref_seq.pdbx_strand_id 
_struct_ref_seq.seq_align_beg 
_struct_ref_seq.pdbx_seq_align_beg_ins_code 
_struct_ref_seq.seq_align_end 
_struct_ref_seq.pdbx_seq_align_end_ins_code 
_struct_ref_seq.pdbx_db_accession 
_struct_ref_seq.db_align_beg 
_struct_ref_seq.pdbx_db_align_beg_ins_code 
_struct_ref_seq.db_align_end 
_struct_ref_seq.pdbx_db_align_end_ins_code 
_struct_ref_seq.pdbx_auth_seq_align_beg 
_struct_ref_seq.pdbx_auth_seq_align_end 
1 1 5DAE A 1 ? 65 ? Q1HRB8 27 ? 91 ? 1 65 
2 1 5DAE B 1 ? 65 ? Q1HRB8 27 ? 91 ? 1 65 
# 
loop_
_pdbx_struct_assembly.id 
_pdbx_struct_assembly.details 
_pdbx_struct_assembly.method_details 
_pdbx_struct_assembly.oligomeric_details 
_pdbx_struct_assembly.oligomeric_count 
1 author_and_software_defined_assembly PISA monomeric 1 
2 author_and_software_defined_assembly PISA monomeric 1 
# 
loop_
_pdbx_struct_assembly_gen.assembly_id 
_pdbx_struct_assembly_gen.oper_expression 
_pdbx_struct_assembly_gen.asym_id_list 
1 1 A,C 
2 1 B,D 
# 
_pdbx_struct_oper_list.id                   1 
_pdbx_struct_oper_list.type                 'identity operation' 
_pdbx_struct_oper_list.name                 1_555 
_pdbx_struct_oper_list.symmetry_operation   x,y,z 
_pdbx_struct_oper_list.matrix[1][1]         1.0000000000 
_pdbx_struct_oper_list.matrix[1][2]         0.0000000000 
_pdbx_struct_oper_list.matrix[1][3]         0.0000000000 
_pdbx_struct_oper_list.vector[1]            0.0000000000 
_pdbx_struct_oper_list.matrix[2][1]         0.0000000000 
_pdbx_struct_oper_list.matrix[2][2]         1.0000000000 
_pdbx_struct_oper_list.matrix[2][3]         0.0000000000 
_pdbx_struct_oper_list.vector[2]            0.0000000000 
_pdbx_struct_oper_list.matrix[3][1]         0.0000000000 
_pdbx_struct_oper_list.matrix[3][2]         0.0000000000 
_pdbx_struct_oper_list.matrix[3][3]         1.0000000000 
_pdbx_struct_oper_list.vector[3]            0.0000000000 
# 
loop_
_struct_conf.conf_type_id 
_struct_conf.id 
_struct_conf.pdbx_PDB_helix_id 
_struct_conf.beg_label_comp_id 
_struct_conf.beg_label_asym_id 
_struct_conf.beg_label_seq_id 
_struct_conf.pdbx_beg_PDB_ins_code 
_struct_conf.end_label_comp_id 
_struct_conf.end_label_asym_id 
_struct_conf.end_label_seq_id 
_struct_conf.pdbx_end_PDB_ins_code 
_struct_conf.beg_auth_comp_id 
_struct_conf.beg_auth_asym_id 
_struct_conf.beg_auth_seq_id 
_struct_conf.end_auth_comp_id 
_struct_conf.end_auth_asym_id 
_struct_conf.end_auth_seq_id 
_struct_conf.pdbx_PDB_helix_class 
_struct_conf.details 
_struct_conf.pdbx_PDB_helix_length 
HELX_P HELX_P1 AA1 ASN A 24 ? ASN A 33 ? ASN A 24 ASN A 33 1 ? 10 
HELX_P HELX_P2 AA2 SER A 34 ? ALA A 39 ? SER A 34 ALA A 39 1 ? 6  
HELX_P HELX_P3 AA3 ALA A 49 ? LEU A 53 ? ALA A 49 LEU A 53 5 ? 5  
HELX_P HELX_P4 AA4 ASN B 24 ? ASN B 33 ? ASN B 24 ASN B 33 1 ? 10 
HELX_P HELX_P5 AA5 SER B 34 ? ASN B 40 ? SER B 34 ASN B 40 1 ? 7  
HELX_P HELX_P6 AA6 CYS B 50 ? THR B 54 ? CYS B 50 THR B 54 5 ? 5  
# 
_struct_conf_type.id          HELX_P 
_struct_conf_type.criteria    ? 
_struct_conf_type.reference   ? 
# 
loop_
_struct_conn.id 
_struct_conn.conn_type_id 
_struct_conn.pdbx_leaving_atom_flag 
_struct_conn.pdbx_PDB_id 
_struct_conn.ptnr1_label_asym_id 
_struct_conn.ptnr1_label_comp_id 
_struct_conn.ptnr1_label_seq_id 
_struct_conn.ptnr1_label_atom_id 
_struct_conn.pdbx_ptnr1_label_alt_id 
_struct_conn.pdbx_ptnr1_PDB_ins_code 
_struct_conn.pdbx_ptnr1_standard_comp_id 
_struct_conn.ptnr1_symmetry 
_struct_conn.ptnr2_label_asym_id 
_struct_conn.ptnr2_label_comp_id 
_struct_conn.ptnr2_label_seq_id 
_struct_conn.ptnr2_label_atom_id 
_struct_conn.pdbx_ptnr2_label_alt_id 
_struct_conn.pdbx_ptnr2_PDB_ins_code 
_struct_conn.ptnr1_auth_asym_id 
_struct_conn.ptnr1_auth_comp_id 
_struct_conn.ptnr1_auth_seq_id 
_struct_conn.ptnr2_auth_asym_id 
_struct_conn.ptnr2_auth_comp_id 
_struct_conn.ptnr2_auth_seq_id 
_struct_conn.ptnr2_symmetry 
_struct_conn.pdbx_ptnr3_label_atom_id 
_struct_conn.pdbx_ptnr3_label_seq_id 
_struct_conn.pdbx_ptnr3_label_comp_id 
_struct_conn.pdbx_ptnr3_label_asym_id 
_struct_conn.pdbx_ptnr3_label_alt_id 
_struct_conn.pdbx_ptnr3_PDB_ins_code 
_struct_conn.details 
_struct_conn.pdbx_dist_value 
_struct_conn.pdbx_value_order 
_struct_conn.pdbx_role 
disulf1 disulf ? ? A CYS 5  SG ? ? ? 1_555 A CYS 30 SG ? ? A CYS 5  A CYS 30 1_555 ? ? ? ? ? ? ? 2.023 ? ? 
disulf2 disulf ? ? A CYS 7  SG ? ? ? 1_555 A CYS 26 SG ? ? A CYS 7  A CYS 26 1_555 ? ? ? ? ? ? ? 2.021 ? ? 
disulf3 disulf ? ? A CYS 15 SG ? ? ? 1_555 A CYS 50 SG ? ? A CYS 15 A CYS 50 1_555 ? ? ? ? ? ? ? 2.043 ? ? 
disulf4 disulf ? ? B CYS 5  SG ? ? ? 1_555 B CYS 30 SG ? ? B CYS 5  B CYS 30 1_555 ? ? ? ? ? ? ? 2.031 ? ? 
disulf5 disulf ? ? B CYS 7  SG ? ? ? 1_555 B CYS 26 SG ? ? B CYS 7  B CYS 26 1_555 ? ? ? ? ? ? ? 2.004 ? ? 
disulf6 disulf ? ? B CYS 15 SG ? ? ? 1_555 B CYS 50 SG ? ? B CYS 15 B CYS 50 1_555 ? ? ? ? ? ? ? 2.022 ? ? 
# 
_struct_conn_type.id          disulf 
_struct_conn_type.criteria    ? 
_struct_conn_type.reference   ? 
# 
loop_
_pdbx_modification_feature.ordinal 
_pdbx_modification_feature.label_comp_id 
_pdbx_modification_feature.label_asym_id 
_pdbx_modification_feature.label_seq_id 
_pdbx_modification_feature.label_alt_id 
_pdbx_modification_feature.modified_residue_label_comp_id 
_pdbx_modification_feature.modified_residue_label_asym_id 
_pdbx_modification_feature.modified_residue_label_seq_id 
_pdbx_modification_feature.modified_residue_label_alt_id 
_pdbx_modification_feature.auth_comp_id 
_pdbx_modification_feature.auth_asym_id 
_pdbx_modification_feature.auth_seq_id 
_pdbx_modification_feature.PDB_ins_code 
_pdbx_modification_feature.symmetry 
_pdbx_modification_feature.modified_residue_auth_comp_id 
_pdbx_modification_feature.modified_residue_auth_asym_id 
_pdbx_modification_feature.modified_residue_auth_seq_id 
_pdbx_modification_feature.modified_residue_PDB_ins_code 
_pdbx_modification_feature.modified_residue_symmetry 
_pdbx_modification_feature.comp_id_linking_atom 
_pdbx_modification_feature.modified_residue_id_linking_atom 
_pdbx_modification_feature.modified_residue_id 
_pdbx_modification_feature.ref_pcm_id 
_pdbx_modification_feature.ref_comp_id 
_pdbx_modification_feature.type 
_pdbx_modification_feature.category 
1 CYS A 5  ? CYS A 30 ? CYS A 5  ? 1_555 CYS A 30 ? 1_555 SG SG . . . None 'Disulfide bridge' 
2 CYS A 7  ? CYS A 26 ? CYS A 7  ? 1_555 CYS A 26 ? 1_555 SG SG . . . None 'Disulfide bridge' 
3 CYS A 15 ? CYS A 50 ? CYS A 15 ? 1_555 CYS A 50 ? 1_555 SG SG . . . None 'Disulfide bridge' 
4 CYS B 5  ? CYS B 30 ? CYS B 5  ? 1_555 CYS B 30 ? 1_555 SG SG . . . None 'Disulfide bridge' 
5 CYS B 7  ? CYS B 26 ? CYS B 7  ? 1_555 CYS B 26 ? 1_555 SG SG . . . None 'Disulfide bridge' 
6 CYS B 15 ? CYS B 50 ? CYS B 15 ? 1_555 CYS B 50 ? 1_555 SG SG . . . None 'Disulfide bridge' 
# 
loop_
_struct_sheet.id 
_struct_sheet.type 
_struct_sheet.number_strands 
_struct_sheet.details 
AA1 ? 3 ? 
AA2 ? 3 ? 
# 
loop_
_struct_sheet_order.sheet_id 
_struct_sheet_order.range_id_1 
_struct_sheet_order.range_id_2 
_struct_sheet_order.offset 
_struct_sheet_order.sense 
AA1 1 2 ? anti-parallel 
AA1 2 3 ? anti-parallel 
AA2 1 2 ? anti-parallel 
AA2 2 3 ? anti-parallel 
# 
loop_
_struct_sheet_range.sheet_id 
_struct_sheet_range.id 
_struct_sheet_range.beg_label_comp_id 
_struct_sheet_range.beg_label_asym_id 
_struct_sheet_range.beg_label_seq_id 
_struct_sheet_range.pdbx_beg_PDB_ins_code 
_struct_sheet_range.end_label_comp_id 
_struct_sheet_range.end_label_asym_id 
_struct_sheet_range.end_label_seq_id 
_struct_sheet_range.pdbx_end_PDB_ins_code 
_struct_sheet_range.beg_auth_comp_id 
_struct_sheet_range.beg_auth_asym_id 
_struct_sheet_range.beg_auth_seq_id 
_struct_sheet_range.end_auth_comp_id 
_struct_sheet_range.end_auth_asym_id 
_struct_sheet_range.end_auth_seq_id 
AA1 1 THR A 21 ? TYR A 22 ? THR A 21 TYR A 22 
AA1 2 VAL A 14 ? GLY A 16 ? VAL A 14 GLY A 16 
AA1 3 LYS A 44 ? ALA A 46 ? LYS A 44 ALA A 46 
AA2 1 THR B 21 ? TYR B 22 ? THR B 21 TYR B 22 
AA2 2 VAL B 14 ? GLY B 16 ? VAL B 14 GLY B 16 
AA2 3 LYS B 44 ? ALA B 46 ? LYS B 44 ALA B 46 
# 
loop_
_pdbx_struct_sheet_hbond.sheet_id 
_pdbx_struct_sheet_hbond.range_id_1 
_pdbx_struct_sheet_hbond.range_id_2 
_pdbx_struct_sheet_hbond.range_1_label_atom_id 
_pdbx_struct_sheet_hbond.range_1_label_comp_id 
_pdbx_struct_sheet_hbond.range_1_label_asym_id 
_pdbx_struct_sheet_hbond.range_1_label_seq_id 
_pdbx_struct_sheet_hbond.range_1_PDB_ins_code 
_pdbx_struct_sheet_hbond.range_1_auth_atom_id 
_pdbx_struct_sheet_hbond.range_1_auth_comp_id 
_pdbx_struct_sheet_hbond.range_1_auth_asym_id 
_pdbx_struct_sheet_hbond.range_1_auth_seq_id 
_pdbx_struct_sheet_hbond.range_2_label_atom_id 
_pdbx_struct_sheet_hbond.range_2_label_comp_id 
_pdbx_struct_sheet_hbond.range_2_label_asym_id 
_pdbx_struct_sheet_hbond.range_2_label_seq_id 
_pdbx_struct_sheet_hbond.range_2_PDB_ins_code 
_pdbx_struct_sheet_hbond.range_2_auth_atom_id 
_pdbx_struct_sheet_hbond.range_2_auth_comp_id 
_pdbx_struct_sheet_hbond.range_2_auth_asym_id 
_pdbx_struct_sheet_hbond.range_2_auth_seq_id 
AA1 1 2 O TYR A 22 ? O TYR A 22 N VAL A 14 ? N VAL A 14 
AA1 2 3 N CYS A 15 ? N CYS A 15 O ILE A 45 ? O ILE A 45 
AA2 1 2 O TYR B 22 ? O TYR B 22 N VAL B 14 ? N VAL B 14 
AA2 2 3 N CYS B 15 ? N CYS B 15 O ILE B 45 ? O ILE B 45 
# 
_pdbx_entry_details.entry_id                   5DAE 
_pdbx_entry_details.compound_details           ? 
_pdbx_entry_details.source_details             ? 
_pdbx_entry_details.nonpolymer_details         ? 
_pdbx_entry_details.sequence_details           ? 
_pdbx_entry_details.has_ligand_of_interest     ? 
_pdbx_entry_details.has_protein_modification   Y 
# 
_pdbx_validate_symm_contact.id                1 
_pdbx_validate_symm_contact.PDB_model_num     1 
_pdbx_validate_symm_contact.auth_atom_id_1    O 
_pdbx_validate_symm_contact.auth_asym_id_1    A 
_pdbx_validate_symm_contact.auth_comp_id_1    HOH 
_pdbx_validate_symm_contact.auth_seq_id_1     104 
_pdbx_validate_symm_contact.PDB_ins_code_1    ? 
_pdbx_validate_symm_contact.label_alt_id_1    ? 
_pdbx_validate_symm_contact.site_symmetry_1   1_555 
_pdbx_validate_symm_contact.auth_atom_id_2    O 
_pdbx_validate_symm_contact.auth_asym_id_2    B 
_pdbx_validate_symm_contact.auth_comp_id_2    HOH 
_pdbx_validate_symm_contact.auth_seq_id_2     127 
_pdbx_validate_symm_contact.PDB_ins_code_2    ? 
_pdbx_validate_symm_contact.label_alt_id_2    ? 
_pdbx_validate_symm_contact.site_symmetry_2   2_656 
_pdbx_validate_symm_contact.dist              2.19 
# 
loop_
_pdbx_validate_torsion.id 
_pdbx_validate_torsion.PDB_model_num 
_pdbx_validate_torsion.auth_comp_id 
_pdbx_validate_torsion.auth_asym_id 
_pdbx_validate_torsion.auth_seq_id 
_pdbx_validate_torsion.PDB_ins_code 
_pdbx_validate_torsion.label_alt_id 
_pdbx_validate_torsion.phi 
_pdbx_validate_torsion.psi 
1 1 MET A 12 ? ? -155.93 81.37 
2 1 ASP A 47 ? ? -94.66  46.49 
3 1 ASP B 47 ? ? -95.53  46.02 
# 
loop_
_pdbx_refine_tls.id 
_pdbx_refine_tls.pdbx_refine_id 
_pdbx_refine_tls.details 
_pdbx_refine_tls.method 
_pdbx_refine_tls.origin_x 
_pdbx_refine_tls.origin_y 
_pdbx_refine_tls.origin_z 
_pdbx_refine_tls.T[1][1] 
_pdbx_refine_tls.T[1][1]_esd 
_pdbx_refine_tls.T[1][2] 
_pdbx_refine_tls.T[1][2]_esd 
_pdbx_refine_tls.T[1][3] 
_pdbx_refine_tls.T[1][3]_esd 
_pdbx_refine_tls.T[2][2] 
_pdbx_refine_tls.T[2][2]_esd 
_pdbx_refine_tls.T[2][3] 
_pdbx_refine_tls.T[2][3]_esd 
_pdbx_refine_tls.T[3][3] 
_pdbx_refine_tls.T[3][3]_esd 
_pdbx_refine_tls.L[1][1] 
_pdbx_refine_tls.L[1][1]_esd 
_pdbx_refine_tls.L[1][2] 
_pdbx_refine_tls.L[1][2]_esd 
_pdbx_refine_tls.L[1][3] 
_pdbx_refine_tls.L[1][3]_esd 
_pdbx_refine_tls.L[2][2] 
_pdbx_refine_tls.L[2][2]_esd 
_pdbx_refine_tls.L[2][3] 
_pdbx_refine_tls.L[2][3]_esd 
_pdbx_refine_tls.L[3][3] 
_pdbx_refine_tls.L[3][3]_esd 
_pdbx_refine_tls.S[1][1] 
_pdbx_refine_tls.S[1][1]_esd 
_pdbx_refine_tls.S[1][2] 
_pdbx_refine_tls.S[1][2]_esd 
_pdbx_refine_tls.S[1][3] 
_pdbx_refine_tls.S[1][3]_esd 
_pdbx_refine_tls.S[2][1] 
_pdbx_refine_tls.S[2][1]_esd 
_pdbx_refine_tls.S[2][2] 
_pdbx_refine_tls.S[2][2]_esd 
_pdbx_refine_tls.S[2][3] 
_pdbx_refine_tls.S[2][3]_esd 
_pdbx_refine_tls.S[3][1] 
_pdbx_refine_tls.S[3][1]_esd 
_pdbx_refine_tls.S[3][2] 
_pdbx_refine_tls.S[3][2]_esd 
_pdbx_refine_tls.S[3][3] 
_pdbx_refine_tls.S[3][3]_esd 
1 'X-RAY DIFFRACTION' ? refined 2.0785   9.7480   0.1068  0.1518 ? -0.0034 ? 0.0002  ? 0.1623 ? -0.0111 ? 0.1842 ? 0.8533 ? 0.2778  ? -0.0851 ? 0.3976 ? -0.1512 ? 0.3656 ? -0.0280 ? 0.0713  ? -0.2261 ? -0.0418 ? -0.0379 ? 0.1636  ? 0.0511  ? -0.1998 ? -0.0950 ? 
2 'X-RAY DIFFRACTION' ? refined -2.3454  -0.6410  7.4483  0.3514 ? -0.1155 ? -0.0452 ? 0.4820 ? 0.1972  ? 0.6947 ? 0.0300 ? -0.0279 ? -0.0601 ? 0.4516 ? 0.1007  ? 0.1296 ? -0.0744 ? -0.0089 ? -0.2938 ? 0.3159  ? -0.0212 ? 0.7382  ? 0.2654  ? -0.3782 ? -0.1508 ? 
3 'X-RAY DIFFRACTION' ? refined 9.4380   6.8861   5.5764  0.2094 ? -0.0304 ? -0.0086 ? 0.2175 ? 0.0233  ? 0.1867 ? 0.1361 ? 0.0092  ? 0.1326  ? 0.0013 ? 0.0332  ? 0.2300 ? 0.0029  ? -0.3410 ? 0.0927  ? 0.2518  ? -0.1036 ? -0.1671 ? -0.0459 ? 0.1224  ? -0.0623 ? 
4 'X-RAY DIFFRACTION' ? refined 18.8104  0.8636   -0.8371 0.2593 ? 0.0353  ? -0.0808 ? 0.2578 ? -0.0236 ? 0.3886 ? 0.1677 ? 0.1628  ? 0.4026  ? 0.1615 ? 0.3992  ? 1.4765 ? -0.1328 ? 0.1249  ? -0.2484 ? 0.2478  ? -0.1751 ? -0.4102 ? 0.6746  ? 0.1159  ? -0.4698 ? 
5 'X-RAY DIFFRACTION' ? refined -11.4291 -2.3323  10.4376 0.5728 ? 0.0928  ? -0.0444 ? 0.4670 ? -0.0924 ? 0.3331 ? 0.0061 ? -0.0143 ? -0.0045 ? 0.0384 ? 0.0012  ? 0.0088 ? -0.2553 ? -0.4270 ? 0.1171  ? -0.3695 ? 0.0610  ? 0.1258  ? -0.5497 ? 0.2779  ? 0.3102  ? 
6 'X-RAY DIFFRACTION' ? refined -0.6103  -12.0989 6.9637  0.2680 ? 0.0088  ? -0.0070 ? 0.2553 ? 0.0221  ? 0.1971 ? 0.0063 ? -0.0059 ? -0.0238 ? 0.0059 ? 0.0218  ? 0.0791 ? -0.0740 ? -0.0311 ? 0.0016  ? 0.2043  ? 0.0785  ? -0.0505 ? -0.4358 ? 0.1049  ? 0.0254  ? 
7 'X-RAY DIFFRACTION' ? refined -1.7469  -7.4348  -3.8920 0.1707 ? -0.0101 ? -0.0303 ? 0.1650 ? 0.0031  ? 0.1686 ? 0.1236 ? -0.0072 ? -0.1259 ? 0.0449 ? -0.0200 ? 0.1365 ? -0.0176 ? -0.1870 ? 0.1290  ? 0.4012  ? 0.0213  ? -0.4013 ? -0.3762 ? 0.1615  ? 0.1424  ? 
8 'X-RAY DIFFRACTION' ? refined -11.3090 -3.7042  0.0578  0.2427 ? -0.0036 ? -0.0349 ? 0.1864 ? 0.0052  ? 0.2737 ? 0.3189 ? -0.0943 ? -0.0879 ? 0.1718 ? 0.1627  ? 0.3723 ? 0.0251  ? -0.1317 ? 0.1968  ? 0.0539  ? -0.0399 ? 0.2679  ? 0.0419  ? 0.1565  ? 0.0473  ? 
9 'X-RAY DIFFRACTION' ? refined -3.2519  -8.4100  -9.5007 0.1843 ? -0.0157 ? 0.0108  ? 0.2029 ? 0.0171  ? 0.2042 ? 0.1916 ? 0.2050  ? -0.0656 ? 0.2407 ? -0.0110 ? 0.1724 ? 0.0558  ? 0.2942  ? 0.1102  ? -0.1680 ? 0.0543  ? -0.3009 ? 0.0029  ? 0.0474  ? -0.0581 ? 
# 
loop_
_pdbx_refine_tls_group.id 
_pdbx_refine_tls_group.pdbx_refine_id 
_pdbx_refine_tls_group.refine_tls_id 
_pdbx_refine_tls_group.beg_label_asym_id 
_pdbx_refine_tls_group.beg_label_seq_id 
_pdbx_refine_tls_group.beg_auth_asym_id 
_pdbx_refine_tls_group.beg_auth_seq_id 
_pdbx_refine_tls_group.end_label_asym_id 
_pdbx_refine_tls_group.end_label_seq_id 
_pdbx_refine_tls_group.end_auth_asym_id 
_pdbx_refine_tls_group.end_auth_seq_id 
_pdbx_refine_tls_group.selection 
_pdbx_refine_tls_group.selection_details 
1 'X-RAY DIFFRACTION' 1 ? ? ? ? ? ? ? ? ? 
;chain 'A' and (resid 3 through 32 )
;
2 'X-RAY DIFFRACTION' 2 ? ? ? ? ? ? ? ? ? 
;chain 'A' and (resid 33 through 40 )
;
3 'X-RAY DIFFRACTION' 3 ? ? ? ? ? ? ? ? ? 
;chain 'A' and (resid 41 through 49 )
;
4 'X-RAY DIFFRACTION' 4 ? ? ? ? ? ? ? ? ? 
;chain 'A' and (resid 50 through 59 )
;
5 'X-RAY DIFFRACTION' 5 ? ? ? ? ? ? ? ? ? 
;chain 'B' and (resid 2 through 6 )
;
6 'X-RAY DIFFRACTION' 6 ? ? ? ? ? ? ? ? ? 
;chain 'B' and (resid 7 through 11 )
;
7 'X-RAY DIFFRACTION' 7 ? ? ? ? ? ? ? ? ? 
;chain 'B' and (resid 12 through 24 )
;
8 'X-RAY DIFFRACTION' 8 ? ? ? ? ? ? ? ? ? 
;chain 'B' and (resid 25 through 39 )
;
9 'X-RAY DIFFRACTION' 9 ? ? ? ? ? ? ? ? ? 
;chain 'B' and (resid 40 through 54 )
;
# 
loop_
_pdbx_unobs_or_zero_occ_residues.id 
_pdbx_unobs_or_zero_occ_residues.PDB_model_num 
_pdbx_unobs_or_zero_occ_residues.polymer_flag 
_pdbx_unobs_or_zero_occ_residues.occupancy_flag 
_pdbx_unobs_or_zero_occ_residues.auth_asym_id 
_pdbx_unobs_or_zero_occ_residues.auth_comp_id 
_pdbx_unobs_or_zero_occ_residues.auth_seq_id 
_pdbx_unobs_or_zero_occ_residues.PDB_ins_code 
_pdbx_unobs_or_zero_occ_residues.label_asym_id 
_pdbx_unobs_or_zero_occ_residues.label_comp_id 
_pdbx_unobs_or_zero_occ_residues.label_seq_id 
1  1 Y 1 A GLU 1  ? A GLU 1  
2  1 Y 1 A ARG 2  ? A ARG 2  
3  1 Y 1 A PHE 60 ? A PHE 60 
4  1 Y 1 A ILE 61 ? A ILE 61 
5  1 Y 1 A PRO 62 ? A PRO 62 
6  1 Y 1 A GLN 63 ? A GLN 63 
7  1 Y 1 A GLU 64 ? A GLU 64 
8  1 Y 1 A TYR 65 ? A TYR 65 
9  1 Y 1 B GLU 1  ? B GLU 1  
10 1 Y 1 B ASP 55 ? B ASP 55 
11 1 Y 1 B ASN 56 ? B ASN 56 
12 1 Y 1 B VAL 57 ? B VAL 57 
13 1 Y 1 B ASN 58 ? B ASN 58 
14 1 Y 1 B ASP 59 ? B ASP 59 
15 1 Y 1 B PHE 60 ? B PHE 60 
16 1 Y 1 B ILE 61 ? B ILE 61 
17 1 Y 1 B PRO 62 ? B PRO 62 
18 1 Y 1 B GLN 63 ? B GLN 63 
19 1 Y 1 B GLU 64 ? B GLU 64 
20 1 Y 1 B TYR 65 ? B TYR 65 
# 
loop_
_chem_comp_atom.comp_id 
_chem_comp_atom.atom_id 
_chem_comp_atom.type_symbol 
_chem_comp_atom.pdbx_aromatic_flag 
_chem_comp_atom.pdbx_stereo_config 
_chem_comp_atom.pdbx_ordinal 
ALA N    N N N 1   
ALA CA   C N S 2   
ALA C    C N N 3   
ALA O    O N N 4   
ALA CB   C N N 5   
ALA OXT  O N N 6   
ALA H    H N N 7   
ALA H2   H N N 8   
ALA HA   H N N 9   
ALA HB1  H N N 10  
ALA HB2  H N N 11  
ALA HB3  H N N 12  
ALA HXT  H N N 13  
ARG N    N N N 14  
ARG CA   C N S 15  
ARG C    C N N 16  
ARG O    O N N 17  
ARG CB   C N N 18  
ARG CG   C N N 19  
ARG CD   C N N 20  
ARG NE   N N N 21  
ARG CZ   C N N 22  
ARG NH1  N N N 23  
ARG NH2  N N N 24  
ARG OXT  O N N 25  
ARG H    H N N 26  
ARG H2   H N N 27  
ARG HA   H N N 28  
ARG HB2  H N N 29  
ARG HB3  H N N 30  
ARG HG2  H N N 31  
ARG HG3  H N N 32  
ARG HD2  H N N 33  
ARG HD3  H N N 34  
ARG HE   H N N 35  
ARG HH11 H N N 36  
ARG HH12 H N N 37  
ARG HH21 H N N 38  
ARG HH22 H N N 39  
ARG HXT  H N N 40  
ASN N    N N N 41  
ASN CA   C N S 42  
ASN C    C N N 43  
ASN O    O N N 44  
ASN CB   C N N 45  
ASN CG   C N N 46  
ASN OD1  O N N 47  
ASN ND2  N N N 48  
ASN OXT  O N N 49  
ASN H    H N N 50  
ASN H2   H N N 51  
ASN HA   H N N 52  
ASN HB2  H N N 53  
ASN HB3  H N N 54  
ASN HD21 H N N 55  
ASN HD22 H N N 56  
ASN HXT  H N N 57  
ASP N    N N N 58  
ASP CA   C N S 59  
ASP C    C N N 60  
ASP O    O N N 61  
ASP CB   C N N 62  
ASP CG   C N N 63  
ASP OD1  O N N 64  
ASP OD2  O N N 65  
ASP OXT  O N N 66  
ASP H    H N N 67  
ASP H2   H N N 68  
ASP HA   H N N 69  
ASP HB2  H N N 70  
ASP HB3  H N N 71  
ASP HD2  H N N 72  
ASP HXT  H N N 73  
CYS N    N N N 74  
CYS CA   C N R 75  
CYS C    C N N 76  
CYS O    O N N 77  
CYS CB   C N N 78  
CYS SG   S N N 79  
CYS OXT  O N N 80  
CYS H    H N N 81  
CYS H2   H N N 82  
CYS HA   H N N 83  
CYS HB2  H N N 84  
CYS HB3  H N N 85  
CYS HG   H N N 86  
CYS HXT  H N N 87  
GLN N    N N N 88  
GLN CA   C N S 89  
GLN C    C N N 90  
GLN O    O N N 91  
GLN CB   C N N 92  
GLN CG   C N N 93  
GLN CD   C N N 94  
GLN OE1  O N N 95  
GLN NE2  N N N 96  
GLN OXT  O N N 97  
GLN H    H N N 98  
GLN H2   H N N 99  
GLN HA   H N N 100 
GLN HB2  H N N 101 
GLN HB3  H N N 102 
GLN HG2  H N N 103 
GLN HG3  H N N 104 
GLN HE21 H N N 105 
GLN HE22 H N N 106 
GLN HXT  H N N 107 
GLU N    N N N 108 
GLU CA   C N S 109 
GLU C    C N N 110 
GLU O    O N N 111 
GLU CB   C N N 112 
GLU CG   C N N 113 
GLU CD   C N N 114 
GLU OE1  O N N 115 
GLU OE2  O N N 116 
GLU OXT  O N N 117 
GLU H    H N N 118 
GLU H2   H N N 119 
GLU HA   H N N 120 
GLU HB2  H N N 121 
GLU HB3  H N N 122 
GLU HG2  H N N 123 
GLU HG3  H N N 124 
GLU HE2  H N N 125 
GLU HXT  H N N 126 
GLY N    N N N 127 
GLY CA   C N N 128 
GLY C    C N N 129 
GLY O    O N N 130 
GLY OXT  O N N 131 
GLY H    H N N 132 
GLY H2   H N N 133 
GLY HA2  H N N 134 
GLY HA3  H N N 135 
GLY HXT  H N N 136 
HOH O    O N N 137 
HOH H1   H N N 138 
HOH H2   H N N 139 
ILE N    N N N 140 
ILE CA   C N S 141 
ILE C    C N N 142 
ILE O    O N N 143 
ILE CB   C N S 144 
ILE CG1  C N N 145 
ILE CG2  C N N 146 
ILE CD1  C N N 147 
ILE OXT  O N N 148 
ILE H    H N N 149 
ILE H2   H N N 150 
ILE HA   H N N 151 
ILE HB   H N N 152 
ILE HG12 H N N 153 
ILE HG13 H N N 154 
ILE HG21 H N N 155 
ILE HG22 H N N 156 
ILE HG23 H N N 157 
ILE HD11 H N N 158 
ILE HD12 H N N 159 
ILE HD13 H N N 160 
ILE HXT  H N N 161 
LEU N    N N N 162 
LEU CA   C N S 163 
LEU C    C N N 164 
LEU O    O N N 165 
LEU CB   C N N 166 
LEU CG   C N N 167 
LEU CD1  C N N 168 
LEU CD2  C N N 169 
LEU OXT  O N N 170 
LEU H    H N N 171 
LEU H2   H N N 172 
LEU HA   H N N 173 
LEU HB2  H N N 174 
LEU HB3  H N N 175 
LEU HG   H N N 176 
LEU HD11 H N N 177 
LEU HD12 H N N 178 
LEU HD13 H N N 179 
LEU HD21 H N N 180 
LEU HD22 H N N 181 
LEU HD23 H N N 182 
LEU HXT  H N N 183 
LYS N    N N N 184 
LYS CA   C N S 185 
LYS C    C N N 186 
LYS O    O N N 187 
LYS CB   C N N 188 
LYS CG   C N N 189 
LYS CD   C N N 190 
LYS CE   C N N 191 
LYS NZ   N N N 192 
LYS OXT  O N N 193 
LYS H    H N N 194 
LYS H2   H N N 195 
LYS HA   H N N 196 
LYS HB2  H N N 197 
LYS HB3  H N N 198 
LYS HG2  H N N 199 
LYS HG3  H N N 200 
LYS HD2  H N N 201 
LYS HD3  H N N 202 
LYS HE2  H N N 203 
LYS HE3  H N N 204 
LYS HZ1  H N N 205 
LYS HZ2  H N N 206 
LYS HZ3  H N N 207 
LYS HXT  H N N 208 
MET N    N N N 209 
MET CA   C N S 210 
MET C    C N N 211 
MET O    O N N 212 
MET CB   C N N 213 
MET CG   C N N 214 
MET SD   S N N 215 
MET CE   C N N 216 
MET OXT  O N N 217 
MET H    H N N 218 
MET H2   H N N 219 
MET HA   H N N 220 
MET HB2  H N N 221 
MET HB3  H N N 222 
MET HG2  H N N 223 
MET HG3  H N N 224 
MET HE1  H N N 225 
MET HE2  H N N 226 
MET HE3  H N N 227 
MET HXT  H N N 228 
PHE N    N N N 229 
PHE CA   C N S 230 
PHE C    C N N 231 
PHE O    O N N 232 
PHE CB   C N N 233 
PHE CG   C Y N 234 
PHE CD1  C Y N 235 
PHE CD2  C Y N 236 
PHE CE1  C Y N 237 
PHE CE2  C Y N 238 
PHE CZ   C Y N 239 
PHE OXT  O N N 240 
PHE H    H N N 241 
PHE H2   H N N 242 
PHE HA   H N N 243 
PHE HB2  H N N 244 
PHE HB3  H N N 245 
PHE HD1  H N N 246 
PHE HD2  H N N 247 
PHE HE1  H N N 248 
PHE HE2  H N N 249 
PHE HZ   H N N 250 
PHE HXT  H N N 251 
PRO N    N N N 252 
PRO CA   C N S 253 
PRO C    C N N 254 
PRO O    O N N 255 
PRO CB   C N N 256 
PRO CG   C N N 257 
PRO CD   C N N 258 
PRO OXT  O N N 259 
PRO H    H N N 260 
PRO HA   H N N 261 
PRO HB2  H N N 262 
PRO HB3  H N N 263 
PRO HG2  H N N 264 
PRO HG3  H N N 265 
PRO HD2  H N N 266 
PRO HD3  H N N 267 
PRO HXT  H N N 268 
SER N    N N N 269 
SER CA   C N S 270 
SER C    C N N 271 
SER O    O N N 272 
SER CB   C N N 273 
SER OG   O N N 274 
SER OXT  O N N 275 
SER H    H N N 276 
SER H2   H N N 277 
SER HA   H N N 278 
SER HB2  H N N 279 
SER HB3  H N N 280 
SER HG   H N N 281 
SER HXT  H N N 282 
THR N    N N N 283 
THR CA   C N S 284 
THR C    C N N 285 
THR O    O N N 286 
THR CB   C N R 287 
THR OG1  O N N 288 
THR CG2  C N N 289 
THR OXT  O N N 290 
THR H    H N N 291 
THR H2   H N N 292 
THR HA   H N N 293 
THR HB   H N N 294 
THR HG1  H N N 295 
THR HG21 H N N 296 
THR HG22 H N N 297 
THR HG23 H N N 298 
THR HXT  H N N 299 
TYR N    N N N 300 
TYR CA   C N S 301 
TYR C    C N N 302 
TYR O    O N N 303 
TYR CB   C N N 304 
TYR CG   C Y N 305 
TYR CD1  C Y N 306 
TYR CD2  C Y N 307 
TYR CE1  C Y N 308 
TYR CE2  C Y N 309 
TYR CZ   C Y N 310 
TYR OH   O N N 311 
TYR OXT  O N N 312 
TYR H    H N N 313 
TYR H2   H N N 314 
TYR HA   H N N 315 
TYR HB2  H N N 316 
TYR HB3  H N N 317 
TYR HD1  H N N 318 
TYR HD2  H N N 319 
TYR HE1  H N N 320 
TYR HE2  H N N 321 
TYR HH   H N N 322 
TYR HXT  H N N 323 
VAL N    N N N 324 
VAL CA   C N S 325 
VAL C    C N N 326 
VAL O    O N N 327 
VAL CB   C N N 328 
VAL CG1  C N N 329 
VAL CG2  C N N 330 
VAL OXT  O N N 331 
VAL H    H N N 332 
VAL H2   H N N 333 
VAL HA   H N N 334 
VAL HB   H N N 335 
VAL HG11 H N N 336 
VAL HG12 H N N 337 
VAL HG13 H N N 338 
VAL HG21 H N N 339 
VAL HG22 H N N 340 
VAL HG23 H N N 341 
VAL HXT  H N N 342 
# 
loop_
_chem_comp_bond.comp_id 
_chem_comp_bond.atom_id_1 
_chem_comp_bond.atom_id_2 
_chem_comp_bond.value_order 
_chem_comp_bond.pdbx_aromatic_flag 
_chem_comp_bond.pdbx_stereo_config 
_chem_comp_bond.pdbx_ordinal 
ALA N   CA   sing N N 1   
ALA N   H    sing N N 2   
ALA N   H2   sing N N 3   
ALA CA  C    sing N N 4   
ALA CA  CB   sing N N 5   
ALA CA  HA   sing N N 6   
ALA C   O    doub N N 7   
ALA C   OXT  sing N N 8   
ALA CB  HB1  sing N N 9   
ALA CB  HB2  sing N N 10  
ALA CB  HB3  sing N N 11  
ALA OXT HXT  sing N N 12  
ARG N   CA   sing N N 13  
ARG N   H    sing N N 14  
ARG N   H2   sing N N 15  
ARG CA  C    sing N N 16  
ARG CA  CB   sing N N 17  
ARG CA  HA   sing N N 18  
ARG C   O    doub N N 19  
ARG C   OXT  sing N N 20  
ARG CB  CG   sing N N 21  
ARG CB  HB2  sing N N 22  
ARG CB  HB3  sing N N 23  
ARG CG  CD   sing N N 24  
ARG CG  HG2  sing N N 25  
ARG CG  HG3  sing N N 26  
ARG CD  NE   sing N N 27  
ARG CD  HD2  sing N N 28  
ARG CD  HD3  sing N N 29  
ARG NE  CZ   sing N N 30  
ARG NE  HE   sing N N 31  
ARG CZ  NH1  sing N N 32  
ARG CZ  NH2  doub N N 33  
ARG NH1 HH11 sing N N 34  
ARG NH1 HH12 sing N N 35  
ARG NH2 HH21 sing N N 36  
ARG NH2 HH22 sing N N 37  
ARG OXT HXT  sing N N 38  
ASN N   CA   sing N N 39  
ASN N   H    sing N N 40  
ASN N   H2   sing N N 41  
ASN CA  C    sing N N 42  
ASN CA  CB   sing N N 43  
ASN CA  HA   sing N N 44  
ASN C   O    doub N N 45  
ASN C   OXT  sing N N 46  
ASN CB  CG   sing N N 47  
ASN CB  HB2  sing N N 48  
ASN CB  HB3  sing N N 49  
ASN CG  OD1  doub N N 50  
ASN CG  ND2  sing N N 51  
ASN ND2 HD21 sing N N 52  
ASN ND2 HD22 sing N N 53  
ASN OXT HXT  sing N N 54  
ASP N   CA   sing N N 55  
ASP N   H    sing N N 56  
ASP N   H2   sing N N 57  
ASP CA  C    sing N N 58  
ASP CA  CB   sing N N 59  
ASP CA  HA   sing N N 60  
ASP C   O    doub N N 61  
ASP C   OXT  sing N N 62  
ASP CB  CG   sing N N 63  
ASP CB  HB2  sing N N 64  
ASP CB  HB3  sing N N 65  
ASP CG  OD1  doub N N 66  
ASP CG  OD2  sing N N 67  
ASP OD2 HD2  sing N N 68  
ASP OXT HXT  sing N N 69  
CYS N   CA   sing N N 70  
CYS N   H    sing N N 71  
CYS N   H2   sing N N 72  
CYS CA  C    sing N N 73  
CYS CA  CB   sing N N 74  
CYS CA  HA   sing N N 75  
CYS C   O    doub N N 76  
CYS C   OXT  sing N N 77  
CYS CB  SG   sing N N 78  
CYS CB  HB2  sing N N 79  
CYS CB  HB3  sing N N 80  
CYS SG  HG   sing N N 81  
CYS OXT HXT  sing N N 82  
GLN N   CA   sing N N 83  
GLN N   H    sing N N 84  
GLN N   H2   sing N N 85  
GLN CA  C    sing N N 86  
GLN CA  CB   sing N N 87  
GLN CA  HA   sing N N 88  
GLN C   O    doub N N 89  
GLN C   OXT  sing N N 90  
GLN CB  CG   sing N N 91  
GLN CB  HB2  sing N N 92  
GLN CB  HB3  sing N N 93  
GLN CG  CD   sing N N 94  
GLN CG  HG2  sing N N 95  
GLN CG  HG3  sing N N 96  
GLN CD  OE1  doub N N 97  
GLN CD  NE2  sing N N 98  
GLN NE2 HE21 sing N N 99  
GLN NE2 HE22 sing N N 100 
GLN OXT HXT  sing N N 101 
GLU N   CA   sing N N 102 
GLU N   H    sing N N 103 
GLU N   H2   sing N N 104 
GLU CA  C    sing N N 105 
GLU CA  CB   sing N N 106 
GLU CA  HA   sing N N 107 
GLU C   O    doub N N 108 
GLU C   OXT  sing N N 109 
GLU CB  CG   sing N N 110 
GLU CB  HB2  sing N N 111 
GLU CB  HB3  sing N N 112 
GLU CG  CD   sing N N 113 
GLU CG  HG2  sing N N 114 
GLU CG  HG3  sing N N 115 
GLU CD  OE1  doub N N 116 
GLU CD  OE2  sing N N 117 
GLU OE2 HE2  sing N N 118 
GLU OXT HXT  sing N N 119 
GLY N   CA   sing N N 120 
GLY N   H    sing N N 121 
GLY N   H2   sing N N 122 
GLY CA  C    sing N N 123 
GLY CA  HA2  sing N N 124 
GLY CA  HA3  sing N N 125 
GLY C   O    doub N N 126 
GLY C   OXT  sing N N 127 
GLY OXT HXT  sing N N 128 
HOH O   H1   sing N N 129 
HOH O   H2   sing N N 130 
ILE N   CA   sing N N 131 
ILE N   H    sing N N 132 
ILE N   H2   sing N N 133 
ILE CA  C    sing N N 134 
ILE CA  CB   sing N N 135 
ILE CA  HA   sing N N 136 
ILE C   O    doub N N 137 
ILE C   OXT  sing N N 138 
ILE CB  CG1  sing N N 139 
ILE CB  CG2  sing N N 140 
ILE CB  HB   sing N N 141 
ILE CG1 CD1  sing N N 142 
ILE CG1 HG12 sing N N 143 
ILE CG1 HG13 sing N N 144 
ILE CG2 HG21 sing N N 145 
ILE CG2 HG22 sing N N 146 
ILE CG2 HG23 sing N N 147 
ILE CD1 HD11 sing N N 148 
ILE CD1 HD12 sing N N 149 
ILE CD1 HD13 sing N N 150 
ILE OXT HXT  sing N N 151 
LEU N   CA   sing N N 152 
LEU N   H    sing N N 153 
LEU N   H2   sing N N 154 
LEU CA  C    sing N N 155 
LEU CA  CB   sing N N 156 
LEU CA  HA   sing N N 157 
LEU C   O    doub N N 158 
LEU C   OXT  sing N N 159 
LEU CB  CG   sing N N 160 
LEU CB  HB2  sing N N 161 
LEU CB  HB3  sing N N 162 
LEU CG  CD1  sing N N 163 
LEU CG  CD2  sing N N 164 
LEU CG  HG   sing N N 165 
LEU CD1 HD11 sing N N 166 
LEU CD1 HD12 sing N N 167 
LEU CD1 HD13 sing N N 168 
LEU CD2 HD21 sing N N 169 
LEU CD2 HD22 sing N N 170 
LEU CD2 HD23 sing N N 171 
LEU OXT HXT  sing N N 172 
LYS N   CA   sing N N 173 
LYS N   H    sing N N 174 
LYS N   H2   sing N N 175 
LYS CA  C    sing N N 176 
LYS CA  CB   sing N N 177 
LYS CA  HA   sing N N 178 
LYS C   O    doub N N 179 
LYS C   OXT  sing N N 180 
LYS CB  CG   sing N N 181 
LYS CB  HB2  sing N N 182 
LYS CB  HB3  sing N N 183 
LYS CG  CD   sing N N 184 
LYS CG  HG2  sing N N 185 
LYS CG  HG3  sing N N 186 
LYS CD  CE   sing N N 187 
LYS CD  HD2  sing N N 188 
LYS CD  HD3  sing N N 189 
LYS CE  NZ   sing N N 190 
LYS CE  HE2  sing N N 191 
LYS CE  HE3  sing N N 192 
LYS NZ  HZ1  sing N N 193 
LYS NZ  HZ2  sing N N 194 
LYS NZ  HZ3  sing N N 195 
LYS OXT HXT  sing N N 196 
MET N   CA   sing N N 197 
MET N   H    sing N N 198 
MET N   H2   sing N N 199 
MET CA  C    sing N N 200 
MET CA  CB   sing N N 201 
MET CA  HA   sing N N 202 
MET C   O    doub N N 203 
MET C   OXT  sing N N 204 
MET CB  CG   sing N N 205 
MET CB  HB2  sing N N 206 
MET CB  HB3  sing N N 207 
MET CG  SD   sing N N 208 
MET CG  HG2  sing N N 209 
MET CG  HG3  sing N N 210 
MET SD  CE   sing N N 211 
MET CE  HE1  sing N N 212 
MET CE  HE2  sing N N 213 
MET CE  HE3  sing N N 214 
MET OXT HXT  sing N N 215 
PHE N   CA   sing N N 216 
PHE N   H    sing N N 217 
PHE N   H2   sing N N 218 
PHE CA  C    sing N N 219 
PHE CA  CB   sing N N 220 
PHE CA  HA   sing N N 221 
PHE C   O    doub N N 222 
PHE C   OXT  sing N N 223 
PHE CB  CG   sing N N 224 
PHE CB  HB2  sing N N 225 
PHE CB  HB3  sing N N 226 
PHE CG  CD1  doub Y N 227 
PHE CG  CD2  sing Y N 228 
PHE CD1 CE1  sing Y N 229 
PHE CD1 HD1  sing N N 230 
PHE CD2 CE2  doub Y N 231 
PHE CD2 HD2  sing N N 232 
PHE CE1 CZ   doub Y N 233 
PHE CE1 HE1  sing N N 234 
PHE CE2 CZ   sing Y N 235 
PHE CE2 HE2  sing N N 236 
PHE CZ  HZ   sing N N 237 
PHE OXT HXT  sing N N 238 
PRO N   CA   sing N N 239 
PRO N   CD   sing N N 240 
PRO N   H    sing N N 241 
PRO CA  C    sing N N 242 
PRO CA  CB   sing N N 243 
PRO CA  HA   sing N N 244 
PRO C   O    doub N N 245 
PRO C   OXT  sing N N 246 
PRO CB  CG   sing N N 247 
PRO CB  HB2  sing N N 248 
PRO CB  HB3  sing N N 249 
PRO CG  CD   sing N N 250 
PRO CG  HG2  sing N N 251 
PRO CG  HG3  sing N N 252 
PRO CD  HD2  sing N N 253 
PRO CD  HD3  sing N N 254 
PRO OXT HXT  sing N N 255 
SER N   CA   sing N N 256 
SER N   H    sing N N 257 
SER N   H2   sing N N 258 
SER CA  C    sing N N 259 
SER CA  CB   sing N N 260 
SER CA  HA   sing N N 261 
SER C   O    doub N N 262 
SER C   OXT  sing N N 263 
SER CB  OG   sing N N 264 
SER CB  HB2  sing N N 265 
SER CB  HB3  sing N N 266 
SER OG  HG   sing N N 267 
SER OXT HXT  sing N N 268 
THR N   CA   sing N N 269 
THR N   H    sing N N 270 
THR N   H2   sing N N 271 
THR CA  C    sing N N 272 
THR CA  CB   sing N N 273 
THR CA  HA   sing N N 274 
THR C   O    doub N N 275 
THR C   OXT  sing N N 276 
THR CB  OG1  sing N N 277 
THR CB  CG2  sing N N 278 
THR CB  HB   sing N N 279 
THR OG1 HG1  sing N N 280 
THR CG2 HG21 sing N N 281 
THR CG2 HG22 sing N N 282 
THR CG2 HG23 sing N N 283 
THR OXT HXT  sing N N 284 
TYR N   CA   sing N N 285 
TYR N   H    sing N N 286 
TYR N   H2   sing N N 287 
TYR CA  C    sing N N 288 
TYR CA  CB   sing N N 289 
TYR CA  HA   sing N N 290 
TYR C   O    doub N N 291 
TYR C   OXT  sing N N 292 
TYR CB  CG   sing N N 293 
TYR CB  HB2  sing N N 294 
TYR CB  HB3  sing N N 295 
TYR CG  CD1  doub Y N 296 
TYR CG  CD2  sing Y N 297 
TYR CD1 CE1  sing Y N 298 
TYR CD1 HD1  sing N N 299 
TYR CD2 CE2  doub Y N 300 
TYR CD2 HD2  sing N N 301 
TYR CE1 CZ   doub Y N 302 
TYR CE1 HE1  sing N N 303 
TYR CE2 CZ   sing Y N 304 
TYR CE2 HE2  sing N N 305 
TYR CZ  OH   sing N N 306 
TYR OH  HH   sing N N 307 
TYR OXT HXT  sing N N 308 
VAL N   CA   sing N N 309 
VAL N   H    sing N N 310 
VAL N   H2   sing N N 311 
VAL CA  C    sing N N 312 
VAL CA  CB   sing N N 313 
VAL CA  HA   sing N N 314 
VAL C   O    doub N N 315 
VAL C   OXT  sing N N 316 
VAL CB  CG1  sing N N 317 
VAL CB  CG2  sing N N 318 
VAL CB  HB   sing N N 319 
VAL CG1 HG11 sing N N 320 
VAL CG1 HG12 sing N N 321 
VAL CG1 HG13 sing N N 322 
VAL CG2 HG21 sing N N 323 
VAL CG2 HG22 sing N N 324 
VAL CG2 HG23 sing N N 325 
VAL OXT HXT  sing N N 326 
# 
_pdbx_audit_support.funding_organization   'Sao Paulo Research Foundation (FAPESP)' 
_pdbx_audit_support.country                Brazil 
_pdbx_audit_support.grant_number           2012/03657-8 
_pdbx_audit_support.ordinal                1 
# 
_atom_sites.entry_id                    5DAE 
_atom_sites.fract_transf_matrix[1][1]   0.01376672 
_atom_sites.fract_transf_matrix[1][2]   0.01434318 
_atom_sites.fract_transf_matrix[1][3]   -0.03785003 
_atom_sites.fract_transf_matrix[2][1]   0.00359696 
_atom_sites.fract_transf_matrix[2][2]   0.01346897 
_atom_sites.fract_transf_matrix[2][3]   0.00641231 
_atom_sites.fract_transf_matrix[3][1]   0.03896343 
_atom_sites.fract_transf_matrix[3][2]   -0.00631890 
_atom_sites.fract_transf_matrix[3][3]   -0.00858362 
_atom_sites.fract_transf_vector[1]      0.615792 
_atom_sites.fract_transf_vector[2]      0.120504 
_atom_sites.fract_transf_vector[3]      0.488109 
# 
loop_
_atom_type.symbol 
C 
N 
O 
S 
# 
loop_
_atom_site.group_PDB 
_atom_site.id 
_atom_site.type_symbol 
_atom_site.label_atom_id 
_atom_site.label_alt_id 
_atom_site.label_comp_id 
_atom_site.label_asym_id 
_atom_site.label_entity_id 
_atom_site.label_seq_id 
_atom_site.pdbx_PDB_ins_code 
_atom_site.Cartn_x 
_atom_site.Cartn_y 
_atom_site.Cartn_z 
_atom_site.occupancy 
_atom_site.B_iso_or_equiv 
_atom_site.pdbx_formal_charge 
_atom_site.auth_seq_id 
_atom_site.auth_comp_id 
_atom_site.auth_asym_id 
_atom_site.auth_atom_id 
_atom_site.pdbx_PDB_model_num 
ATOM   1   N N   . GLY A 1 3  ? -11.414 4.293   5.744   1.00 51.72  ? 3   GLY A N   1 
ATOM   2   C CA  . GLY A 1 3  ? -11.988 5.614   5.511   1.00 43.85  ? 3   GLY A CA  1 
ATOM   3   C C   . GLY A 1 3  ? -11.545 6.263   4.209   1.00 41.76  ? 3   GLY A C   1 
ATOM   4   O O   . GLY A 1 3  ? -10.552 5.850   3.614   1.00 41.30  ? 3   GLY A O   1 
ATOM   5   N N   . VAL A 1 4  ? -12.276 7.265   3.733   1.00 34.39  ? 4   VAL A N   1 
ATOM   6   C CA  . VAL A 1 4  ? -11.875 7.901   2.483   1.00 42.45  ? 4   VAL A CA  1 
ATOM   7   C C   . VAL A 1 4  ? -10.843 8.972   2.769   1.00 43.22  ? 4   VAL A C   1 
ATOM   8   O O   . VAL A 1 4  ? -11.081 9.859   3.593   1.00 37.46  ? 4   VAL A O   1 
ATOM   9   C CB  . VAL A 1 4  ? -13.049 8.473   1.692   1.00 54.64  ? 4   VAL A CB  1 
ATOM   10  C CG1 . VAL A 1 4  ? -12.685 8.522   0.209   1.00 50.53  ? 4   VAL A CG1 1 
ATOM   11  C CG2 . VAL A 1 4  ? -14.308 7.657   1.931   1.00 54.58  ? 4   VAL A CG2 1 
ATOM   12  N N   . CYS A 1 5  ? -9.699  8.872   2.092   1.00 23.40  ? 5   CYS A N   1 
ATOM   13  C CA  . CYS A 1 5  ? -8.555  9.724   2.341   1.00 25.29  ? 5   CYS A CA  1 
ATOM   14  C C   . CYS A 1 5  ? -7.988  10.050  0.970   1.00 25.25  ? 5   CYS A C   1 
ATOM   15  O O   . CYS A 1 5  ? -7.574  9.150   0.245   1.00 25.20  ? 5   CYS A O   1 
ATOM   16  C CB  . CYS A 1 5  ? -7.535  8.938   3.146   1.00 25.28  ? 5   CYS A CB  1 
ATOM   17  S SG  . CYS A 1 5  ? -6.281  9.952   3.917   1.00 29.46  ? 5   CYS A SG  1 
ATOM   18  N N   . ALA A 1 6  ? -7.985  11.331  0.601   1.00 26.18  ? 6   ALA A N   1 
ATOM   19  C CA  . ALA A 1 6  ? -7.516  11.742  -0.722  1.00 23.91  ? 6   ALA A CA  1 
ATOM   20  C C   . ALA A 1 6  ? -6.741  13.056  -0.621  1.00 21.42  ? 6   ALA A C   1 
ATOM   21  O O   . ALA A 1 6  ? -6.846  13.751  0.387   1.00 28.04  ? 6   ALA A O   1 
ATOM   22  C CB  . ALA A 1 6  ? -8.666  11.856  -1.663  1.00 23.74  ? 6   ALA A CB  1 
ATOM   23  N N   . CYS A 1 7  ? -5.942  13.382  -1.636  1.00 18.79  ? 7   CYS A N   1 
ATOM   24  C CA  . CYS A 1 7  ? -4.907  14.403  -1.446  1.00 18.00  ? 7   CYS A CA  1 
ATOM   25  C C   . CYS A 1 7  ? -4.712  15.297  -2.620  1.00 22.35  ? 7   CYS A C   1 
ATOM   26  O O   . CYS A 1 7  ? -4.662  14.828  -3.753  1.00 19.92  ? 7   CYS A O   1 
ATOM   27  C CB  . CYS A 1 7  ? -3.569  13.694  -1.236  1.00 19.66  ? 7   CYS A CB  1 
ATOM   28  S SG  . CYS A 1 7  ? -3.487  12.654  0.248   1.00 17.45  ? 7   CYS A SG  1 
ATOM   29  N N   . PRO A 1 8  ? -4.518  16.598  -2.351  1.00 20.27  ? 8   PRO A N   1 
ATOM   30  C CA  . PRO A 1 8  ? -4.137  17.503  -3.435  1.00 23.03  ? 8   PRO A CA  1 
ATOM   31  C C   . PRO A 1 8  ? -2.845  17.060  -4.108  1.00 17.92  ? 8   PRO A C   1 
ATOM   32  O O   . PRO A 1 8  ? -2.027  16.329  -3.506  1.00 17.45  ? 8   PRO A O   1 
ATOM   33  C CB  . PRO A 1 8  ? -3.970  18.847  -2.706  1.00 24.06  ? 8   PRO A CB  1 
ATOM   34  C CG  . PRO A 1 8  ? -4.962  18.747  -1.555  1.00 24.48  ? 8   PRO A CG  1 
ATOM   35  C CD  . PRO A 1 8  ? -4.734  17.318  -1.084  1.00 21.85  ? 8   PRO A CD  1 
ATOM   36  N N   . ARG A 1 9  ? -2.641  17.513  -5.335  1.00 21.30  ? 9   ARG A N   1 
ATOM   37  C CA  . ARG A 1 9  ? -1.585  17.026  -6.206  1.00 22.53  ? 9   ARG A CA  1 
ATOM   38  C C   . ARG A 1 9  ? -0.258  17.764  -5.952  1.00 21.59  ? 9   ARG A C   1 
ATOM   39  O O   . ARG A 1 9  ? 0.354   18.328  -6.859  1.00 23.23  ? 9   ARG A O   1 
ATOM   40  C CB  . ARG A 1 9  ? -2.020  17.182  -7.663  1.00 27.08  ? 9   ARG A CB  1 
ATOM   41  C CG  . ARG A 1 9  ? -1.154  16.411  -8.641  1.00 37.61  ? 9   ARG A CG  1 
ATOM   42  C CD  . ARG A 1 9  ? -1.653  16.598  -10.063 1.00 43.54  ? 9   ARG A CD  1 
ATOM   43  N NE  . ARG A 1 9  ? -2.763  15.706  -10.405 1.00 32.74  ? 9   ARG A NE  1 
ATOM   44  C CZ  . ARG A 1 9  ? -4.011  16.109  -10.623 1.00 50.71  ? 9   ARG A CZ  1 
ATOM   45  N NH1 . ARG A 1 9  ? -4.932  15.218  -10.961 1.00 31.31  ? 9   ARG A NH1 1 
ATOM   46  N NH2 . ARG A 1 9  ? -4.339  17.398  -10.516 1.00 48.98  ? 9   ARG A NH2 1 
ATOM   47  N N   . ILE A 1 10 ? 0.165   17.784  -4.701  1.00 17.52  ? 10  ILE A N   1 
ATOM   48  C CA  . ILE A 1 10 ? 1.520   18.207  -4.341  1.00 20.32  ? 10  ILE A CA  1 
ATOM   49  C C   . ILE A 1 10 ? 2.521   17.157  -4.831  1.00 17.38  ? 10  ILE A C   1 
ATOM   50  O O   . ILE A 1 10 ? 2.302   15.955  -4.650  1.00 17.42  ? 10  ILE A O   1 
ATOM   51  C CB  . ILE A 1 10 ? 1.650   18.404  -2.807  1.00 19.91  ? 10  ILE A CB  1 
ATOM   52  C CG1 . ILE A 1 10 ? 0.905   19.660  -2.371  1.00 20.47  ? 10  ILE A CG1 1 
ATOM   53  C CG2 . ILE A 1 10 ? 3.104   18.450  -2.371  1.00 18.52  ? 10  ILE A CG2 1 
ATOM   54  C CD1 . ILE A 1 10 ? 0.934   19.916  -0.902  1.00 20.80  ? 10  ILE A CD1 1 
ATOM   55  N N   . TYR A 1 11 ? 3.573   17.600  -5.506  1.00 16.74  ? 11  TYR A N   1 
ATOM   56  C CA  . TYR A 1 11 ? 4.657   16.680  -5.845  1.00 18.34  ? 11  TYR A CA  1 
ATOM   57  C C   . TYR A 1 11 ? 5.831   16.939  -4.906  1.00 19.79  ? 11  TYR A C   1 
ATOM   58  O O   . TYR A 1 11 ? 6.566   17.896  -5.051  1.00 19.41  ? 11  TYR A O   1 
ATOM   59  C CB  . TYR A 1 11 ? 5.092   16.833  -7.305  1.00 20.42  ? 11  TYR A CB  1 
ATOM   60  C CG  . TYR A 1 11 ? 6.091   15.775  -7.710  1.00 20.16  ? 11  TYR A CG  1 
ATOM   61  C CD1 . TYR A 1 11 ? 5.695   14.461  -7.857  1.00 21.33  ? 11  TYR A CD1 1 
ATOM   62  C CD2 . TYR A 1 11 ? 7.427   16.096  -7.957  1.00 21.62  ? 11  TYR A CD2 1 
ATOM   63  C CE1 . TYR A 1 11 ? 6.593   13.477  -8.222  1.00 24.43  ? 11  TYR A CE1 1 
ATOM   64  C CE2 . TYR A 1 11 ? 8.337   15.122  -8.319  1.00 24.27  ? 11  TYR A CE2 1 
ATOM   65  C CZ  . TYR A 1 11 ? 7.902   13.815  -8.455  1.00 23.18  ? 11  TYR A CZ  1 
ATOM   66  O OH  . TYR A 1 11 ? 8.797   12.823  -8.821  1.00 30.80  ? 11  TYR A OH  1 
ATOM   67  N N   . MET A 1 12 ? 6.008   16.061  -3.922  1.00 15.16  ? 12  MET A N   1 
ATOM   68  C CA  . MET A 1 12 ? 7.144   16.190  -3.023  1.00 18.31  ? 12  MET A CA  1 
ATOM   69  C C   . MET A 1 12 ? 7.390   14.778  -2.466  1.00 15.05  ? 12  MET A C   1 
ATOM   70  O O   . MET A 1 12 ? 6.910   14.441  -1.399  1.00 15.33  ? 12  MET A O   1 
ATOM   71  C CB  . MET A 1 12 ? 6.868   17.214  -1.908  1.00 19.20  ? 12  MET A CB  1 
ATOM   72  C CG  . MET A 1 12 ? 8.096   17.489  -1.011  1.00 21.14  ? 12  MET A CG  1 
ATOM   73  S SD  . MET A 1 12 ? 7.825   18.703  0.269   1.00 41.27  ? 12  MET A SD  1 
ATOM   74  C CE  . MET A 1 12 ? 8.112   20.176  -0.696  1.00 44.90  ? 12  MET A CE  1 
ATOM   75  N N   . PRO A 1 13 ? 8.083   13.939  -3.239  1.00 17.80  ? 13  PRO A N   1 
ATOM   76  C CA  . PRO A 1 13 ? 8.165   12.497  -2.938  1.00 16.08  ? 13  PRO A CA  1 
ATOM   77  C C   . PRO A 1 13 ? 8.781   12.216  -1.578  1.00 17.06  ? 13  PRO A C   1 
ATOM   78  O O   . PRO A 1 13 ? 9.734   12.900  -1.143  1.00 16.89  ? 13  PRO A O   1 
ATOM   79  C CB  . PRO A 1 13 ? 9.077   11.973  -4.036  1.00 19.28  ? 13  PRO A CB  1 
ATOM   80  C CG  . PRO A 1 13 ? 8.879   12.925  -5.179  1.00 20.62  ? 13  PRO A CG  1 
ATOM   81  C CD  . PRO A 1 13 ? 8.659   14.257  -4.559  1.00 18.25  ? 13  PRO A CD  1 
ATOM   82  N N   . VAL A 1 14 ? 8.222   11.196  -0.935  1.00 13.59  ? 14  VAL A N   1 
ATOM   83  C CA  . VAL A 1 14 ? 8.690   10.704  0.363   1.00 12.79  ? 14  VAL A CA  1 
ATOM   84  C C   . VAL A 1 14 ? 8.778   9.196   0.303   1.00 12.79  ? 14  VAL A C   1 
ATOM   85  O O   . VAL A 1 14 ? 8.270   8.570   -0.606  1.00 14.34  ? 14  VAL A O   1 
ATOM   86  C CB  . VAL A 1 14 ? 7.789   11.170  1.485   1.00 12.76  ? 14  VAL A CB  1 
ATOM   87  C CG1 . VAL A 1 14 ? 7.863   12.696  1.618   1.00 15.24  ? 14  VAL A CG1 1 
ATOM   88  C CG2 . VAL A 1 14 ? 6.319   10.676  1.292   1.00 15.61  ? 14  VAL A CG2 1 
ATOM   89  N N   . CYS A 1 15 ? 9.459   8.612   1.287   1.00 13.96  ? 15  CYS A N   1 
ATOM   90  C CA  . CYS A 1 15 ? 9.651   7.168   1.287   1.00 15.06  ? 15  CYS A CA  1 
ATOM   91  C C   . CYS A 1 15 ? 9.060   6.490   2.532   1.00 13.61  ? 15  CYS A C   1 
ATOM   92  O O   . CYS A 1 15 ? 9.356   6.888   3.662   1.00 15.36  ? 15  CYS A O   1 
ATOM   93  C CB  . CYS A 1 15 ? 11.170  6.892   1.223   1.00 16.72  ? 15  CYS A CB  1 
ATOM   94  S SG  . CYS A 1 15 ? 11.624  5.148   1.048   1.00 16.87  ? 15  CYS A SG  1 
ATOM   95  N N   . GLY A 1 16 ? 8.206   5.495   2.314   1.00 16.07  ? 16  GLY A N   1 
ATOM   96  C CA  . GLY A 1 16 ? 7.661   4.702   3.405   1.00 16.16  ? 16  GLY A CA  1 
ATOM   97  C C   . GLY A 1 16 ? 8.592   3.551   3.773   1.00 21.77  ? 16  GLY A C   1 
ATOM   98  O O   . GLY A 1 16 ? 9.486   3.195   3.020   1.00 18.50  ? 16  GLY A O   1 
ATOM   99  N N   . SER A 1 17 ? 8.301   2.921   4.898   1.00 16.92  ? 17  SER A N   1 
ATOM   100 C CA  . SER A 1 17 ? 9.079   1.808   5.436   1.00 18.01  ? 17  SER A CA  1 
ATOM   101 C C   . SER A 1 17 ? 8.856   0.529   4.640   1.00 24.91  ? 17  SER A C   1 
ATOM   102 O O   . SER A 1 17 ? 9.511   -0.475  4.882   1.00 24.61  ? 17  SER A O   1 
ATOM   103 C CB  . SER A 1 17 ? 8.749   1.634   6.914   1.00 19.57  ? 17  SER A CB  1 
ATOM   104 O OG  . SER A 1 17 ? 7.388   1.341   7.143   1.00 23.23  ? 17  SER A OG  1 
ATOM   105 N N   . ASN A 1 18 ? 7.950   0.569   3.681   1.00 21.45  ? 18  ASN A N   1 
ATOM   106 C CA  . ASN A 1 18 ? 7.733   -0.521  2.738   1.00 23.02  ? 18  ASN A CA  1 
ATOM   107 C C   . ASN A 1 18 ? 8.597   -0.331  1.494   1.00 23.89  ? 18  ASN A C   1 
ATOM   108 O O   . ASN A 1 18 ? 8.443   -1.042  0.502   1.00 27.14  ? 18  ASN A O   1 
ATOM   109 C CB  . ASN A 1 18 ? 6.253   -0.587  2.361   1.00 23.79  ? 18  ASN A CB  1 
ATOM   110 C CG  . ASN A 1 18 ? 5.690   0.754   1.884   1.00 22.30  ? 18  ASN A CG  1 
ATOM   111 O OD1 . ASN A 1 18 ? 6.355   1.784   1.863   1.00 22.79  ? 18  ASN A OD1 1 
ATOM   112 N ND2 . ASN A 1 18 ? 4.437   0.726   1.480   1.00 21.94  ? 18  ASN A ND2 1 
ATOM   113 N N   . LEU A 1 19 ? 9.476   0.665   1.546   1.00 19.55  ? 19  LEU A N   1 
ATOM   114 C CA  . LEU A 1 19 ? 10.314  1.048   0.414   1.00 19.74  ? 19  LEU A CA  1 
ATOM   115 C C   . LEU A 1 19 ? 9.518   1.448   -0.812  1.00 24.83  ? 19  LEU A C   1 
ATOM   116 O O   . LEU A 1 19 ? 9.984   1.288   -1.921  1.00 23.57  ? 19  LEU A O   1 
ATOM   117 C CB  . LEU A 1 19 ? 11.317  -0.063  0.040   1.00 20.95  ? 19  LEU A CB  1 
ATOM   118 C CG  . LEU A 1 19 ? 12.461  -0.153  1.022   1.00 28.86  ? 19  LEU A CG  1 
ATOM   119 C CD1 . LEU A 1 19 ? 13.379  -1.300  0.564   1.00 30.98  ? 19  LEU A CD1 1 
ATOM   120 C CD2 . LEU A 1 19 ? 13.192  1.175   1.074   1.00 28.33  ? 19  LEU A CD2 1 
ATOM   121 N N   . LYS A 1 20 ? 8.331   2.008   -0.602  1.00 19.70  ? 20  LYS A N   1 
ATOM   122 C CA  . LYS A 1 20 ? 7.549   2.573   -1.697  1.00 20.88  ? 20  LYS A CA  1 
ATOM   123 C C   . LYS A 1 20 ? 7.617   4.074   -1.606  1.00 16.96  ? 20  LYS A C   1 
ATOM   124 O O   . LYS A 1 20 ? 7.578   4.630   -0.522  1.00 19.56  ? 20  LYS A O   1 
ATOM   125 C CB  . LYS A 1 20 ? 6.106   2.091   -1.633  1.00 22.00  ? 20  LYS A CB  1 
ATOM   126 C CG  . LYS A 1 20 ? 6.049   0.584   -1.507  1.00 25.89  ? 20  LYS A CG  1 
ATOM   127 C CD  . LYS A 1 20 ? 4.745   0.023   -2.033  1.00 32.91  ? 20  LYS A CD  1 
ATOM   128 C CE  . LYS A 1 20 ? 4.856   -1.506  -2.068  1.00 48.85  ? 20  LYS A CE  1 
ATOM   129 N NZ  . LYS A 1 20 ? 6.144   -1.960  -2.672  1.00 55.04  ? 20  LYS A NZ  1 
ATOM   130 N N   . THR A 1 21 ? 7.791   4.717   -2.754  1.00 18.51  ? 21  THR A N   1 
ATOM   131 C CA  . THR A 1 21 ? 7.774   6.166   -2.852  1.00 18.79  ? 21  THR A CA  1 
ATOM   132 C C   . THR A 1 21 ? 6.370   6.665   -3.028  1.00 20.51  ? 21  THR A C   1 
ATOM   133 O O   . THR A 1 21 ? 5.657   6.170   -3.891  1.00 20.35  ? 21  THR A O   1 
ATOM   134 C CB  . THR A 1 21 ? 8.593   6.636   -4.058  1.00 17.88  ? 21  THR A CB  1 
ATOM   135 O OG1 . THR A 1 21 ? 9.955   6.233   -3.814  1.00 18.68  ? 21  THR A OG1 1 
ATOM   136 C CG2 . THR A 1 21 ? 8.581   8.144   -4.205  1.00 15.82  ? 21  THR A CG2 1 
ATOM   137 N N   . TYR A 1 22 ? 5.967   7.614   -2.190  1.00 15.50  ? 22  TYR A N   1 
ATOM   138 C CA  . TYR A 1 22 ? 4.674   8.278   -2.274  1.00 14.79  ? 22  TYR A CA  1 
ATOM   139 C C   . TYR A 1 22 ? 4.873   9.673   -2.826  1.00 15.19  ? 22  TYR A C   1 
ATOM   140 O O   . TYR A 1 22 ? 5.863   10.337  -2.495  1.00 15.86  ? 22  TYR A O   1 
ATOM   141 C CB  . TYR A 1 22 ? 4.010   8.295   -0.883  1.00 16.87  ? 22  TYR A CB  1 
ATOM   142 C CG  . TYR A 1 22 ? 3.664   6.905   -0.394  1.00 16.82  ? 22  TYR A CG  1 
ATOM   143 C CD1 . TYR A 1 22 ? 4.646   6.068   0.164   1.00 15.73  ? 22  TYR A CD1 1 
ATOM   144 C CD2 . TYR A 1 22 ? 2.366   6.388   -0.543  1.00 21.35  ? 22  TYR A CD2 1 
ATOM   145 C CE1 . TYR A 1 22 ? 4.344   4.781   0.578   1.00 21.83  ? 22  TYR A CE1 1 
ATOM   146 C CE2 . TYR A 1 22 ? 2.065   5.088   -0.116  1.00 22.21  ? 22  TYR A CE2 1 
ATOM   147 C CZ  . TYR A 1 22 ? 3.067   4.296   0.436   1.00 20.41  ? 22  TYR A CZ  1 
ATOM   148 O OH  . TYR A 1 22 ? 2.770   3.020   0.834   1.00 24.32  ? 22  TYR A OH  1 
ATOM   149 N N   . ASN A 1 23 ? 3.935   10.151  -3.649  1.00 15.23  ? 23  ASN A N   1 
ATOM   150 C CA  . ASN A 1 23 ? 4.160   11.428  -4.313  1.00 16.19  ? 23  ASN A CA  1 
ATOM   151 C C   . ASN A 1 23 ? 4.156   12.600  -3.338  1.00 14.57  ? 23  ASN A C   1 
ATOM   152 O O   . ASN A 1 23 ? 4.653   13.676  -3.653  1.00 14.81  ? 23  ASN A O   1 
ATOM   153 C CB  . ASN A 1 23 ? 3.110   11.650  -5.404  1.00 18.13  ? 23  ASN A CB  1 
ATOM   154 C CG  . ASN A 1 23 ? 3.324   10.757  -6.601  1.00 32.01  ? 23  ASN A CG  1 
ATOM   155 O OD1 . ASN A 1 23 ? 4.439   10.300  -6.869  1.00 35.29  ? 23  ASN A OD1 1 
ATOM   156 N ND2 . ASN A 1 23 ? 2.252   10.498  -7.331  1.00 52.99  ? 23  ASN A ND2 1 
ATOM   157 N N   . ASN A 1 24 ? 3.537   12.442  -2.174  1.00 13.71  ? 24  ASN A N   1 
ATOM   158 C CA  . ASN A 1 24 ? 3.580   13.477  -1.132  1.00 14.23  ? 24  ASN A CA  1 
ATOM   159 C C   . ASN A 1 24 ? 3.249   12.886  0.267   1.00 13.67  ? 24  ASN A C   1 
ATOM   160 O O   . ASN A 1 24 ? 2.819   11.715  0.409   1.00 14.10  ? 24  ASN A O   1 
ATOM   161 C CB  . ASN A 1 24 ? 2.615   14.622  -1.494  1.00 12.42  ? 24  ASN A CB  1 
ATOM   162 C CG  . ASN A 1 24 ? 1.199   14.119  -1.720  1.00 12.91  ? 24  ASN A CG  1 
ATOM   163 O OD1 . ASN A 1 24 ? 0.597   13.479  -0.844  1.00 14.21  ? 24  ASN A OD1 1 
ATOM   164 N ND2 . ASN A 1 24 ? 0.631   14.426  -2.913  1.00 15.67  ? 24  ASN A ND2 1 
ATOM   165 N N   . ASP A 1 25 ? 3.452   13.704  1.300   1.00 14.78  ? 25  ASP A N   1 
ATOM   166 C CA  . ASP A 1 25 ? 3.180   13.261  2.657   1.00 15.80  ? 25  ASP A CA  1 
ATOM   167 C C   . ASP A 1 25 ? 1.737   12.902  2.889   1.00 12.71  ? 25  ASP A C   1 
ATOM   168 O O   . ASP A 1 25 ? 1.446   11.999  3.667   1.00 16.72  ? 25  ASP A O   1 
ATOM   169 C CB  . ASP A 1 25 ? 3.592   14.344  3.667   1.00 14.95  ? 25  ASP A CB  1 
ATOM   170 C CG  . ASP A 1 25 ? 5.081   14.297  4.034   1.00 19.22  ? 25  ASP A CG  1 
ATOM   171 O OD1 . ASP A 1 25 ? 5.656   13.210  4.197   1.00 16.58  ? 25  ASP A OD1 1 
ATOM   172 O OD2 . ASP A 1 25 ? 5.644   15.391  4.218   1.00 27.94  ? 25  ASP A OD2 1 
ATOM   173 N N   . CYS A 1 26 ? 0.826   13.623  2.245   1.00 12.64  ? 26  CYS A N   1 
ATOM   174 C CA  . CYS A 1 26 ? -0.578  13.361  2.456   1.00 16.35  ? 26  CYS A CA  1 
ATOM   175 C C   . CYS A 1 26 ? -0.882  11.911  2.035   1.00 13.79  ? 26  CYS A C   1 
ATOM   176 O O   . CYS A 1 26 ? -1.584  11.206  2.729   1.00 15.86  ? 26  CYS A O   1 
ATOM   177 C CB  . CYS A 1 26 ? -1.441  14.384  1.676   1.00 16.95  ? 26  CYS A CB  1 
ATOM   178 S SG  . CYS A 1 26 ? -3.220  14.049  1.686   1.00 18.28  ? 26  CYS A SG  1 
ATOM   179 N N   . LEU A 1 27 ? -0.389  11.522  0.873   1.00 13.50  ? 27  LEU A N   1 
ATOM   180 C CA  . LEU A 1 27 ? -0.620  10.166  0.407   1.00 14.93  ? 27  LEU A CA  1 
ATOM   181 C C   . LEU A 1 27 ? 0.000   9.125   1.362   1.00 16.61  ? 27  LEU A C   1 
ATOM   182 O O   . LEU A 1 27 ? -0.643  8.121   1.674   1.00 16.81  ? 27  LEU A O   1 
ATOM   183 C CB  . LEU A 1 27 ? -0.072  9.982   -1.000  1.00 15.42  ? 27  LEU A CB  1 
ATOM   184 C CG  . LEU A 1 27 ? -0.961  10.658  -2.044  1.00 14.97  ? 27  LEU A CG  1 
ATOM   185 C CD1 . LEU A 1 27 ? -0.177  10.701  -3.336  1.00 16.70  ? 27  LEU A CD1 1 
ATOM   186 C CD2 . LEU A 1 27 ? -2.337  9.903   -2.202  1.00 18.17  ? 27  LEU A CD2 1 
ATOM   187 N N   . LEU A 1 28 ? 1.217   9.378   1.831   1.00 14.79  ? 28  LEU A N   1 
ATOM   188 C CA  . LEU A 1 28 ? 1.839   8.408   2.742   1.00 17.67  ? 28  LEU A CA  1 
ATOM   189 C C   . LEU A 1 28 ? 1.009   8.310   4.021   1.00 16.38  ? 28  LEU A C   1 
ATOM   190 O O   . LEU A 1 28 ? 0.746   7.217   4.517   1.00 18.96  ? 28  LEU A O   1 
ATOM   191 C CB  . LEU A 1 28 ? 3.270   8.815   3.028   1.00 17.14  ? 28  LEU A CB  1 
ATOM   192 C CG  . LEU A 1 28 ? 4.009   8.010   4.096   1.00 14.87  ? 28  LEU A CG  1 
ATOM   193 C CD1 . LEU A 1 28 ? 4.027   6.533   3.790   1.00 14.30  ? 28  LEU A CD1 1 
ATOM   194 C CD2 . LEU A 1 28 ? 5.420   8.532   4.288   1.00 18.48  ? 28  LEU A CD2 1 
ATOM   195 N N   . ARG A 1 29 ? 0.528   9.444   4.540   1.00 16.15  ? 29  ARG A N   1 
ATOM   196 C CA  . ARG A 1 29 ? -0.238  9.400   5.790   1.00 15.62  ? 29  ARG A CA  1 
ATOM   197 C C   . ARG A 1 29 ? -1.596  8.729   5.625   1.00 15.11  ? 29  ARG A C   1 
ATOM   198 O O   . ARG A 1 29 ? -2.094  8.033   6.539   1.00 21.75  ? 29  ARG A O   1 
ATOM   199 C CB  . ARG A 1 29 ? -0.396  10.800  6.344   1.00 16.52  ? 29  ARG A CB  1 
ATOM   200 C CG  . ARG A 1 29 ? 0.960   11.349  6.755   1.00 13.17  ? 29  ARG A CG  1 
ATOM   201 C CD  . ARG A 1 29 ? 0.845   12.759  7.341   1.00 19.95  ? 29  ARG A CD  1 
ATOM   202 N NE  . ARG A 1 29 ? 2.168   13.204  7.761   1.00 17.23  ? 29  ARG A NE  1 
ATOM   203 C CZ  . ARG A 1 29 ? 2.420   14.131  8.673   1.00 21.10  ? 29  ARG A CZ  1 
ATOM   204 N NH1 . ARG A 1 29 ? 1.446   14.771  9.292   1.00 21.88  ? 29  ARG A NH1 1 
ATOM   205 N NH2 . ARG A 1 29 ? 3.702   14.373  8.997   1.00 18.82  ? 29  ARG A NH2 1 
ATOM   206 N N   . CYS A 1 30 ? -2.211  8.902   4.464   1.00 18.95  ? 30  CYS A N   1 
ATOM   207 C CA  . CYS A 1 30 ? -3.420  8.138   4.163   1.00 20.76  ? 30  CYS A CA  1 
ATOM   208 C C   . CYS A 1 30 ? -3.140  6.642   4.278   1.00 19.58  ? 30  CYS A C   1 
ATOM   209 O O   . CYS A 1 30 ? -3.916  5.912   4.876   1.00 24.27  ? 30  CYS A O   1 
ATOM   210 C CB  . CYS A 1 30 ? -3.908  8.458   2.755   1.00 18.31  ? 30  CYS A CB  1 
ATOM   211 S SG  . CYS A 1 30 ? -4.800  10.006  2.540   1.00 23.22  ? 30  CYS A SG  1 
ATOM   212 N N   . GLU A 1 31 ? -2.022  6.208   3.713   1.00 21.60  ? 31  GLU A N   1 
ATOM   213 C CA  . GLU A 1 31 ? -1.693  4.789   3.744   1.00 19.40  ? 31  GLU A CA  1 
ATOM   214 C C   . GLU A 1 31 ? -1.210  4.293   5.107   1.00 25.35  ? 31  GLU A C   1 
ATOM   215 O O   . GLU A 1 31 ? -1.446  3.133   5.461   1.00 24.41  ? 31  GLU A O   1 
ATOM   216 C CB  . GLU A 1 31 ? -0.710  4.434   2.659   1.00 21.14  ? 31  GLU A CB  1 
ATOM   217 C CG  . GLU A 1 31 ? -0.476  2.948   2.637   1.00 28.96  ? 31  GLU A CG  1 
ATOM   218 C CD  . GLU A 1 31 ? -0.473  2.394   1.278   1.00 35.91  ? 31  GLU A CD  1 
ATOM   219 O OE1 . GLU A 1 31 ? -1.560  2.415   0.672   1.00 30.16  ? 31  GLU A OE1 1 
ATOM   220 O OE2 . GLU A 1 31 ? 0.600   1.936   0.819   1.00 43.78  ? 31  GLU A OE2 1 
ATOM   221 N N   . ILE A 1 32 ? -0.566  5.166   5.875   1.00 22.74  ? 32  ILE A N   1 
ATOM   222 C CA  . ILE A 1 32 ? -0.155  4.819   7.243   1.00 21.76  ? 32  ILE A CA  1 
ATOM   223 C C   . ILE A 1 32 ? -1.395  4.409   8.024   1.00 23.96  ? 32  ILE A C   1 
ATOM   224 O O   . ILE A 1 32 ? -1.398  3.427   8.780   1.00 26.06  ? 32  ILE A O   1 
ATOM   225 C CB  . ILE A 1 32 ? 0.641   5.965   7.887   1.00 19.39  ? 32  ILE A CB  1 
ATOM   226 C CG1 . ILE A 1 32 ? 2.081   5.989   7.330   1.00 21.39  ? 32  ILE A CG1 1 
ATOM   227 C CG2 . ILE A 1 32 ? 0.672   5.837   9.399   1.00 24.74  ? 32  ILE A CG2 1 
ATOM   228 C CD1 . ILE A 1 32 ? 2.876   7.179   7.770   1.00 20.04  ? 32  ILE A CD1 1 
ATOM   229 N N   . ASN A 1 33 ? -2.499  5.102   7.784   1.00 37.56  ? 33  ASN A N   1 
ATOM   230 C CA  . ASN A 1 33 ? -3.715  4.774   8.497   1.00 39.19  ? 33  ASN A CA  1 
ATOM   231 C C   . ASN A 1 33 ? -4.573  3.710   7.826   1.00 40.42  ? 33  ASN A C   1 
ATOM   232 O O   . ASN A 1 33 ? -5.564  3.308   8.382   1.00 41.82  ? 33  ASN A O   1 
ATOM   233 C CB  . ASN A 1 33 ? -4.520  6.035   8.771   1.00 39.47  ? 33  ASN A CB  1 
ATOM   234 C CG  . ASN A 1 33 ? -3.866  6.914   9.805   1.00 42.66  ? 33  ASN A CG  1 
ATOM   235 O OD1 . ASN A 1 33 ? -3.151  6.428   10.682  1.00 56.81  ? 33  ASN A OD1 1 
ATOM   236 N ND2 . ASN A 1 33 ? -4.089  8.217   9.707   1.00 55.78  ? 33  ASN A ND2 1 
ATOM   237 N N   . SER A 1 34 ? -4.194  3.233   6.647   1.00 39.92  ? 34  SER A N   1 
ATOM   238 C CA  . SER A 1 34 ? -5.023  2.229   5.986   1.00 41.11  ? 34  SER A CA  1 
ATOM   239 C C   . SER A 1 34 ? -4.782  0.852   6.569   1.00 41.72  ? 34  SER A C   1 
ATOM   240 O O   . SER A 1 34 ? -3.852  0.633   7.347   1.00 41.09  ? 34  SER A O   1 
ATOM   241 C CB  . SER A 1 34 ? -4.792  2.187   4.478   1.00 40.48  ? 34  SER A CB  1 
ATOM   242 O OG  . SER A 1 34 ? -3.567  1.551   4.158   1.00 39.43  ? 34  SER A OG  1 
ATOM   243 N N   . ASP A 1 35 ? -5.630  -0.084  6.174   1.00 55.21  ? 35  ASP A N   1 
ATOM   244 C CA  . ASP A 1 35 ? -5.509  -1.454  6.625   1.00 43.68  ? 35  ASP A CA  1 
ATOM   245 C C   . ASP A 1 35 ? -4.213  -2.043  6.115   1.00 44.47  ? 35  ASP A C   1 
ATOM   246 O O   . ASP A 1 35 ? -3.535  -2.770  6.832   1.00 42.36  ? 35  ASP A O   1 
ATOM   247 C CB  . ASP A 1 35 ? -6.681  -2.266  6.095   1.00 45.20  ? 35  ASP A CB  1 
ATOM   248 C CG  . ASP A 1 35 ? -7.999  -1.804  6.657   1.00 52.69  ? 35  ASP A CG  1 
ATOM   249 O OD1 . ASP A 1 35 ? -8.007  -1.386  7.833   1.00 46.67  ? 35  ASP A OD1 1 
ATOM   250 O OD2 . ASP A 1 35 ? -9.020  -1.883  5.933   1.00 47.48  ? 35  ASP A OD2 1 
ATOM   251 N N   . LEU A 1 36 ? -3.871  -1.723  4.870   1.00 41.61  ? 36  LEU A N   1 
ATOM   252 C CA  . LEU A 1 36 ? -2.662  -2.250  4.274   1.00 40.45  ? 36  LEU A CA  1 
ATOM   253 C C   . LEU A 1 36 ? -1.485  -1.671  5.062   1.00 39.17  ? 36  LEU A C   1 
ATOM   254 O O   . LEU A 1 36 ? -0.470  -2.352  5.310   1.00 39.94  ? 36  LEU A O   1 
ATOM   255 C CB  . LEU A 1 36 ? -2.610  -1.897  2.785   1.00 44.67  ? 36  LEU A CB  1 
ATOM   256 C CG  . LEU A 1 36 ? -1.281  -2.109  2.051   1.00 74.81  ? 36  LEU A CG  1 
ATOM   257 C CD1 . LEU A 1 36 ? -1.503  -2.515  0.609   1.00 71.25  ? 36  LEU A CD1 1 
ATOM   258 C CD2 . LEU A 1 36 ? -0.428  -0.846  2.093   1.00 84.92  ? 36  LEU A CD2 1 
ATOM   259 N N   . GLY A 1 37 ? -1.634  -0.420  5.496   1.00 39.72  ? 37  GLY A N   1 
ATOM   260 C CA  . GLY A 1 37 ? -0.585  0.273   6.231   1.00 43.98  ? 37  GLY A CA  1 
ATOM   261 C C   . GLY A 1 37 ? -0.303  -0.238  7.634   1.00 42.94  ? 37  GLY A C   1 
ATOM   262 O O   . GLY A 1 37 ? 0.854   -0.510  7.997   1.00 39.77  ? 37  GLY A O   1 
ATOM   263 N N   . ARG A 1 38 ? -1.353  -0.350  8.437   1.00 44.47  ? 38  ARG A N   1 
ATOM   264 C CA  . ARG A 1 38 ? -1.240  -0.924  9.775   1.00 39.95  ? 38  ARG A CA  1 
ATOM   265 C C   . ARG A 1 38 ? -0.687  -2.344  9.726   1.00 40.11  ? 38  ARG A C   1 
ATOM   266 O O   . ARG A 1 38 ? 0.143   -2.706  10.534  1.00 39.73  ? 38  ARG A O   1 
ATOM   267 C CB  . ARG A 1 38 ? -2.590  -0.911  10.486  1.00 56.60  ? 38  ARG A CB  1 
ATOM   268 C CG  . ARG A 1 38 ? -3.272  0.446   10.456  1.00 60.04  ? 38  ARG A CG  1 
ATOM   269 C CD  . ARG A 1 38 ? -4.703  0.387   10.990  1.00 62.54  ? 38  ARG A CD  1 
ATOM   270 N NE  . ARG A 1 38 ? -4.751  0.147   12.430  1.00 57.50  ? 38  ARG A NE  1 
ATOM   271 C CZ  . ARG A 1 38 ? -5.042  -1.022  12.982  1.00 54.69  ? 38  ARG A CZ  1 
ATOM   272 N NH1 . ARG A 1 38 ? -5.061  -1.149  14.300  1.00 63.86  ? 38  ARG A NH1 1 
ATOM   273 N NH2 . ARG A 1 38 ? -5.311  -2.063  12.213  1.00 62.06  ? 38  ARG A NH2 1 
ATOM   274 N N   . ALA A 1 39 ? -1.125  -3.136  8.757   1.00 40.66  ? 39  ALA A N   1 
ATOM   275 C CA  . ALA A 1 39 ? -0.654  -4.518  8.631   1.00 40.87  ? 39  ALA A CA  1 
ATOM   276 C C   . ALA A 1 39 ? 0.825   -4.639  8.278   1.00 39.34  ? 39  ALA A C   1 
ATOM   277 O O   . ALA A 1 39 ? 1.408   -5.720  8.354   1.00 39.35  ? 39  ALA A O   1 
ATOM   278 C CB  . ALA A 1 39 ? -1.495  -5.271  7.617   1.00 45.21  ? 39  ALA A CB  1 
ATOM   279 N N   . ASN A 1 40 ? 1.443   -3.529  7.901   1.00 38.03  ? 40  ASN A N   1 
ATOM   280 C CA  . ASN A 1 40 ? 2.860   -3.532  7.561   1.00 36.53  ? 40  ASN A CA  1 
ATOM   281 C C   . ASN A 1 40 ? 3.634   -2.592  8.466   1.00 35.57  ? 40  ASN A C   1 
ATOM   282 O O   . ASN A 1 40 ? 4.785   -2.298  8.186   1.00 36.54  ? 40  ASN A O   1 
ATOM   283 C CB  . ASN A 1 40 ? 3.060   -3.114  6.097   1.00 41.60  ? 40  ASN A CB  1 
ATOM   284 C CG  . ASN A 1 40 ? 2.666   -4.211  5.124   1.00 41.05  ? 40  ASN A CG  1 
ATOM   285 O OD1 . ASN A 1 40 ? 3.439   -5.142  4.900   1.00 44.89  ? 40  ASN A OD1 1 
ATOM   286 N ND2 . ASN A 1 40 ? 1.457   -4.115  4.546   1.00 38.71  ? 40  ASN A ND2 1 
ATOM   287 N N   . ASN A 1 41 ? 2.975   -2.130  9.527   1.00 27.05  ? 41  ASN A N   1 
ATOM   288 C CA  . ASN A 1 41 ? 3.478   -1.093  10.430  1.00 29.37  ? 41  ASN A CA  1 
ATOM   289 C C   . ASN A 1 41 ? 4.167   0.046   9.664   1.00 24.70  ? 41  ASN A C   1 
ATOM   290 O O   . ASN A 1 41 ? 5.304   0.431   9.952   1.00 25.71  ? 41  ASN A O   1 
ATOM   291 C CB  . ASN A 1 41 ? 4.381   -1.679  11.510  1.00 41.38  ? 41  ASN A CB  1 
ATOM   292 C CG  . ASN A 1 41 ? 3.594   -2.464  12.552  1.00 61.11  ? 41  ASN A CG  1 
ATOM   293 O OD1 . ASN A 1 41 ? 3.474   -3.690  12.469  1.00 61.95  ? 41  ASN A OD1 1 
ATOM   294 N ND2 . ASN A 1 41 ? 3.025   -1.751  13.524  1.00 56.15  ? 41  ASN A ND2 1 
ATOM   295 N N   . LEU A 1 42 ? 3.449   0.566   8.689   1.00 25.88  ? 42  LEU A N   1 
ATOM   296 C CA  . LEU A 1 42 ? 3.987   1.547   7.771   1.00 20.75  ? 42  LEU A CA  1 
ATOM   297 C C   . LEU A 1 42 ? 4.240   2.858   8.515   1.00 30.84  ? 42  LEU A C   1 
ATOM   298 O O   . LEU A 1 42 ? 3.407   3.288   9.336   1.00 23.06  ? 42  LEU A O   1 
ATOM   299 C CB  . LEU A 1 42 ? 2.979   1.777   6.643   1.00 19.33  ? 42  LEU A CB  1 
ATOM   300 C CG  . LEU A 1 42 ? 3.451   2.707   5.526   1.00 19.30  ? 42  LEU A CG  1 
ATOM   301 C CD1 . LEU A 1 42 ? 4.674   2.157   4.805   1.00 25.12  ? 42  LEU A CD1 1 
ATOM   302 C CD2 . LEU A 1 42 ? 2.342   2.927   4.511   1.00 18.82  ? 42  LEU A CD2 1 
ATOM   303 N N   . ARG A 1 43 ? 5.413   3.456   8.271   1.00 22.04  ? 43  ARG A N   1 
ATOM   304 C CA  . ARG A 1 43 ? 5.744   4.771   8.796   1.00 19.11  ? 43  ARG A CA  1 
ATOM   305 C C   . ARG A 1 43 ? 6.656   5.397   7.767   1.00 16.45  ? 43  ARG A C   1 
ATOM   306 O O   . ARG A 1 43 ? 7.096   4.715   6.853   1.00 19.55  ? 43  ARG A O   1 
ATOM   307 C CB  . ARG A 1 43 ? 6.444   4.689   10.151  1.00 25.98  ? 43  ARG A CB  1 
ATOM   308 C CG  . ARG A 1 43 ? 7.824   4.089   10.106  1.00 23.36  ? 43  ARG A CG  1 
ATOM   309 C CD  . ARG A 1 43 ? 8.544   4.226   11.458  1.00 27.46  ? 43  ARG A CD  1 
ATOM   310 N NE  . ARG A 1 43 ? 9.972   4.005   11.283  1.00 33.00  ? 43  ARG A NE  1 
ATOM   311 C CZ  . ARG A 1 43 ? 10.503  2.804   11.128  1.00 40.48  ? 43  ARG A CZ  1 
ATOM   312 N NH1 . ARG A 1 43 ? 11.815  2.663   10.945  1.00 32.33  ? 43  ARG A NH1 1 
ATOM   313 N NH2 . ARG A 1 43 ? 9.715   1.739   11.169  1.00 30.75  ? 43  ARG A NH2 1 
ATOM   314 N N   . LYS A 1 44 ? 6.926   6.685   7.893   1.00 19.19  ? 44  LYS A N   1 
ATOM   315 C CA  . LYS A 1 44 ? 7.812   7.352   6.945   1.00 16.82  ? 44  LYS A CA  1 
ATOM   316 C C   . LYS A 1 44 ? 9.260   7.041   7.361   1.00 17.17  ? 44  LYS A C   1 
ATOM   317 O O   . LYS A 1 44 ? 9.562   7.042   8.561   1.00 20.18  ? 44  LYS A O   1 
ATOM   318 C CB  . LYS A 1 44 ? 7.587   8.869   6.995   1.00 17.02  ? 44  LYS A CB  1 
ATOM   319 C CG  . LYS A 1 44 ? 8.419   9.662   6.027   1.00 16.50  ? 44  LYS A CG  1 
ATOM   320 C CD  . LYS A 1 44 ? 7.919   11.120  6.019   1.00 17.00  ? 44  LYS A CD  1 
ATOM   321 C CE  . LYS A 1 44 ? 8.740   12.003  5.086   1.00 18.77  ? 44  LYS A CE  1 
ATOM   322 N NZ  . LYS A 1 44 ? 8.225   13.418  5.136   1.00 16.55  ? 44  LYS A NZ  1 
ATOM   323 N N   . ILE A 1 45 ? 10.138  6.773   6.391   1.00 18.75  ? 45  ILE A N   1 
ATOM   324 C CA  . ILE A 1 45 ? 11.576  6.598   6.702   1.00 17.80  ? 45  ILE A CA  1 
ATOM   325 C C   . ILE A 1 45 ? 12.482  7.641   6.076   1.00 19.79  ? 45  ILE A C   1 
ATOM   326 O O   . ILE A 1 45 ? 13.628  7.765   6.483   1.00 20.32  ? 45  ILE A O   1 
ATOM   327 C CB  . ILE A 1 45 ? 12.079  5.175   6.372   1.00 18.92  ? 45  ILE A CB  1 
ATOM   328 C CG1 . ILE A 1 45 ? 11.957  4.846   4.888   1.00 19.25  ? 45  ILE A CG1 1 
ATOM   329 C CG2 . ILE A 1 45 ? 11.348  4.161   7.232   1.00 22.23  ? 45  ILE A CG2 1 
ATOM   330 C CD1 . ILE A 1 45 ? 12.771  3.641   4.482   1.00 21.00  ? 45  ILE A CD1 1 
ATOM   331 N N   . ALA A 1 46 ? 12.005  8.399   5.091   1.00 18.25  ? 46  ALA A N   1 
ATOM   332 C CA  . ALA A 1 46 ? 12.823  9.431   4.479   1.00 16.83  ? 46  ALA A CA  1 
ATOM   333 C C   . ALA A 1 46 ? 11.960  10.489  3.855   1.00 16.45  ? 46  ALA A C   1 
ATOM   334 O O   . ALA A 1 46 ? 10.876  10.196  3.302   1.00 16.90  ? 46  ALA A O   1 
ATOM   335 C CB  . ALA A 1 46 ? 13.761  8.856   3.449   1.00 19.54  ? 46  ALA A CB  1 
ATOM   336 N N   . ASP A 1 47 ? 12.459  11.709  3.887   1.00 16.82  ? 47  ASP A N   1 
ATOM   337 C CA  . ASP A 1 47 ? 11.760  12.853  3.318   1.00 16.43  ? 47  ASP A CA  1 
ATOM   338 C C   . ASP A 1 47 ? 12.253  13.090  1.890   1.00 16.16  ? 47  ASP A C   1 
ATOM   339 O O   . ASP A 1 47 ? 12.600  14.214  1.505   1.00 21.01  ? 47  ASP A O   1 
ATOM   340 C CB  . ASP A 1 47 ? 12.093  14.063  4.177   1.00 17.33  ? 47  ASP A CB  1 
ATOM   341 C CG  . ASP A 1 47 ? 11.138  15.201  3.965   1.00 17.89  ? 47  ASP A CG  1 
ATOM   342 O OD1 . ASP A 1 47 ? 9.977   14.961  3.557   1.00 19.96  ? 47  ASP A OD1 1 
ATOM   343 O OD2 . ASP A 1 47 ? 11.543  16.341  4.237   1.00 22.68  ? 47  ASP A OD2 1 
ATOM   344 N N   . GLN A 1 48 ? 12.329  12.013  1.131   1.00 17.10  ? 48  GLN A N   1 
ATOM   345 C CA  . GLN A 1 48 ? 12.798  12.027  -0.250  1.00 21.03  ? 48  GLN A CA  1 
ATOM   346 C C   . GLN A 1 48 ? 12.384  10.695  -0.884  1.00 16.36  ? 48  GLN A C   1 
ATOM   347 O O   . GLN A 1 48 ? 11.926  9.784   -0.201  1.00 17.22  ? 48  GLN A O   1 
ATOM   348 C CB  . GLN A 1 48 ? 14.317  12.239  -0.337  1.00 22.15  ? 48  GLN A CB  1 
ATOM   349 C CG  . GLN A 1 48 ? 15.105  11.142  0.315   1.00 23.15  ? 48  GLN A CG  1 
ATOM   350 C CD  . GLN A 1 48 ? 16.602  11.437  0.360   1.00 28.00  ? 48  GLN A CD  1 
ATOM   351 O OE1 . GLN A 1 48 ? 17.196  11.911  -0.617  1.00 30.81  ? 48  GLN A OE1 1 
ATOM   352 N NE2 . GLN A 1 48 ? 17.214  11.150  1.498   1.00 50.28  ? 48  GLN A NE2 1 
ATOM   353 N N   . ALA A 1 49 ? 12.487  10.598  -2.207  1.00 15.98  ? 49  ALA A N   1 
ATOM   354 C CA  . ALA A 1 49 ? 12.067  9.346   -2.830  1.00 16.84  ? 49  ALA A CA  1 
ATOM   355 C C   . ALA A 1 49 ? 12.940  8.180   -2.357  1.00 16.05  ? 49  ALA A C   1 
ATOM   356 O O   . ALA A 1 49 ? 14.153  8.361   -2.122  1.00 18.63  ? 49  ALA A O   1 
ATOM   357 C CB  . ALA A 1 49 ? 12.149  9.469   -4.327  1.00 21.63  ? 49  ALA A CB  1 
ATOM   358 N N   . CYS A 1 50 ? 12.347  6.996   -2.272  1.00 16.50  ? 50  CYS A N   1 
ATOM   359 C CA  . CYS A 1 50 ? 13.147  5.811   -1.856  1.00 17.60  ? 50  CYS A CA  1 
ATOM   360 C C   . CYS A 1 50 ? 14.331  5.541   -2.764  1.00 18.11  ? 50  CYS A C   1 
ATOM   361 O O   . CYS A 1 50 ? 15.278  4.876   -2.348  1.00 18.98  ? 50  CYS A O   1 
ATOM   362 C CB  . CYS A 1 50 ? 12.298  4.557   -1.822  1.00 18.23  ? 50  CYS A CB  1 
ATOM   363 S SG  . CYS A 1 50 ? 10.855  4.659   -0.781  1.00 17.88  ? 50  CYS A SG  1 
ATOM   364 N N   . ASP A 1 51 ? 14.269  5.986   -4.016  1.00 20.65  ? 51  ASP A N   1 
ATOM   365 C CA  . ASP A 1 51 ? 15.336  5.631   -4.945  1.00 22.95  ? 51  ASP A CA  1 
ATOM   366 C C   . ASP A 1 51 ? 16.652  6.353   -4.615  1.00 22.90  ? 51  ASP A C   1 
ATOM   367 O O   . ASP A 1 51 ? 17.683  6.060   -5.222  1.00 27.66  ? 51  ASP A O   1 
ATOM   368 C CB  . ASP A 1 51 ? 14.900  5.839   -6.392  1.00 41.98  ? 51  ASP A CB  1 
ATOM   369 C CG  . ASP A 1 51 ? 14.238  7.168   -6.604  1.00 43.42  ? 51  ASP A CG  1 
ATOM   370 O OD1 . ASP A 1 51 ? 14.861  8.196   -6.270  1.00 59.47  ? 51  ASP A OD1 1 
ATOM   371 O OD2 . ASP A 1 51 ? 13.086  7.182   -7.084  1.00 55.68  ? 51  ASP A OD2 1 
ATOM   372 N N   . ASN A 1 52 ? 16.595  7.281   -3.659  1.00 21.72  ? 52  ASN A N   1 
ATOM   373 C CA  . ASN A 1 52 ? 17.787  7.950   -3.139  1.00 24.00  ? 52  ASN A CA  1 
ATOM   374 C C   . ASN A 1 52 ? 18.402  7.196   -1.991  1.00 23.68  ? 52  ASN A C   1 
ATOM   375 O O   . ASN A 1 52 ? 19.412  7.639   -1.449  1.00 25.07  ? 52  ASN A O   1 
ATOM   376 C CB  . ASN A 1 52 ? 17.424  9.335   -2.612  1.00 24.36  ? 52  ASN A CB  1 
ATOM   377 C CG  . ASN A 1 52 ? 16.971  10.251  -3.687  1.00 28.01  ? 52  ASN A CG  1 
ATOM   378 O OD1 . ASN A 1 52 ? 15.821  10.645  -3.709  1.00 29.82  ? 52  ASN A OD1 1 
ATOM   379 N ND2 . ASN A 1 52 ? 17.874  10.598  -4.597  1.00 30.17  ? 52  ASN A ND2 1 
ATOM   380 N N   . LEU A 1 53 ? 17.788  6.090   -1.592  1.00 20.97  ? 53  LEU A N   1 
ATOM   381 C CA  . LEU A 1 53 ? 18.313  5.342   -0.449  1.00 20.11  ? 53  LEU A CA  1 
ATOM   382 C C   . LEU A 1 53 ? 18.772  3.949   -0.845  1.00 22.97  ? 53  LEU A C   1 
ATOM   383 O O   . LEU A 1 53 ? 18.269  3.389   -1.816  1.00 26.15  ? 53  LEU A O   1 
ATOM   384 C CB  . LEU A 1 53 ? 17.249  5.117   0.605   1.00 19.91  ? 53  LEU A CB  1 
ATOM   385 C CG  . LEU A 1 53 ? 16.430  6.303   1.067   1.00 20.73  ? 53  LEU A CG  1 
ATOM   386 C CD1 . LEU A 1 53 ? 15.381  5.794   2.066   1.00 24.71  ? 53  LEU A CD1 1 
ATOM   387 C CD2 . LEU A 1 53 ? 17.340  7.304   1.671   1.00 20.68  ? 53  LEU A CD2 1 
ATOM   388 N N   . THR A 1 54 ? 19.692  3.364   -0.070  1.00 23.07  ? 54  THR A N   1 
ATOM   389 C CA  . THR A 1 54 ? 19.968  1.934   -0.219  1.00 24.72  ? 54  THR A CA  1 
ATOM   390 C C   . THR A 1 54 ? 19.884  1.188   1.100   1.00 25.40  ? 54  THR A C   1 
ATOM   391 O O   . THR A 1 54 ? 19.799  1.791   2.167   1.00 23.87  ? 54  THR A O   1 
ATOM   392 C CB  . THR A 1 54 ? 21.310  1.654   -0.883  1.00 34.30  ? 54  THR A CB  1 
ATOM   393 O OG1 . THR A 1 54 ? 22.371  1.841   0.067   1.00 27.89  ? 54  THR A OG1 1 
ATOM   394 C CG2 . THR A 1 54 ? 21.519  2.579   -2.059  1.00 37.86  ? 54  THR A CG2 1 
ATOM   395 N N   . ASP A 1 55 ? 19.882  -0.142  1.010   1.00 25.45  ? 55  ASP A N   1 
ATOM   396 C CA  . ASP A 1 55 ? 19.823  -0.977  2.211   1.00 26.33  ? 55  ASP A CA  1 
ATOM   397 C C   . ASP A 1 55 ? 20.735  -2.204  2.113   1.00 35.62  ? 55  ASP A C   1 
ATOM   398 O O   . ASP A 1 55 ? 21.414  -2.405  1.111   1.00 29.74  ? 55  ASP A O   1 
ATOM   399 C CB  . ASP A 1 55 ? 18.348  -1.355  2.458   1.00 26.21  ? 55  ASP A CB  1 
ATOM   400 C CG  . ASP A 1 55 ? 17.793  -2.243  1.369   1.00 28.06  ? 55  ASP A CG  1 
ATOM   401 O OD1 . ASP A 1 55 ? 18.210  -3.405  1.271   1.00 27.72  ? 55  ASP A OD1 1 
ATOM   402 O OD2 . ASP A 1 55 ? 16.921  -1.801  0.595   1.00 29.22  ? 55  ASP A OD2 1 
ATOM   403 N N   . ASN A 1 56 ? 20.777  -2.993  3.184   1.00 28.87  ? 56  ASN A N   1 
ATOM   404 C CA  . ASN A 1 56 ? 21.680  -4.139  3.277   1.00 30.50  ? 56  ASN A CA  1 
ATOM   405 C C   . ASN A 1 56 ? 21.279  -5.301  2.383   1.00 31.34  ? 56  ASN A C   1 
ATOM   406 O O   . ASN A 1 56 ? 22.086  -6.195  2.127   1.00 36.19  ? 56  ASN A O   1 
ATOM   407 C CB  . ASN A 1 56 ? 21.749  -4.649  4.709   1.00 36.44  ? 56  ASN A CB  1 
ATOM   408 C CG  . ASN A 1 56 ? 22.454  -3.696  5.627   1.00 45.03  ? 56  ASN A CG  1 
ATOM   409 O OD1 . ASN A 1 56 ? 23.469  -3.105  5.270   1.00 33.39  ? 56  ASN A OD1 1 
ATOM   410 N ND2 . ASN A 1 56 ? 21.926  -3.547  6.826   1.00 57.67  ? 56  ASN A ND2 1 
ATOM   411 N N   . VAL A 1 57 ? 20.029  -5.341  1.944   1.00 30.66  ? 57  VAL A N   1 
ATOM   412 C CA  . VAL A 1 57 ? 19.637  -6.404  1.026   1.00 31.91  ? 57  VAL A CA  1 
ATOM   413 C C   . VAL A 1 57 ? 20.234  -6.185  -0.370  1.00 54.95  ? 57  VAL A C   1 
ATOM   414 O O   . VAL A 1 57 ? 20.885  -7.086  -0.904  1.00 49.43  ? 57  VAL A O   1 
ATOM   415 C CB  . VAL A 1 57 ? 18.117  -6.692  1.055   1.00 31.94  ? 57  VAL A CB  1 
ATOM   416 C CG1 . VAL A 1 57 ? 17.756  -7.863  0.128   1.00 31.89  ? 57  VAL A CG1 1 
ATOM   417 C CG2 . VAL A 1 57 ? 17.690  -7.011  2.478   1.00 33.60  ? 57  VAL A CG2 1 
ATOM   418 N N   . ASN A 1 58 ? 20.073  -4.989  -0.935  1.00 45.95  ? 58  ASN A N   1 
ATOM   419 C CA  . ASN A 1 58 ? 20.582  -4.728  -2.285  1.00 72.05  ? 58  ASN A CA  1 
ATOM   420 C C   . ASN A 1 58 ? 21.967  -4.073  -2.400  1.00 81.04  ? 58  ASN A C   1 
ATOM   421 O O   . ASN A 1 58 ? 22.307  -3.527  -3.448  1.00 80.45  ? 58  ASN A O   1 
ATOM   422 C CB  . ASN A 1 58 ? 19.556  -3.944  -3.103  1.00 81.88  ? 58  ASN A CB  1 
ATOM   423 C CG  . ASN A 1 58 ? 18.404  -4.810  -3.553  1.00 97.93  ? 58  ASN A CG  1 
ATOM   424 O OD1 . ASN A 1 58 ? 18.535  -6.033  -3.634  1.00 98.64  ? 58  ASN A OD1 1 
ATOM   425 N ND2 . ASN A 1 58 ? 17.267  -4.188  -3.846  1.00 107.02 ? 58  ASN A ND2 1 
ATOM   426 N N   . ASP A 1 59 ? 22.769  -4.143  -1.342  1.00 90.60  ? 59  ASP A N   1 
ATOM   427 C CA  . ASP A 1 59 ? 24.131  -3.616  -1.392  1.00 91.18  ? 59  ASP A CA  1 
ATOM   428 C C   . ASP A 1 59 ? 25.160  -4.678  -1.046  1.00 96.82  ? 59  ASP A C   1 
ATOM   429 O O   . ASP A 1 59 ? 25.844  -4.581  -0.029  1.00 102.65 ? 59  ASP A O   1 
ATOM   430 C CB  . ASP A 1 59 ? 24.294  -2.423  -0.452  1.00 89.19  ? 59  ASP A CB  1 
ATOM   431 C CG  . ASP A 1 59 ? 23.637  -1.171  -0.986  1.00 91.96  ? 59  ASP A CG  1 
ATOM   432 O OD1 . ASP A 1 59 ? 22.469  -1.253  -1.422  1.00 96.30  ? 59  ASP A OD1 1 
ATOM   433 O OD2 . ASP A 1 59 ? 24.293  -0.108  -0.981  1.00 87.21  ? 59  ASP A OD2 1 
ATOM   434 N N   . ARG B 1 2  ? -16.971 1.813   11.156  1.00 48.82  ? 2   ARG B N   1 
ATOM   435 C CA  . ARG B 1 2  ? -16.053 0.916   10.455  1.00 41.83  ? 2   ARG B CA  1 
ATOM   436 C C   . ARG B 1 2  ? -15.088 0.205   11.411  1.00 48.37  ? 2   ARG B C   1 
ATOM   437 O O   . ARG B 1 2  ? -14.414 0.832   12.223  1.00 37.75  ? 2   ARG B O   1 
ATOM   438 C CB  . ARG B 1 2  ? -15.294 1.651   9.332   1.00 37.98  ? 2   ARG B CB  1 
ATOM   439 C CG  . ARG B 1 2  ? -14.541 2.877   9.777   1.00 45.47  ? 2   ARG B CG  1 
ATOM   440 C CD  . ARG B 1 2  ? -13.972 3.681   8.611   1.00 55.53  ? 2   ARG B CD  1 
ATOM   441 N NE  . ARG B 1 2  ? -13.217 4.832   9.109   1.00 50.67  ? 2   ARG B NE  1 
ATOM   442 C CZ  . ARG B 1 2  ? -11.934 4.785   9.456   1.00 52.98  ? 2   ARG B CZ  1 
ATOM   443 N NH1 . ARG B 1 2  ? -11.322 5.874   9.918   1.00 41.16  ? 2   ARG B NH1 1 
ATOM   444 N NH2 . ARG B 1 2  ? -11.255 3.648   9.339   1.00 50.78  ? 2   ARG B NH2 1 
ATOM   445 N N   . GLY B 1 3  ? -15.045 -1.119  11.311  1.00 36.42  ? 3   GLY B N   1 
ATOM   446 C CA  . GLY B 1 3  ? -14.165 -1.907  12.139  1.00 40.59  ? 3   GLY B CA  1 
ATOM   447 C C   . GLY B 1 3  ? -12.783 -1.929  11.545  1.00 43.77  ? 3   GLY B C   1 
ATOM   448 O O   . GLY B 1 3  ? -12.585 -1.675  10.357  1.00 40.12  ? 3   GLY B O   1 
ATOM   449 N N   . VAL B 1 4  ? -11.818 -2.220  12.398  1.00 44.05  ? 4   VAL B N   1 
ATOM   450 C CA  . VAL B 1 4  ? -10.470 -2.468  11.963  1.00 36.27  ? 4   VAL B CA  1 
ATOM   451 C C   . VAL B 1 4  ? -10.536 -3.729  11.111  1.00 46.50  ? 4   VAL B C   1 
ATOM   452 O O   . VAL B 1 4  ? -11.369 -4.606  11.342  1.00 35.92  ? 4   VAL B O   1 
ATOM   453 C CB  . VAL B 1 4  ? -9.540  -2.593  13.192  1.00 36.39  ? 4   VAL B CB  1 
ATOM   454 C CG1 . VAL B 1 4  ? -8.222  -3.245  12.822  1.00 57.34  ? 4   VAL B CG1 1 
ATOM   455 C CG2 . VAL B 1 4  ? -9.328  -1.213  13.842  1.00 37.30  ? 4   VAL B CG2 1 
ATOM   456 N N   . CYS B 1 5  ? -9.690  -3.790  10.092  1.00 41.83  ? 5   CYS B N   1 
ATOM   457 C CA  . CYS B 1 5  ? -9.609  -4.937  9.214   1.00 34.73  ? 5   CYS B CA  1 
ATOM   458 C C   . CYS B 1 5  ? -9.089  -6.133  10.001  1.00 34.11  ? 5   CYS B C   1 
ATOM   459 O O   . CYS B 1 5  ? -7.984  -6.093  10.545  1.00 36.35  ? 5   CYS B O   1 
ATOM   460 C CB  . CYS B 1 5  ? -8.651  -4.578  8.100   1.00 52.54  ? 5   CYS B CB  1 
ATOM   461 S SG  . CYS B 1 5  ? -8.193  -5.871  7.013   1.00 47.17  ? 5   CYS B SG  1 
ATOM   462 N N   . ALA B 1 6  ? -9.881  -7.192  10.063  1.00 33.35  ? 6   ALA B N   1 
ATOM   463 C CA  . ALA B 1 6  ? -9.510  -8.350  10.862  1.00 37.04  ? 6   ALA B CA  1 
ATOM   464 C C   . ALA B 1 6  ? -8.860  -9.388  9.963   1.00 32.15  ? 6   ALA B C   1 
ATOM   465 O O   . ALA B 1 6  ? -9.549  -10.247 9.416   1.00 35.74  ? 6   ALA B O   1 
ATOM   466 C CB  . ALA B 1 6  ? -10.745 -8.929  11.538  1.00 32.25  ? 6   ALA B CB  1 
ATOM   467 N N   . CYS B 1 7  ? -7.540  -9.312  9.797   1.00 25.09  ? 7   CYS B N   1 
ATOM   468 C CA  . CYS B 1 7  ? -6.827  -10.249 8.911   1.00 19.26  ? 7   CYS B CA  1 
ATOM   469 C C   . CYS B 1 7  ? -5.603  -10.911 9.509   1.00 21.39  ? 7   CYS B C   1 
ATOM   470 O O   . CYS B 1 7  ? -4.942  -10.331 10.359  1.00 24.16  ? 7   CYS B O   1 
ATOM   471 C CB  . CYS B 1 7  ? -6.349  -9.524  7.667   1.00 19.35  ? 7   CYS B CB  1 
ATOM   472 S SG  . CYS B 1 7  ? -7.684  -8.957  6.608   1.00 23.15  ? 7   CYS B SG  1 
ATOM   473 N N   . PRO B 1 8  ? -5.270  -12.122 9.033   1.00 21.18  ? 8   PRO B N   1 
ATOM   474 C CA  . PRO B 1 8  ? -4.051  -12.832 9.447   1.00 19.18  ? 8   PRO B CA  1 
ATOM   475 C C   . PRO B 1 8  ? -2.827  -12.099 8.995   1.00 19.09  ? 8   PRO B C   1 
ATOM   476 O O   . PRO B 1 8  ? -2.937  -11.239 8.110   1.00 22.30  ? 8   PRO B O   1 
ATOM   477 C CB  . PRO B 1 8  ? -4.116  -14.153 8.680   1.00 19.33  ? 8   PRO B CB  1 
ATOM   478 C CG  . PRO B 1 8  ? -5.513  -14.298 8.280   1.00 24.61  ? 8   PRO B CG  1 
ATOM   479 C CD  . PRO B 1 8  ? -6.051  -12.898 8.058   1.00 21.13  ? 8   PRO B CD  1 
ATOM   480 N N   . ARG B 1 9  ? -1.685  -12.425 9.582   1.00 19.68  ? 9   ARG B N   1 
ATOM   481 C CA  . ARG B 1 9  ? -0.456  -11.822 9.116   1.00 20.69  ? 9   ARG B CA  1 
ATOM   482 C C   . ARG B 1 9  ? 0.324   -12.737 8.182   1.00 23.96  ? 9   ARG B C   1 
ATOM   483 O O   . ARG B 1 9  ? 1.448   -12.416 7.819   1.00 23.86  ? 9   ARG B O   1 
ATOM   484 C CB  . ARG B 1 9  ? 0.413   -11.438 10.304  1.00 25.72  ? 9   ARG B CB  1 
ATOM   485 C CG  . ARG B 1 9  ? -0.286  -10.522 11.279  1.00 35.43  ? 9   ARG B CG  1 
ATOM   486 C CD  . ARG B 1 9  ? 0.686   -9.932  12.276  1.00 40.22  ? 9   ARG B CD  1 
ATOM   487 N NE  . ARG B 1 9  ? 1.303   -8.724  11.745  1.00 65.56  ? 9   ARG B NE  1 
ATOM   488 C CZ  . ARG B 1 9  ? 2.463   -8.701  11.102  1.00 80.99  ? 9   ARG B CZ  1 
ATOM   489 N NH1 . ARG B 1 9  ? 2.945   -7.552  10.652  1.00 82.31  ? 9   ARG B NH1 1 
ATOM   490 N NH2 . ARG B 1 9  ? 3.142   -9.825  10.915  1.00 89.23  ? 9   ARG B NH2 1 
ATOM   491 N N   . ILE B 1 10 ? -0.257  -13.871 7.799   1.00 20.08  ? 10  ILE B N   1 
ATOM   492 C CA  . ILE B 1 10 ? 0.414   -14.785 6.875   1.00 22.10  ? 10  ILE B CA  1 
ATOM   493 C C   . ILE B 1 10 ? 0.682   -14.064 5.572   1.00 19.34  ? 10  ILE B C   1 
ATOM   494 O O   . ILE B 1 10 ? -0.185  -13.393 5.042   1.00 20.15  ? 10  ILE B O   1 
ATOM   495 C CB  . ILE B 1 10 ? -0.434  -16.048 6.604   1.00 21.85  ? 10  ILE B CB  1 
ATOM   496 C CG1 . ILE B 1 10 ? -0.685  -16.807 7.916   1.00 42.24  ? 10  ILE B CG1 1 
ATOM   497 C CG2 . ILE B 1 10 ? 0.250   -16.952 5.595   1.00 26.33  ? 10  ILE B CG2 1 
ATOM   498 C CD1 . ILE B 1 10 ? -1.862  -17.771 7.851   1.00 43.37  ? 10  ILE B CD1 1 
ATOM   499 N N   . TYR B 1 11 ? 1.879   -14.196 5.045   1.00 19.14  ? 11  TYR B N   1 
ATOM   500 C CA  . TYR B 1 11 ? 2.276   -13.560 3.818   1.00 18.11  ? 11  TYR B CA  1 
ATOM   501 C C   . TYR B 1 11 ? 2.063   -14.501 2.637   1.00 20.32  ? 11  TYR B C   1 
ATOM   502 O O   . TYR B 1 11 ? 2.824   -15.438 2.403   1.00 17.84  ? 11  TYR B O   1 
ATOM   503 C CB  . TYR B 1 11 ? 3.733   -13.128 3.912   1.00 21.02  ? 11  TYR B CB  1 
ATOM   504 C CG  . TYR B 1 11 ? 4.139   -12.315 2.748   1.00 20.48  ? 11  TYR B CG  1 
ATOM   505 C CD1 . TYR B 1 11 ? 3.623   -11.032 2.567   1.00 24.09  ? 11  TYR B CD1 1 
ATOM   506 C CD2 . TYR B 1 11 ? 4.984   -12.826 1.777   1.00 18.67  ? 11  TYR B CD2 1 
ATOM   507 C CE1 . TYR B 1 11 ? 3.980   -10.284 1.473   1.00 26.74  ? 11  TYR B CE1 1 
ATOM   508 C CE2 . TYR B 1 11 ? 5.342   -12.076 0.695   1.00 26.06  ? 11  TYR B CE2 1 
ATOM   509 C CZ  . TYR B 1 11 ? 4.827   -10.812 0.537   1.00 29.13  ? 11  TYR B CZ  1 
ATOM   510 O OH  . TYR B 1 11 ? 5.194   -10.074 -0.567  1.00 31.64  ? 11  TYR B OH  1 
ATOM   511 N N   . MET B 1 12 ? 1.001   -14.246 1.891   1.00 18.11  ? 12  MET B N   1 
ATOM   512 C CA  . MET B 1 12 ? 0.642   -15.046 0.721   1.00 16.72  ? 12  MET B CA  1 
ATOM   513 C C   . MET B 1 12 ? 0.105   -14.032 -0.285  1.00 17.66  ? 12  MET B C   1 
ATOM   514 O O   . MET B 1 12 ? -1.120  -13.844 -0.396  1.00 18.65  ? 12  MET B O   1 
ATOM   515 C CB  . MET B 1 12 ? -0.422  -16.095 1.054   1.00 21.22  ? 12  MET B CB  1 
ATOM   516 C CG  . MET B 1 12 ? -0.009  -17.153 2.089   1.00 28.74  ? 12  MET B CG  1 
ATOM   517 S SD  . MET B 1 12 ? 1.276   -18.301 1.572   1.00 43.17  ? 12  MET B SD  1 
ATOM   518 C CE  . MET B 1 12 ? 0.552   -18.955 0.136   1.00 26.54  ? 12  MET B CE  1 
ATOM   519 N N   . PRO B 1 13 ? 1.027   -13.353 -0.997  1.00 16.89  ? 13  PRO B N   1 
ATOM   520 C CA  . PRO B 1 13 ? 0.637   -12.096 -1.637  1.00 20.08  ? 13  PRO B CA  1 
ATOM   521 C C   . PRO B 1 13 ? -0.311  -12.300 -2.785  1.00 21.48  ? 13  PRO B C   1 
ATOM   522 O O   . PRO B 1 13 ? -0.291  -13.337 -3.462  1.00 19.59  ? 13  PRO B O   1 
ATOM   523 C CB  . PRO B 1 13 ? 1.973   -11.532 -2.142  1.00 21.55  ? 13  PRO B CB  1 
ATOM   524 C CG  . PRO B 1 13 ? 2.912   -12.725 -2.158  1.00 21.74  ? 13  PRO B CG  1 
ATOM   525 C CD  . PRO B 1 13 ? 2.493   -13.563 -1.000  1.00 18.01  ? 13  PRO B CD  1 
ATOM   526 N N   . VAL B 1 14 ? -1.151  -11.290 -2.981  1.00 16.43  ? 14  VAL B N   1 
ATOM   527 C CA  . VAL B 1 14 ? -2.070  -11.234 -4.126  1.00 18.70  ? 14  VAL B CA  1 
ATOM   528 C C   . VAL B 1 14 ? -1.860  -9.925  -4.868  1.00 16.31  ? 14  VAL B C   1 
ATOM   529 O O   . VAL B 1 14 ? -1.254  -8.996  -4.371  1.00 18.30  ? 14  VAL B O   1 
ATOM   530 C CB  . VAL B 1 14 ? -3.538  -11.426 -3.723  1.00 17.54  ? 14  VAL B CB  1 
ATOM   531 C CG1 . VAL B 1 14 ? -3.769  -12.811 -3.135  1.00 17.33  ? 14  VAL B CG1 1 
ATOM   532 C CG2 . VAL B 1 14 ? -4.005  -10.337 -2.777  1.00 15.11  ? 14  VAL B CG2 1 
ATOM   533 N N   . CYS B 1 15 ? -2.430  -9.815  -6.064  1.00 15.11  ? 15  CYS B N   1 
ATOM   534 C CA  . CYS B 1 15 ? -2.241  -8.603  -6.854  1.00 17.02  ? 15  CYS B CA  1 
ATOM   535 C C   . CYS B 1 15 ? -3.585  -7.973  -7.170  1.00 15.92  ? 15  CYS B C   1 
ATOM   536 O O   . CYS B 1 15 ? -4.490  -8.654  -7.675  1.00 16.76  ? 15  CYS B O   1 
ATOM   537 C CB  . CYS B 1 15 ? -1.547  -8.916  -8.174  1.00 17.67  ? 15  CYS B CB  1 
ATOM   538 S SG  . CYS B 1 15 ? -1.159  -7.435  -9.152  1.00 18.86  ? 15  CYS B SG  1 
ATOM   539 N N   . GLY B 1 16 ? -3.717  -6.675  -6.905  1.00 17.00  ? 16  GLY B N   1 
ATOM   540 C CA  . GLY B 1 16 ? -4.955  -5.953  -7.237  1.00 15.78  ? 16  GLY B CA  1 
ATOM   541 C C   . GLY B 1 16 ? -4.959  -5.403  -8.641  1.00 16.04  ? 16  GLY B C   1 
ATOM   542 O O   . GLY B 1 16 ? -3.929  -5.277  -9.278  1.00 18.28  ? 16  GLY B O   1 
ATOM   543 N N   . SER B 1 17 ? -6.159  -5.042  -9.112  1.00 14.72  ? 17  SER B N   1 
ATOM   544 C CA  . SER B 1 17 ? -6.318  -4.411  -10.430 1.00 15.91  ? 17  SER B CA  1 
ATOM   545 C C   . SER B 1 17 ? -5.556  -3.087  -10.569 1.00 21.02  ? 17  SER B C   1 
ATOM   546 O O   . SER B 1 17 ? -5.289  -2.655  -11.695 1.00 19.82  ? 17  SER B O   1 
ATOM   547 C CB  . SER B 1 17 ? -7.805  -4.221  -10.717 1.00 17.11  ? 17  SER B CB  1 
ATOM   548 O OG  . SER B 1 17 ? -8.420  -3.536  -9.659  1.00 19.10  ? 17  SER B OG  1 
ATOM   549 N N   . ASN B 1 18 ? -5.199  -2.458  -9.448  1.00 18.39  ? 18  ASN B N   1 
ATOM   550 C CA  . ASN B 1 18 ? -4.342  -1.276  -9.415  1.00 22.42  ? 18  ASN B CA  1 
ATOM   551 C C   . ASN B 1 18 ? -2.837  -1.607  -9.479  1.00 18.24  ? 18  ASN B C   1 
ATOM   552 O O   . ASN B 1 18 ? -1.987  -0.729  -9.300  1.00 23.03  ? 18  ASN B O   1 
ATOM   553 C CB  . ASN B 1 18 ? -4.645  -0.504  -8.133  1.00 17.82  ? 18  ASN B CB  1 
ATOM   554 C CG  . ASN B 1 18 ? -4.458  -1.355  -6.858  1.00 16.67  ? 18  ASN B CG  1 
ATOM   555 O OD1 . ASN B 1 18 ? -4.221  -2.578  -6.900  1.00 19.07  ? 18  ASN B OD1 1 
ATOM   556 N ND2 . ASN B 1 18 ? -4.567  -0.695  -5.715  1.00 20.55  ? 18  ASN B ND2 1 
ATOM   557 N N   . LEU B 1 19 ? -2.547  -2.884  -9.708  1.00 17.08  ? 19  LEU B N   1 
ATOM   558 C CA  . LEU B 1 19 ? -1.164  -3.392  -9.768  1.00 20.82  ? 19  LEU B CA  1 
ATOM   559 C C   . LEU B 1 19 ? -0.378  -3.131  -8.505  1.00 24.60  ? 19  LEU B C   1 
ATOM   560 O O   . LEU B 1 19 ? 0.843   -2.941  -8.525  1.00 26.26  ? 19  LEU B O   1 
ATOM   561 C CB  . LEU B 1 19 ? -0.428  -2.871  -10.994 1.00 25.50  ? 19  LEU B CB  1 
ATOM   562 C CG  . LEU B 1 19 ? -0.838  -3.484  -12.335 1.00 23.57  ? 19  LEU B CG  1 
ATOM   563 C CD1 . LEU B 1 19 ? 0.088   -2.964  -13.390 1.00 26.18  ? 19  LEU B CD1 1 
ATOM   564 C CD2 . LEU B 1 19 ? -0.755  -4.982  -12.268 1.00 36.23  ? 19  LEU B CD2 1 
ATOM   565 N N   . LYS B 1 20 ? -1.077  -3.131  -7.384  1.00 18.91  ? 20  LYS B N   1 
ATOM   566 C CA  . LYS B 1 20 ? -0.406  -3.136  -6.096  1.00 21.83  ? 20  LYS B CA  1 
ATOM   567 C C   . LYS B 1 20 ? -0.493  -4.522  -5.474  1.00 21.01  ? 20  LYS B C   1 
ATOM   568 O O   . LYS B 1 20 ? -1.520  -5.187  -5.574  1.00 19.48  ? 20  LYS B O   1 
ATOM   569 C CB  . LYS B 1 20 ? -1.017  -2.072  -5.189  1.00 27.24  ? 20  LYS B CB  1 
ATOM   570 C CG  . LYS B 1 20 ? -0.864  -0.685  -5.798  1.00 33.81  ? 20  LYS B CG  1 
ATOM   571 C CD  . LYS B 1 20 ? -1.202  0.447   -4.842  1.00 51.10  ? 20  LYS B CD  1 
ATOM   572 C CE  . LYS B 1 20 ? -1.507  1.719   -5.627  1.00 53.44  ? 20  LYS B CE  1 
ATOM   573 N NZ  . LYS B 1 20 ? -0.693  1.823   -6.873  1.00 62.56  ? 20  LYS B NZ  1 
ATOM   574 N N   . THR B 1 21 ? 0.593   -4.974  -4.860  1.00 20.47  ? 21  THR B N   1 
ATOM   575 C CA  . THR B 1 21 ? 0.637   -6.232  -4.121  1.00 16.22  ? 21  THR B CA  1 
ATOM   576 C C   . THR B 1 21 ? 0.116   -6.055  -2.696  1.00 22.02  ? 21  THR B C   1 
ATOM   577 O O   . THR B 1 21 ? 0.468   -5.087  -2.018  1.00 27.57  ? 21  THR B O   1 
ATOM   578 C CB  . THR B 1 21 ? 2.092   -6.742  -4.084  1.00 21.48  ? 21  THR B CB  1 
ATOM   579 O OG1 . THR B 1 21 ? 2.512   -6.930  -5.442  1.00 22.42  ? 21  THR B OG1 1 
ATOM   580 C CG2 . THR B 1 21 ? 2.211   -8.038  -3.300  1.00 22.33  ? 21  THR B CG2 1 
ATOM   581 N N   . TYR B 1 22 ? -0.734  -6.981  -2.266  1.00 17.85  ? 22  TYR B N   1 
ATOM   582 C CA  . TYR B 1 22 ? -1.315  -7.002  -0.919  1.00 15.32  ? 22  TYR B CA  1 
ATOM   583 C C   . TYR B 1 22 ? -0.818  -8.241  -0.202  1.00 21.98  ? 22  TYR B C   1 
ATOM   584 O O   . TYR B 1 22 ? -0.672  -9.292  -0.827  1.00 19.69  ? 22  TYR B O   1 
ATOM   585 C CB  . TYR B 1 22 ? -2.844  -7.010  -1.008  1.00 16.51  ? 22  TYR B CB  1 
ATOM   586 C CG  . TYR B 1 22 ? -3.399  -5.705  -1.543  1.00 18.15  ? 22  TYR B CG  1 
ATOM   587 C CD1 . TYR B 1 22 ? -3.375  -5.433  -2.909  1.00 16.90  ? 22  TYR B CD1 1 
ATOM   588 C CD2 . TYR B 1 22 ? -3.855  -4.719  -0.678  1.00 22.84  ? 22  TYR B CD2 1 
ATOM   589 C CE1 . TYR B 1 22 ? -3.863  -4.208  -3.420  1.00 17.43  ? 22  TYR B CE1 1 
ATOM   590 C CE2 . TYR B 1 22 ? -4.353  -3.486  -1.177  1.00 25.05  ? 22  TYR B CE2 1 
ATOM   591 C CZ  . TYR B 1 22 ? -4.332  -3.255  -2.547  1.00 18.70  ? 22  TYR B CZ  1 
ATOM   592 O OH  . TYR B 1 22 ? -4.782  -2.050  -3.065  1.00 19.54  ? 22  TYR B OH  1 
ATOM   593 N N   . ASN B 1 23 ? -0.584  -8.123  1.103   1.00 18.43  ? 23  ASN B N   1 
ATOM   594 C CA  . ASN B 1 23 ? 0.046   -9.242  1.827   1.00 18.86  ? 23  ASN B CA  1 
ATOM   595 C C   . ASN B 1 23 ? -0.731  -10.561 1.779   1.00 19.66  ? 23  ASN B C   1 
ATOM   596 O O   . ASN B 1 23 ? -0.139  -11.656 1.821   1.00 19.32  ? 23  ASN B O   1 
ATOM   597 C CB  . ASN B 1 23 ? 0.328   -8.864  3.271   1.00 19.76  ? 23  ASN B CB  1 
ATOM   598 C CG  . ASN B 1 23 ? 1.401   -7.824  3.393   1.00 30.98  ? 23  ASN B CG  1 
ATOM   599 O OD1 . ASN B 1 23 ? 1.823   -7.212  2.410   1.00 37.88  ? 23  ASN B OD1 1 
ATOM   600 N ND2 . ASN B 1 23 ? 1.900   -7.654  4.609   1.00 33.10  ? 23  ASN B ND2 1 
ATOM   601 N N   . ASN B 1 24 ? -2.056  -10.470 1.686   1.00 17.55  ? 24  ASN B N   1 
ATOM   602 C CA  . ASN B 1 24 ? -2.861  -11.666 1.592   1.00 16.73  ? 24  ASN B CA  1 
ATOM   603 C C   . ASN B 1 24 ? -4.245  -11.279 1.122   1.00 14.22  ? 24  ASN B C   1 
ATOM   604 O O   . ASN B 1 24 ? -4.568  -10.076 1.014   1.00 18.31  ? 24  ASN B O   1 
ATOM   605 C CB  . ASN B 1 24 ? -2.902  -12.424 2.936   1.00 18.17  ? 24  ASN B CB  1 
ATOM   606 C CG  . ASN B 1 24 ? -3.354  -11.554 4.105   1.00 22.53  ? 24  ASN B CG  1 
ATOM   607 O OD1 . ASN B 1 24 ? -4.350  -10.859 4.004   1.00 19.58  ? 24  ASN B OD1 1 
ATOM   608 N ND2 . ASN B 1 24 ? -2.646  -11.616 5.234   1.00 21.56  ? 24  ASN B ND2 1 
ATOM   609 N N   . ASP B 1 25 ? -5.051  -12.275 0.776   1.00 17.28  ? 25  ASP B N   1 
ATOM   610 C CA  . ASP B 1 25 ? -6.397  -12.037 0.261   1.00 17.28  ? 25  ASP B CA  1 
ATOM   611 C C   . ASP B 1 25 ? -7.220  -11.234 1.215   1.00 17.58  ? 25  ASP B C   1 
ATOM   612 O O   . ASP B 1 25 ? -8.018  -10.403 0.752   1.00 17.61  ? 25  ASP B O   1 
ATOM   613 C CB  . ASP B 1 25 ? -7.143  -13.345 -0.012  1.00 18.55  ? 25  ASP B CB  1 
ATOM   614 C CG  . ASP B 1 25 ? -6.843  -13.890 -1.351  1.00 17.33  ? 25  ASP B CG  1 
ATOM   615 O OD1 . ASP B 1 25 ? -7.273  -13.227 -2.293  1.00 20.60  ? 25  ASP B OD1 1 
ATOM   616 O OD2 . ASP B 1 25 ? -6.135  -14.929 -1.434  1.00 24.39  ? 25  ASP B OD2 1 
ATOM   617 N N   . CYS B 1 26 ? -7.100  -11.492 2.506   1.00 17.83  ? 26  CYS B N   1 
ATOM   618 C CA  . CYS B 1 26 ? -7.939  -10.829 3.477   1.00 21.98  ? 26  CYS B CA  1 
ATOM   619 C C   . CYS B 1 26 ? -7.707  -9.319  3.413   1.00 18.21  ? 26  CYS B C   1 
ATOM   620 O O   . CYS B 1 26 ? -8.666  -8.533  3.352   1.00 18.47  ? 26  CYS B O   1 
ATOM   621 C CB  . CYS B 1 26 ? -7.608  -11.342 4.865   1.00 18.99  ? 26  CYS B CB  1 
ATOM   622 S SG  . CYS B 1 26 ? -8.653  -10.649 6.147   1.00 22.57  ? 26  CYS B SG  1 
ATOM   623 N N   . LEU B 1 27 ? -6.442  -8.894  3.357   1.00 18.15  ? 27  LEU B N   1 
ATOM   624 C CA  . LEU B 1 27 ? -6.110  -7.469  3.308   1.00 18.26  ? 27  LEU B CA  1 
ATOM   625 C C   . LEU B 1 27 ? -6.634  -6.854  2.012   1.00 18.67  ? 27  LEU B C   1 
ATOM   626 O O   . LEU B 1 27 ? -7.160  -5.727  2.002   1.00 18.24  ? 27  LEU B O   1 
ATOM   627 C CB  . LEU B 1 27 ? -4.597  -7.232  3.438   1.00 19.51  ? 27  LEU B CB  1 
ATOM   628 C CG  . LEU B 1 27 ? -4.105  -7.366  4.868   1.00 23.76  ? 27  LEU B CG  1 
ATOM   629 C CD1 . LEU B 1 27 ? -2.599  -7.569  4.890   1.00 28.17  ? 27  LEU B CD1 1 
ATOM   630 C CD2 . LEU B 1 27 ? -4.490  -6.117  5.654   1.00 22.36  ? 27  LEU B CD2 1 
ATOM   631 N N   . LEU B 1 28 ? -6.468  -7.535  0.892   1.00 17.77  ? 28  LEU B N   1 
ATOM   632 C CA  . LEU B 1 28 ? -7.028  -6.975  -0.347  1.00 18.53  ? 28  LEU B CA  1 
ATOM   633 C C   . LEU B 1 28 ? -8.563  -6.831  -0.252  1.00 18.18  ? 28  LEU B C   1 
ATOM   634 O O   . LEU B 1 28 ? -9.146  -5.813  -0.676  1.00 17.88  ? 28  LEU B O   1 
ATOM   635 C CB  . LEU B 1 28 ? -6.601  -7.825  -1.540  1.00 17.30  ? 28  LEU B CB  1 
ATOM   636 C CG  . LEU B 1 28 ? -7.287  -7.429  -2.856  1.00 18.63  ? 28  LEU B CG  1 
ATOM   637 C CD1 . LEU B 1 28 ? -7.116  -5.940  -3.167  1.00 17.29  ? 28  LEU B CD1 1 
ATOM   638 C CD2 . LEU B 1 28 ? -6.686  -8.277  -3.935  1.00 23.48  ? 28  LEU B CD2 1 
ATOM   639 N N   . ARG B 1 29 ? -9.206  -7.822  0.359   1.00 18.04  ? 29  ARG B N   1 
ATOM   640 C CA  . ARG B 1 29 ? -10.645 -7.807  0.578   1.00 19.34  ? 29  ARG B CA  1 
ATOM   641 C C   . ARG B 1 29 ? -11.041 -6.601  1.425   1.00 18.35  ? 29  ARG B C   1 
ATOM   642 O O   . ARG B 1 29 ? -12.028 -5.937  1.104   1.00 19.56  ? 29  ARG B O   1 
ATOM   643 C CB  . ARG B 1 29 ? -11.101 -9.125  1.192   1.00 19.32  ? 29  ARG B CB  1 
ATOM   644 C CG  . ARG B 1 29 ? -12.548 -9.198  1.525   1.00 32.58  ? 29  ARG B CG  1 
ATOM   645 C CD  . ARG B 1 29 ? -12.924 -10.603 1.927   1.00 43.29  ? 29  ARG B CD  1 
ATOM   646 N NE  . ARG B 1 29 ? -12.806 -10.803 3.366   1.00 52.22  ? 29  ARG B NE  1 
ATOM   647 C CZ  . ARG B 1 29 ? -11.967 -11.656 3.944   1.00 55.94  ? 29  ARG B CZ  1 
ATOM   648 N NH1 . ARG B 1 29 ? -11.149 -12.405 3.205   1.00 53.85  ? 29  ARG B NH1 1 
ATOM   649 N NH2 . ARG B 1 29 ? -11.953 -11.758 5.264   1.00 50.48  ? 29  ARG B NH2 1 
ATOM   650 N N   . CYS B 1 30 ? -10.244 -6.258  2.431   1.00 18.51  ? 30  CYS B N   1 
ATOM   651 C CA  . CYS B 1 30 ? -10.496 -5.074  3.237   1.00 24.65  ? 30  CYS B CA  1 
ATOM   652 C C   . CYS B 1 30 ? -10.512 -3.822  2.364   1.00 22.59  ? 30  CYS B C   1 
ATOM   653 O O   . CYS B 1 30 ? -11.381 -2.977  2.518   1.00 21.06  ? 30  CYS B O   1 
ATOM   654 C CB  . CYS B 1 30 ? -9.459  -4.964  4.364   1.00 23.25  ? 30  CYS B CB  1 
ATOM   655 S SG  . CYS B 1 30 ? -9.781  -6.108  5.769   1.00 28.24  ? 30  CYS B SG  1 
ATOM   656 N N   . GLU B 1 31 ? -9.599  -3.731  1.404   1.00 18.57  ? 31  GLU B N   1 
ATOM   657 C CA  . GLU B 1 31 ? -9.477  -2.551  0.550   1.00 22.16  ? 31  GLU B CA  1 
ATOM   658 C C   . GLU B 1 31 ? -10.560 -2.568  -0.523  1.00 20.68  ? 31  GLU B C   1 
ATOM   659 O O   . GLU B 1 31 ? -11.116 -1.526  -0.859  1.00 20.74  ? 31  GLU B O   1 
ATOM   660 C CB  . GLU B 1 31 ? -8.085  -2.497  -0.087  1.00 21.21  ? 31  GLU B CB  1 
ATOM   661 C CG  . GLU B 1 31 ? -6.942  -2.373  0.912   1.00 25.48  ? 31  GLU B CG  1 
ATOM   662 C CD  . GLU B 1 31 ? -6.827  -1.006  1.553   1.00 31.13  ? 31  GLU B CD  1 
ATOM   663 O OE1 . GLU B 1 31 ? -6.651  -0.009  0.815   1.00 34.93  ? 31  GLU B OE1 1 
ATOM   664 O OE2 . GLU B 1 31 ? -6.853  -0.938  2.804   1.00 38.89  ? 31  GLU B OE2 1 
ATOM   665 N N   . ILE B 1 32 ? -10.863 -3.733  -1.076  1.00 18.26  ? 32  ILE B N   1 
ATOM   666 C CA  . ILE B 1 32 ? -11.981 -3.860  -2.006  1.00 21.38  ? 32  ILE B CA  1 
ATOM   667 C C   . ILE B 1 32 ? -13.294 -3.356  -1.407  1.00 21.99  ? 32  ILE B C   1 
ATOM   668 O O   . ILE B 1 32 ? -14.084 -2.639  -2.064  1.00 23.23  ? 32  ILE B O   1 
ATOM   669 C CB  . ILE B 1 32 ? -12.123 -5.307  -2.475  1.00 18.57  ? 32  ILE B CB  1 
ATOM   670 C CG1 . ILE B 1 32 ? -11.015 -5.632  -3.448  1.00 19.25  ? 32  ILE B CG1 1 
ATOM   671 C CG2 . ILE B 1 32 ? -13.455 -5.527  -3.199  1.00 21.69  ? 32  ILE B CG2 1 
ATOM   672 C CD1 . ILE B 1 32 ? -10.863 -7.127  -3.734  1.00 20.20  ? 32  ILE B CD1 1 
ATOM   673 N N   . ASN B 1 33 ? -13.535 -3.695  -0.151  1.00 19.08  ? 33  ASN B N   1 
ATOM   674 C CA  . ASN B 1 33 ? -14.809 -3.367  0.504   1.00 23.86  ? 33  ASN B CA  1 
ATOM   675 C C   . ASN B 1 33 ? -14.917 -1.958  1.068   1.00 29.16  ? 33  ASN B C   1 
ATOM   676 O O   . ASN B 1 33 ? -15.942 -1.588  1.622   1.00 42.33  ? 33  ASN B O   1 
ATOM   677 C CB  . ASN B 1 33 ? -15.156 -4.400  1.561   1.00 23.01  ? 33  ASN B CB  1 
ATOM   678 C CG  . ASN B 1 33 ? -15.477 -5.721  0.955   1.00 26.77  ? 33  ASN B CG  1 
ATOM   679 O OD1 . ASN B 1 33 ? -16.038 -5.769  -0.134  1.00 32.73  ? 33  ASN B OD1 1 
ATOM   680 N ND2 . ASN B 1 33 ? -15.107 -6.808  1.619   1.00 36.26  ? 33  ASN B ND2 1 
ATOM   681 N N   . SER B 1 34 ? -13.872 -1.176  0.878   1.00 25.38  ? 34  SER B N   1 
ATOM   682 C CA  . SER B 1 34 ? -13.796 0.179   1.394   1.00 25.38  ? 34  SER B CA  1 
ATOM   683 C C   . SER B 1 34 ? -14.415 1.128   0.373   1.00 26.81  ? 34  SER B C   1 
ATOM   684 O O   . SER B 1 34 ? -14.572 0.798   -0.808  1.00 23.42  ? 34  SER B O   1 
ATOM   685 C CB  . SER B 1 34 ? -12.337 0.569   1.628   1.00 30.23  ? 34  SER B CB  1 
ATOM   686 O OG  . SER B 1 34 ? -11.684 0.748   0.386   1.00 21.34  ? 34  SER B OG  1 
ATOM   687 N N   . ASP B 1 35 ? -14.791 2.303   0.845   1.00 26.00  ? 35  ASP B N   1 
ATOM   688 C CA  . ASP B 1 35 ? -15.379 3.292   -0.042  1.00 25.53  ? 35  ASP B CA  1 
ATOM   689 C C   . ASP B 1 35 ? -14.410 3.638   -1.174  1.00 23.60  ? 35  ASP B C   1 
ATOM   690 O O   . ASP B 1 35 ? -14.805 3.809   -2.336  1.00 24.45  ? 35  ASP B O   1 
ATOM   691 C CB  . ASP B 1 35 ? -15.695 4.555   0.761   1.00 30.74  ? 35  ASP B CB  1 
ATOM   692 C CG  . ASP B 1 35 ? -16.908 4.394   1.649   1.00 36.15  ? 35  ASP B CG  1 
ATOM   693 O OD1 . ASP B 1 35 ? -17.568 3.342   1.577   1.00 35.97  ? 35  ASP B OD1 1 
ATOM   694 O OD2 . ASP B 1 35 ? -17.211 5.339   2.407   1.00 49.78  ? 35  ASP B OD2 1 
ATOM   695 N N   . LEU B 1 36 ? -13.143 3.755   -0.821  1.00 22.42  ? 36  LEU B N   1 
ATOM   696 C CA  . LEU B 1 36 ? -12.114 4.053   -1.796  1.00 24.38  ? 36  LEU B CA  1 
ATOM   697 C C   . LEU B 1 36 ? -11.907 2.913   -2.790  1.00 24.48  ? 36  LEU B C   1 
ATOM   698 O O   . LEU B 1 36 ? -11.708 3.139   -3.978  1.00 25.43  ? 36  LEU B O   1 
ATOM   699 C CB  . LEU B 1 36 ? -10.785 4.395   -1.097  1.00 21.36  ? 36  LEU B CB  1 
ATOM   700 C CG  . LEU B 1 36 ? -9.748  5.151   -1.945  1.00 35.90  ? 36  LEU B CG  1 
ATOM   701 C CD1 . LEU B 1 36 ? -10.330 6.485   -2.396  1.00 34.23  ? 36  LEU B CD1 1 
ATOM   702 C CD2 . LEU B 1 36 ? -8.435  5.399   -1.198  1.00 35.13  ? 36  LEU B CD2 1 
ATOM   703 N N   . GLY B 1 37 ? -11.912 1.674   -2.309  1.00 19.13  ? 37  GLY B N   1 
ATOM   704 C CA  . GLY B 1 37 ? -11.777 0.552   -3.212  1.00 19.89  ? 37  GLY B CA  1 
ATOM   705 C C   . GLY B 1 37 ? -12.953 0.507   -4.180  1.00 19.56  ? 37  GLY B C   1 
ATOM   706 O O   . GLY B 1 37 ? -12.760 0.347   -5.385  1.00 22.20  ? 37  GLY B O   1 
ATOM   707 N N   . ARG B 1 38 ? -14.164 0.661   -3.656  1.00 23.13  ? 38  ARG B N   1 
ATOM   708 C CA  . ARG B 1 38 ? -15.360 0.637   -4.506  1.00 24.53  ? 38  ARG B CA  1 
ATOM   709 C C   . ARG B 1 38 ? -15.357 1.784   -5.495  1.00 23.01  ? 38  ARG B C   1 
ATOM   710 O O   . ARG B 1 38 ? -15.616 1.582   -6.673  1.00 24.63  ? 38  ARG B O   1 
ATOM   711 C CB  . ARG B 1 38 ? -16.646 0.656   -3.685  1.00 25.84  ? 38  ARG B CB  1 
ATOM   712 C CG  . ARG B 1 38 ? -16.901 -0.633  -2.906  1.00 27.11  ? 38  ARG B CG  1 
ATOM   713 C CD  . ARG B 1 38 ? -18.304 -0.661  -2.335  1.00 41.53  ? 38  ARG B CD  1 
ATOM   714 N NE  . ARG B 1 38 ? -18.407 -1.285  -1.015  1.00 46.81  ? 38  ARG B NE  1 
ATOM   715 C CZ  . ARG B 1 38 ? -18.217 -2.583  -0.768  1.00 63.80  ? 38  ARG B CZ  1 
ATOM   716 N NH1 . ARG B 1 38 ? -18.353 -3.046  0.468   1.00 70.13  ? 38  ARG B NH1 1 
ATOM   717 N NH2 . ARG B 1 38 ? -17.888 -3.420  -1.747  1.00 71.73  ? 38  ARG B NH2 1 
ATOM   718 N N   . ALA B 1 39 ? -14.980 2.959   -5.034  1.00 20.83  ? 39  ALA B N   1 
ATOM   719 C CA  . ALA B 1 39 ? -14.961 4.115   -5.942  1.00 25.30  ? 39  ALA B CA  1 
ATOM   720 C C   . ALA B 1 39 ? -13.962 3.864   -7.069  1.00 29.79  ? 39  ALA B C   1 
ATOM   721 O O   . ALA B 1 39 ? -14.138 4.337   -8.194  1.00 30.47  ? 39  ALA B O   1 
ATOM   722 C CB  . ALA B 1 39 ? -14.648 5.392   -5.199  1.00 29.07  ? 39  ALA B CB  1 
ATOM   723 N N   . ASN B 1 40 ? -12.942 3.073   -6.783  1.00 27.07  ? 40  ASN B N   1 
ATOM   724 C CA  . ASN B 1 40 ? -11.916 2.781   -7.757  1.00 25.70  ? 40  ASN B CA  1 
ATOM   725 C C   . ASN B 1 40 ? -12.063 1.440   -8.487  1.00 25.27  ? 40  ASN B C   1 
ATOM   726 O O   . ASN B 1 40 ? -11.164 1.054   -9.228  1.00 25.54  ? 40  ASN B O   1 
ATOM   727 C CB  . ASN B 1 40 ? -10.549 2.877   -7.088  1.00 27.90  ? 40  ASN B CB  1 
ATOM   728 C CG  . ASN B 1 40 ? -10.133 4.323   -6.833  1.00 34.53  ? 40  ASN B CG  1 
ATOM   729 O OD1 . ASN B 1 40 ? -9.779  5.038   -7.771  1.00 38.54  ? 40  ASN B OD1 1 
ATOM   730 N ND2 . ASN B 1 40 ? -10.189 4.763   -5.568  1.00 28.75  ? 40  ASN B ND2 1 
ATOM   731 N N   . ASN B 1 41 ? -13.170 0.736   -8.258  1.00 23.18  ? 41  ASN B N   1 
ATOM   732 C CA  . ASN B 1 41 ? -13.444 -0.585  -8.833  1.00 23.04  ? 41  ASN B CA  1 
ATOM   733 C C   . ASN B 1 41 ? -12.331 -1.626  -8.580  1.00 23.03  ? 41  ASN B C   1 
ATOM   734 O O   . ASN B 1 41 ? -12.007 -2.437  -9.449  1.00 24.53  ? 41  ASN B O   1 
ATOM   735 C CB  . ASN B 1 41 ? -13.720 -0.510  -10.322 1.00 33.74  ? 41  ASN B CB  1 
ATOM   736 C CG  . ASN B 1 41 ? -14.757 -1.516  -10.759 1.00 56.30  ? 41  ASN B CG  1 
ATOM   737 O OD1 . ASN B 1 41 ? -15.959 -1.253  -10.678 1.00 69.58  ? 41  ASN B OD1 1 
ATOM   738 N ND2 . ASN B 1 41 ? -14.301 -2.684  -11.211 1.00 62.74  ? 41  ASN B ND2 1 
ATOM   739 N N   . LEU B 1 42 ? -11.773 -1.595  -7.389  1.00 20.23  ? 42  LEU B N   1 
ATOM   740 C CA  . LEU B 1 42 ? -10.652 -2.470  -7.020  1.00 17.83  ? 42  LEU B CA  1 
ATOM   741 C C   . LEU B 1 42 ? -11.101 -3.928  -6.986  1.00 16.87  ? 42  LEU B C   1 
ATOM   742 O O   . LEU B 1 42 ? -12.095 -4.293  -6.347  1.00 19.76  ? 42  LEU B O   1 
ATOM   743 C CB  . LEU B 1 42 ? -10.076 -2.038  -5.679  1.00 17.08  ? 42  LEU B CB  1 
ATOM   744 C CG  . LEU B 1 42 ? -8.830  -2.787  -5.211  1.00 16.36  ? 42  LEU B CG  1 
ATOM   745 C CD1 . LEU B 1 42 ? -7.701  -2.508  -6.158  1.00 21.02  ? 42  LEU B CD1 1 
ATOM   746 C CD2 . LEU B 1 42 ? -8.473  -2.316  -3.829  1.00 18.59  ? 42  LEU B CD2 1 
ATOM   747 N N   . ARG B 1 43 ? -10.322 -4.788  -7.632  1.00 21.60  ? 43  ARG B N   1 
ATOM   748 C CA  . ARG B 1 43 ? -10.602 -6.217  -7.555  1.00 19.90  ? 43  ARG B CA  1 
ATOM   749 C C   . ARG B 1 43 ? -9.302  -6.974  -7.553  1.00 17.17  ? 43  ARG B C   1 
ATOM   750 O O   . ARG B 1 43 ? -8.269  -6.405  -7.866  1.00 17.67  ? 43  ARG B O   1 
ATOM   751 C CB  . ARG B 1 43 ? -11.467 -6.695  -8.707  1.00 22.30  ? 43  ARG B CB  1 
ATOM   752 C CG  . ARG B 1 43 ? -10.894 -6.364  -10.057 1.00 21.94  ? 43  ARG B CG  1 
ATOM   753 C CD  . ARG B 1 43 ? -11.883 -6.752  -11.168 1.00 30.78  ? 43  ARG B CD  1 
ATOM   754 N NE  . ARG B 1 43 ? -12.003 -8.209  -11.201 1.00 35.08  ? 43  ARG B NE  1 
ATOM   755 C CZ  . ARG B 1 43 ? -11.206 -9.011  -11.909 1.00 36.51  ? 43  ARG B CZ  1 
ATOM   756 N NH1 . ARG B 1 43 ? -10.252 -8.502  -12.681 1.00 35.04  ? 43  ARG B NH1 1 
ATOM   757 N NH2 . ARG B 1 43 ? -11.375 -10.321 -11.853 1.00 32.02  ? 43  ARG B NH2 1 
ATOM   758 N N   . LYS B 1 44 ? -9.356  -8.242  -7.149  1.00 19.78  ? 44  LYS B N   1 
ATOM   759 C CA  . LYS B 1 44 ? -8.192  -9.113  -7.288  1.00 19.59  ? 44  LYS B CA  1 
ATOM   760 C C   . LYS B 1 44 ? -7.990  -9.542  -8.751  1.00 18.86  ? 44  LYS B C   1 
ATOM   761 O O   . LYS B 1 44 ? -8.946  -9.946  -9.411  1.00 18.44  ? 44  LYS B O   1 
ATOM   762 C CB  . LYS B 1 44 ? -8.305  -10.350 -6.372  1.00 18.39  ? 44  LYS B CB  1 
ATOM   763 C CG  . LYS B 1 44 ? -7.080  -11.238 -6.473  1.00 15.75  ? 44  LYS B CG  1 
ATOM   764 C CD  . LYS B 1 44 ? -7.026  -12.330 -5.459  1.00 21.22  ? 44  LYS B CD  1 
ATOM   765 C CE  . LYS B 1 44 ? -8.180  -13.261 -5.613  1.00 19.53  ? 44  LYS B CE  1 
ATOM   766 N NZ  . LYS B 1 44 ? -7.940  -14.433 -4.682  1.00 22.28  ? 44  LYS B NZ  1 
ATOM   767 N N   . ILE B 1 45 ? -6.750  -9.487  -9.233  1.00 17.57  ? 45  ILE B N   1 
ATOM   768 C CA  . ILE B 1 45 ? -6.410  -9.990  -10.567 1.00 15.35  ? 45  ILE B CA  1 
ATOM   769 C C   . ILE B 1 45 ? -5.504  -11.238 -10.584 1.00 15.05  ? 45  ILE B C   1 
ATOM   770 O O   . ILE B 1 45 ? -5.411  -11.881 -11.643 1.00 18.10  ? 45  ILE B O   1 
ATOM   771 C CB  . ILE B 1 45 ? -5.820  -8.937  -11.492 1.00 15.70  ? 45  ILE B CB  1 
ATOM   772 C CG1 . ILE B 1 45 ? -4.391  -8.527  -11.053 1.00 18.13  ? 45  ILE B CG1 1 
ATOM   773 C CG2 . ILE B 1 45 ? -6.791  -7.774  -11.626 1.00 19.62  ? 45  ILE B CG2 1 
ATOM   774 C CD1 . ILE B 1 45 ? -3.673  -7.654  -12.103 1.00 20.09  ? 45  ILE B CD1 1 
ATOM   775 N N   . ALA B 1 46 ? -4.852  -11.604 -9.463  1.00 15.91  ? 46  ALA B N   1 
ATOM   776 C CA  . ALA B 1 46 ? -4.051  -12.812 -9.462  1.00 15.84  ? 46  ALA B CA  1 
ATOM   777 C C   . ALA B 1 46 ? -3.752  -13.251 -8.042  1.00 16.29  ? 46  ALA B C   1 
ATOM   778 O O   . ALA B 1 46 ? -3.715  -12.432 -7.126  1.00 18.13  ? 46  ALA B O   1 
ATOM   779 C CB  . ALA B 1 46 ? -2.744  -12.537 -10.138 1.00 19.12  ? 46  ALA B CB  1 
ATOM   780 N N   . ASP B 1 47 ? -3.495  -14.545 -7.912  1.00 17.01  ? 47  ASP B N   1 
ATOM   781 C CA  . ASP B 1 47 ? -3.198  -15.185 -6.637  1.00 18.26  ? 47  ASP B CA  1 
ATOM   782 C C   . ASP B 1 47 ? -1.677  -15.260 -6.476  1.00 19.13  ? 47  ASP B C   1 
ATOM   783 O O   . ASP B 1 47 ? -1.122  -16.327 -6.135  1.00 19.91  ? 47  ASP B O   1 
ATOM   784 C CB  . ASP B 1 47 ? -3.791  -16.604 -6.671  1.00 17.24  ? 47  ASP B CB  1 
ATOM   785 C CG  . ASP B 1 47 ? -5.305  -16.590 -6.650  1.00 19.47  ? 47  ASP B CG  1 
ATOM   786 O OD1 . ASP B 1 47 ? -5.843  -15.895 -5.748  1.00 20.17  ? 47  ASP B OD1 1 
ATOM   787 O OD2 . ASP B 1 47 ? -5.920  -17.270 -7.512  1.00 20.45  ? 47  ASP B OD2 1 
ATOM   788 N N   . GLN B 1 48 ? -0.998  -14.151 -6.764  1.00 15.62  ? 48  GLN B N   1 
ATOM   789 C CA  . GLN B 1 48 ? 0.454   -14.010 -6.623  1.00 16.89  ? 48  GLN B CA  1 
ATOM   790 C C   . GLN B 1 48 ? 0.796   -12.525 -6.536  1.00 22.29  ? 48  GLN B C   1 
ATOM   791 O O   . GLN B 1 48 ? -0.056  -11.662 -6.785  1.00 20.02  ? 48  GLN B O   1 
ATOM   792 C CB  . GLN B 1 48 ? 1.210   -14.663 -7.775  1.00 21.03  ? 48  GLN B CB  1 
ATOM   793 C CG  . GLN B 1 48 ? 0.921   -14.133 -9.174  1.00 24.74  ? 48  GLN B CG  1 
ATOM   794 C CD  . GLN B 1 48 ? 1.622   -14.929 -10.272 1.00 38.54  ? 48  GLN B CD  1 
ATOM   795 O OE1 . GLN B 1 48 ? 2.841   -14.834 -10.448 1.00 38.32  ? 48  GLN B OE1 1 
ATOM   796 N NE2 . GLN B 1 48 ? 0.850   -15.713 -11.025 1.00 29.04  ? 48  GLN B NE2 1 
ATOM   797 N N   . ALA B 1 49 ? 2.030   -12.194 -6.183  1.00 19.69  ? 49  ALA B N   1 
ATOM   798 C CA  . ALA B 1 49 ? 2.445   -10.828 -6.180  1.00 17.58  ? 49  ALA B CA  1 
ATOM   799 C C   . ALA B 1 49 ? 2.410   -10.270 -7.603  1.00 21.77  ? 49  ALA B C   1 
ATOM   800 O O   . ALA B 1 49 ? 2.440   -11.017 -8.569  1.00 22.52  ? 49  ALA B O   1 
ATOM   801 C CB  . ALA B 1 49 ? 3.840   -10.723 -5.593  1.00 18.07  ? 49  ALA B CB  1 
ATOM   802 N N   . CYS B 1 50 ? 2.331   -8.948  -7.723  1.00 20.54  ? 50  CYS B N   1 
ATOM   803 C CA  . CYS B 1 50 ? 2.168   -8.322  -9.030  1.00 22.67  ? 50  CYS B CA  1 
ATOM   804 C C   . CYS B 1 50 ? 3.395   -8.465  -9.928  1.00 23.47  ? 50  CYS B C   1 
ATOM   805 O O   . CYS B 1 50 ? 3.282   -8.388  -11.137 1.00 22.49  ? 50  CYS B O   1 
ATOM   806 C CB  . CYS B 1 50 ? 1.811   -6.841  -8.877  1.00 24.28  ? 50  CYS B CB  1 
ATOM   807 S SG  . CYS B 1 50 ? 0.251   -6.506  -8.039  1.00 20.96  ? 50  CYS B SG  1 
ATOM   808 N N   . ASP B 1 51 ? 4.561   -8.671  -9.331  1.00 24.36  ? 51  ASP B N   1 
ATOM   809 C CA  . ASP B 1 51 ? 5.823   -8.570  -10.058 1.00 31.41  ? 51  ASP B CA  1 
ATOM   810 C C   . ASP B 1 51 ? 5.904   -9.334  -11.386 1.00 30.18  ? 51  ASP B C   1 
ATOM   811 O O   . ASP B 1 51 ? 6.263   -8.754  -12.401 1.00 27.99  ? 51  ASP B O   1 
ATOM   812 C CB  . ASP B 1 51 ? 6.979   -8.983  -9.146  1.00 31.33  ? 51  ASP B CB  1 
ATOM   813 C CG  . ASP B 1 51 ? 6.975   -8.239  -7.816  1.00 51.07  ? 51  ASP B CG  1 
ATOM   814 O OD1 . ASP B 1 51 ? 6.124   -8.553  -6.951  1.00 36.07  ? 51  ASP B OD1 1 
ATOM   815 O OD2 . ASP B 1 51 ? 7.835   -7.350  -7.625  1.00 56.69  ? 51  ASP B OD2 1 
ATOM   816 N N   . ASN B 1 52 ? 5.558   -10.619 -11.399 1.00 27.01  ? 52  ASN B N   1 
ATOM   817 C CA  . ASN B 1 52 ? 5.673   -11.388 -12.641 1.00 38.48  ? 52  ASN B CA  1 
ATOM   818 C C   . ASN B 1 52 ? 4.509   -11.223 -13.612 1.00 28.81  ? 52  ASN B C   1 
ATOM   819 O O   . ASN B 1 52 ? 4.492   -11.845 -14.678 1.00 26.35  ? 52  ASN B O   1 
ATOM   820 C CB  . ASN B 1 52 ? 5.888   -12.871 -12.353 1.00 44.50  ? 52  ASN B CB  1 
ATOM   821 C CG  . ASN B 1 52 ? 7.329   -13.191 -12.018 1.00 53.63  ? 52  ASN B CG  1 
ATOM   822 O OD1 . ASN B 1 52 ? 8.222   -13.072 -12.864 1.00 49.74  ? 52  ASN B OD1 1 
ATOM   823 N ND2 . ASN B 1 52 ? 7.565   -13.602 -10.779 1.00 39.63  ? 52  ASN B ND2 1 
ATOM   824 N N   . LEU B 1 53 ? 3.554   -10.363 -13.272 1.00 25.34  ? 53  LEU B N   1 
ATOM   825 C CA  . LEU B 1 53 ? 2.347   -10.240 -14.088 1.00 19.50  ? 53  LEU B CA  1 
ATOM   826 C C   . LEU B 1 53 ? 2.536   -9.249  -15.222 1.00 24.58  ? 53  LEU B C   1 
ATOM   827 O O   . LEU B 1 53 ? 1.631   -9.056  -16.036 1.00 39.23  ? 53  LEU B O   1 
ATOM   828 C CB  . LEU B 1 53 ? 1.148   -9.824  -13.220 1.00 20.58  ? 53  LEU B CB  1 
ATOM   829 C CG  . LEU B 1 53 ? 0.795   -10.803 -12.098 1.00 24.62  ? 53  LEU B CG  1 
ATOM   830 C CD1 . LEU B 1 53 ? -0.463  -10.357 -11.398 1.00 28.05  ? 53  LEU B CD1 1 
ATOM   831 C CD2 . LEU B 1 53 ? 0.670   -12.256 -12.574 1.00 23.97  ? 53  LEU B CD2 1 
ATOM   832 N N   . THR B 1 54 ? 3.709   -8.630  -15.264 1.00 37.75  ? 54  THR B N   1 
ATOM   833 C CA  . THR B 1 54 ? 3.960   -7.525  -16.178 1.00 55.70  ? 54  THR B CA  1 
ATOM   834 C C   . THR B 1 54 ? 5.426   -7.489  -16.593 1.00 56.59  ? 54  THR B C   1 
ATOM   835 O O   . THR B 1 54 ? 5.748   -7.692  -17.759 1.00 68.28  ? 54  THR B O   1 
ATOM   836 C CB  . THR B 1 54 ? 3.581   -6.181  -15.525 1.00 64.39  ? 54  THR B CB  1 
ATOM   837 O OG1 . THR B 1 54 ? 3.681   -5.132  -16.491 1.00 77.79  ? 54  THR B OG1 1 
ATOM   838 C CG2 . THR B 1 54 ? 4.503   -5.879  -14.357 1.00 69.06  ? 54  THR B CG2 1 
HETATM 839 O O   . HOH C 2 .  ? 17.203  10.443  3.662   1.00 33.45  ? 101 HOH A O   1 
HETATM 840 O O   . HOH C 2 .  ? 10.662  18.322  2.955   1.00 34.57  ? 102 HOH A O   1 
HETATM 841 O O   . HOH C 2 .  ? 12.415  16.069  -0.231  1.00 36.55  ? 103 HOH A O   1 
HETATM 842 O O   . HOH C 2 .  ? 7.792   16.598  4.918   1.00 35.75  ? 104 HOH A O   1 
HETATM 843 O O   . HOH C 2 .  ? -5.656  -1.753  16.769  1.00 43.34  ? 105 HOH A O   1 
HETATM 844 O O   . HOH C 2 .  ? 23.346  4.061   1.071   1.00 23.22  ? 106 HOH A O   1 
HETATM 845 O O   . HOH C 2 .  ? -6.383  6.483   5.594   1.00 28.16  ? 107 HOH A O   1 
HETATM 846 O O   . HOH C 2 .  ? -4.725  -3.827  8.950   1.00 32.70  ? 108 HOH A O   1 
HETATM 847 O O   . HOH C 2 .  ? -5.850  7.138   -0.032  1.00 29.67  ? 109 HOH A O   1 
HETATM 848 O O   . HOH C 2 .  ? 11.304  14.735  -2.283  1.00 27.05  ? 110 HOH A O   1 
HETATM 849 O O   . HOH C 2 .  ? 20.807  9.850   -0.880  1.00 23.52  ? 111 HOH A O   1 
HETATM 850 O O   . HOH C 2 .  ? 10.102  15.195  0.186   1.00 42.33  ? 112 HOH A O   1 
HETATM 851 O O   . HOH C 2 .  ? 19.828  -5.043  7.556   1.00 36.16  ? 113 HOH A O   1 
HETATM 852 O O   . HOH C 2 .  ? 1.594   14.591  -6.918  1.00 31.09  ? 114 HOH A O   1 
HETATM 853 O O   . HOH C 2 .  ? 5.077   18.023  3.578   1.00 32.36  ? 115 HOH A O   1 
HETATM 854 O O   . HOH C 2 .  ? -2.736  1.126   -1.494  1.00 35.48  ? 116 HOH A O   1 
HETATM 855 O O   . HOH C 2 .  ? 4.317   11.919  6.280   1.00 22.64  ? 117 HOH A O   1 
HETATM 856 O O   . HOH C 2 .  ? 5.461   15.603  0.850   1.00 25.64  ? 118 HOH A O   1 
HETATM 857 O O   . HOH C 2 .  ? 0.883   1.735   9.695   0.58 23.94  ? 119 HOH A O   1 
HETATM 858 O O   . HOH C 2 .  ? 13.025  12.908  -3.765  1.00 25.55  ? 120 HOH A O   1 
HETATM 859 O O   . HOH C 2 .  ? 7.754   16.334  2.308   1.00 43.83  ? 121 HOH A O   1 
HETATM 860 O O   . HOH C 2 .  ? 15.189  12.173  4.749   1.00 24.29  ? 122 HOH A O   1 
HETATM 861 O O   . HOH C 2 .  ? 2.236   18.080  -9.063  1.00 28.99  ? 123 HOH A O   1 
HETATM 862 O O   . HOH C 2 .  ? 28.210  -4.993  1.683   1.00 41.48  ? 124 HOH A O   1 
HETATM 863 O O   . HOH C 2 .  ? -1.017  16.592  -0.726  1.00 21.22  ? 125 HOH A O   1 
HETATM 864 O O   . HOH C 2 .  ? 2.022   8.067   -4.562  1.00 23.78  ? 126 HOH A O   1 
HETATM 865 O O   . HOH C 2 .  ? 6.705   1.320   12.436  1.00 34.56  ? 127 HOH A O   1 
HETATM 866 O O   . HOH C 2 .  ? -3.418  12.316  4.825   1.00 23.79  ? 128 HOH A O   1 
HETATM 867 O O   . HOH C 2 .  ? 1.147   16.383  1.099   1.00 18.44  ? 129 HOH A O   1 
HETATM 868 O O   . HOH C 2 .  ? 16.444  14.224  -2.392  1.00 41.04  ? 130 HOH A O   1 
HETATM 869 O O   . HOH C 2 .  ? 2.561   -1.576  2.683   1.00 41.86  ? 131 HOH A O   1 
HETATM 870 O O   . HOH C 2 .  ? 0.135   -8.504  7.288   1.00 43.25  ? 132 HOH A O   1 
HETATM 871 O O   . HOH C 2 .  ? -6.781  13.262  3.638   1.00 50.18  ? 133 HOH A O   1 
HETATM 872 O O   . HOH C 2 .  ? -4.392  10.373  7.164   1.00 39.98  ? 134 HOH A O   1 
HETATM 873 O O   . HOH C 2 .  ? 17.054  8.496   6.202   1.00 43.13  ? 135 HOH A O   1 
HETATM 874 O O   . HOH C 2 .  ? 3.851   17.460  1.209   1.00 28.86  ? 136 HOH A O   1 
HETATM 875 O O   . HOH C 2 .  ? 15.408  6.287   9.594   1.00 56.59  ? 137 HOH A O   1 
HETATM 876 O O   . HOH C 2 .  ? 2.042   15.285  -9.390  1.00 29.02  ? 138 HOH A O   1 
HETATM 877 O O   . HOH C 2 .  ? -2.225  14.560  5.367   1.00 33.29  ? 139 HOH A O   1 
HETATM 878 O O   . HOH C 2 .  ? 1.932   -0.808  -3.181  0.69 35.63  ? 140 HOH A O   1 
HETATM 879 O O   . HOH D 2 .  ? 2.450   -6.584  0.212   1.00 38.43  ? 101 HOH B O   1 
HETATM 880 O O   . HOH D 2 .  ? 5.030   -6.731  -5.712  1.00 42.84  ? 102 HOH B O   1 
HETATM 881 O O   . HOH D 2 .  ? -15.451 6.215   -9.234  1.00 35.09  ? 103 HOH B O   1 
HETATM 882 O O   . HOH D 2 .  ? -5.371  -0.129  -1.358  1.00 26.72  ? 104 HOH B O   1 
HETATM 883 O O   . HOH D 2 .  ? -8.740  -1.018  -10.035 1.00 28.77  ? 105 HOH B O   1 
HETATM 884 O O   . HOH D 2 .  ? -11.868 1.390   12.628  1.00 31.32  ? 106 HOH B O   1 
HETATM 885 O O   . HOH D 2 .  ? -9.397  -12.540 -9.610  1.00 36.78  ? 107 HOH B O   1 
HETATM 886 O O   . HOH D 2 .  ? -4.696  -16.153 -3.301  1.00 19.11  ? 108 HOH B O   1 
HETATM 887 O O   . HOH D 2 .  ? -3.518  -10.972 12.522  1.00 26.56  ? 109 HOH B O   1 
HETATM 888 O O   . HOH D 2 .  ? -3.576  -14.767 0.251   1.00 19.50  ? 110 HOH B O   1 
HETATM 889 O O   . HOH D 2 .  ? -17.774 8.009   2.689   1.00 65.53  ? 111 HOH B O   1 
HETATM 890 O O   . HOH D 2 .  ? 4.018   -11.535 8.195   1.00 40.56  ? 112 HOH B O   1 
HETATM 891 O O   . HOH D 2 .  ? -8.808  -10.976 -1.936  1.00 24.04  ? 113 HOH B O   1 
HETATM 892 O O   . HOH D 2 .  ? -8.258  -15.801 -7.660  1.00 27.43  ? 114 HOH B O   1 
HETATM 893 O O   . HOH D 2 .  ? 1.659   -10.208 6.164   1.00 32.29  ? 115 HOH B O   1 
HETATM 894 O O   . HOH D 2 .  ? -4.495  -17.147 -9.886  1.00 38.05  ? 116 HOH B O   1 
HETATM 895 O O   . HOH D 2 .  ? -2.330  -8.546  8.398   1.00 33.85  ? 117 HOH B O   1 
HETATM 896 O O   . HOH D 2 .  ? 4.829   -12.505 -9.479  1.00 36.66  ? 118 HOH B O   1 
HETATM 897 O O   . HOH D 2 .  ? 3.910   -15.599 6.357   1.00 28.92  ? 119 HOH B O   1 
HETATM 898 O O   . HOH D 2 .  ? -10.467 -15.555 -4.248  1.00 28.69  ? 120 HOH B O   1 
HETATM 899 O O   . HOH D 2 .  ? -0.839  -18.592 -7.776  1.00 33.10  ? 121 HOH B O   1 
HETATM 900 O O   . HOH D 2 .  ? -12.345 4.055   1.877   1.00 29.86  ? 122 HOH B O   1 
HETATM 901 O O   . HOH D 2 .  ? 3.840   -14.261 -5.402  1.00 26.06  ? 123 HOH B O   1 
HETATM 902 O O   . HOH D 2 .  ? -14.385 -5.898  -6.934  1.00 35.58  ? 124 HOH B O   1 
HETATM 903 O O   . HOH D 2 .  ? -11.804 -9.516  -6.358  1.00 25.79  ? 125 HOH B O   1 
HETATM 904 O O   . HOH D 2 .  ? -14.008 -2.504  -5.132  1.00 26.05  ? 126 HOH B O   1 
HETATM 905 O O   . HOH D 2 .  ? -6.190  -14.048 3.492   1.00 24.96  ? 127 HOH B O   1 
HETATM 906 O O   . HOH D 2 .  ? -0.577  -5.295  1.788   1.00 33.47  ? 128 HOH B O   1 
HETATM 907 O O   . HOH D 2 .  ? -17.588 4.664   -2.678  1.00 35.79  ? 129 HOH B O   1 
HETATM 908 O O   . HOH D 2 .  ? 4.538   -16.605 0.305   1.00 44.16  ? 130 HOH B O   1 
HETATM 909 O O   . HOH D 2 .  ? 3.800   -10.845 13.613  1.00 42.89  ? 131 HOH B O   1 
HETATM 910 O O   . HOH D 2 .  ? 3.164   -4.109  -1.178  1.00 53.95  ? 132 HOH B O   1 
HETATM 911 O O   . HOH D 2 .  ? -11.747 -9.590  7.326   1.00 41.27  ? 133 HOH B O   1 
HETATM 912 O O   . HOH D 2 .  ? 4.741   -17.345 3.738   1.00 33.42  ? 134 HOH B O   1 
HETATM 913 O O   . HOH D 2 .  ? -11.057 -3.063  -12.254 1.00 34.99  ? 135 HOH B O   1 
HETATM 914 O O   . HOH D 2 .  ? 5.021   -7.051  -0.528  0.81 36.46  ? 136 HOH B O   1 
HETATM 915 O O   . HOH D 2 .  ? -1.500  -17.453 -10.238 1.00 34.36  ? 137 HOH B O   1 
HETATM 916 O O   . HOH D 2 .  ? -11.259 -8.716  4.948   1.00 30.23  ? 138 HOH B O   1 
HETATM 917 O O   . HOH D 2 .  ? 2.705   -2.803  -4.458  1.00 33.10  ? 139 HOH B O   1 
HETATM 918 O O   . HOH D 2 .  ? -5.145  -6.743  9.419   0.90 47.40  ? 140 HOH B O   1 
HETATM 919 O O   . HOH D 2 .  ? 0.456   -9.944  -18.818 1.00 31.88  ? 141 HOH B O   1 
HETATM 920 O O   . HOH D 2 .  ? -13.560 -7.063  4.402   1.00 35.46  ? 142 HOH B O   1 
HETATM 921 O O   . HOH D 2 .  ? -14.562 3.103   3.931   1.00 34.25  ? 143 HOH B O   1 
HETATM 922 O O   . HOH D 2 .  ? -18.550 6.585   -0.689  1.00 39.35  ? 144 HOH B O   1 
HETATM 923 O O   . HOH D 2 .  ? -10.760 -13.009 -0.378  1.00 31.90  ? 145 HOH B O   1 
HETATM 924 O O   . HOH D 2 .  ? -7.302  -14.426 -9.587  1.00 39.09  ? 146 HOH B O   1 
HETATM 925 O O   . HOH D 2 .  ? -14.061 -8.406  -6.379  1.00 33.79  ? 147 HOH B O   1 
HETATM 926 O O   . HOH D 2 .  ? -11.124 -11.004 -3.684  1.00 28.66  ? 148 HOH B O   1 
HETATM 927 O O   . HOH D 2 .  ? 1.606   -9.017  -21.669 1.00 48.65  ? 149 HOH B O   1 
# 
loop_
_atom_site_anisotrop.id 
_atom_site_anisotrop.type_symbol 
_atom_site_anisotrop.pdbx_label_atom_id 
_atom_site_anisotrop.pdbx_label_alt_id 
_atom_site_anisotrop.pdbx_label_comp_id 
_atom_site_anisotrop.pdbx_label_asym_id 
_atom_site_anisotrop.pdbx_label_seq_id 
_atom_site_anisotrop.pdbx_PDB_ins_code 
_atom_site_anisotrop.U[1][1] 
_atom_site_anisotrop.U[2][2] 
_atom_site_anisotrop.U[3][3] 
_atom_site_anisotrop.U[1][2] 
_atom_site_anisotrop.U[1][3] 
_atom_site_anisotrop.U[2][3] 
_atom_site_anisotrop.pdbx_auth_seq_id 
_atom_site_anisotrop.pdbx_auth_comp_id 
_atom_site_anisotrop.pdbx_auth_asym_id 
_atom_site_anisotrop.pdbx_auth_atom_id 
1   N N   . GLY A 3  ? 0.5529 0.6755 0.7368 -0.0481 -0.0147 0.0306  3  GLY A N   
2   C CA  . GLY A 3  ? 0.4530 0.5822 0.6308 -0.0414 -0.0101 0.0301  3  GLY A CA  
3   C C   . GLY A 3  ? 0.4321 0.5555 0.5991 -0.0344 -0.0125 0.0236  3  GLY A C   
4   O O   . GLY A 3  ? 0.4318 0.5446 0.5927 -0.0342 -0.0160 0.0192  3  GLY A O   
5   N N   . VAL A 4  ? 0.3368 0.4677 0.5022 -0.0287 -0.0107 0.0232  4  VAL A N   
6   C CA  . VAL A 4  ? 0.4438 0.5702 0.5990 -0.0223 -0.0131 0.0178  4  VAL A CA  
7   C C   . VAL A 4  ? 0.4619 0.5793 0.6011 -0.0174 -0.0062 0.0175  4  VAL A C   
8   O O   . VAL A 4  ? 0.3886 0.5093 0.5254 -0.0154 0.0013  0.0211  4  VAL A O   
9   C CB  . VAL A 4  ? 0.5925 0.7304 0.7531 -0.0180 -0.0154 0.0177  4  VAL A CB  
10  C CG1 . VAL A 4  ? 0.5441 0.6781 0.6977 -0.0144 -0.0216 0.0116  4  VAL A CG1 
11  C CG2 . VAL A 4  ? 0.5817 0.7320 0.7600 -0.0233 -0.0191 0.0207  4  VAL A CG2 
12  N N   . CYS A 5  ? 0.2182 0.3242 0.3468 -0.0158 -0.0085 0.0127  5  CYS A N   
13  C CA  . CYS A 5  ? 0.2504 0.3465 0.3640 -0.0122 -0.0027 0.0121  5  CYS A CA  
14  C C   . CYS A 5  ? 0.2550 0.3454 0.3589 -0.0072 -0.0066 0.0064  5  CYS A C   
15  O O   . CYS A 5  ? 0.2555 0.3415 0.3605 -0.0094 -0.0128 0.0021  5  CYS A O   
16  C CB  . CYS A 5  ? 0.2536 0.3411 0.3657 -0.0177 -0.0019 0.0132  5  CYS A CB  
17  S SG  . CYS A 5  ? 0.3153 0.3932 0.4109 -0.0153 0.0065  0.0145  5  CYS A SG  
18  N N   . ALA A 6  ? 0.2697 0.3604 0.3645 -0.0006 -0.0027 0.0063  6  ALA A N   
19  C CA  . ALA A 6  ? 0.2455 0.3322 0.3309 0.0044  -0.0061 0.0016  6  ALA A CA  
20  C C   . ALA A 6  ? 0.2210 0.3009 0.2920 0.0100  0.0006  0.0020  6  ALA A C   
21  O O   . ALA A 6  ? 0.3049 0.3855 0.3749 0.0107  0.0078  0.0059  6  ALA A O   
22  C CB  . ALA A 6  ? 0.2373 0.3349 0.3297 0.0066  -0.0112 0.0011  6  ALA A CB  
23  N N   . CYS A 7  ? 0.1935 0.2670 0.2535 0.0136  -0.0015 -0.0020 7  CYS A N   
24  C CA  . CYS A 7  ? 0.1913 0.2556 0.2372 0.0175  0.0047  -0.0019 7  CYS A CA  
25  C C   . CYS A 7  ? 0.2497 0.3131 0.2863 0.0238  0.0036  -0.0040 7  CYS A C   
26  O O   . CYS A 7  ? 0.2190 0.2832 0.2547 0.0240  -0.0029 -0.0078 7  CYS A O   
27  C CB  . CYS A 7  ? 0.2180 0.2714 0.2577 0.0140  0.0042  -0.0046 7  CYS A CB  
28  S SG  . CYS A 7  ? 0.1872 0.2398 0.2360 0.0061  0.0059  -0.0012 7  CYS A SG  
29  N N   . PRO A 8  ? 0.2269 0.2877 0.2556 0.0286  0.0103  -0.0015 8  PRO A N   
30  C CA  . PRO A 8  ? 0.2661 0.3242 0.2845 0.0346  0.0097  -0.0029 8  PRO A CA  
31  C C   . PRO A 8  ? 0.2081 0.2568 0.2159 0.0337  0.0067  -0.0077 8  PRO A C   
32  O O   . PRO A 8  ? 0.2049 0.2468 0.2114 0.0293  0.0074  -0.0093 8  PRO A O   
33  C CB  . PRO A 8  ? 0.2823 0.3369 0.2948 0.0386  0.0186  0.0005  8  PRO A CB  
34  C CG  . PRO A 8  ? 0.2815 0.3432 0.3056 0.0361  0.0224  0.0041  8  PRO A CG  
35  C CD  . PRO A 8  ? 0.2466 0.3075 0.2763 0.0288  0.0186  0.0026  8  PRO A CD  
36  N N   . ARG A 9  ? 0.2532 0.3021 0.2538 0.0378  0.0037  -0.0098 9  ARG A N   
37  C CA  . ARG A 9  ? 0.2741 0.3164 0.2657 0.0370  -0.0001 -0.0151 9  ARG A CA  
38  C C   . ARG A 9  ? 0.2705 0.3015 0.2485 0.0391  0.0057  -0.0152 9  ARG A C   
39  O O   . ARG A 9  ? 0.2956 0.3236 0.2634 0.0426  0.0051  -0.0169 9  ARG A O   
40  C CB  . ARG A 9  ? 0.3301 0.3790 0.3196 0.0400  -0.0062 -0.0171 9  ARG A CB  
41  C CG  . ARG A 9  ? 0.4673 0.5117 0.4501 0.0381  -0.0112 -0.0236 9  ARG A CG  
42  C CD  . ARG A 9  ? 0.5406 0.5929 0.5207 0.0405  -0.0171 -0.0254 9  ARG A CD  
43  N NE  . ARG A 9  ? 0.3965 0.4590 0.3884 0.0370  -0.0239 -0.0268 9  ARG A NE  
44  C CZ  . ARG A 9  ? 0.6178 0.6917 0.6173 0.0387  -0.0261 -0.0227 9  ARG A CZ  
45  N NH1 . ARG A 9  ? 0.3657 0.4486 0.3755 0.0349  -0.0325 -0.0246 9  ARG A NH1 
46  N NH2 . ARG A 9  ? 0.5957 0.6723 0.5930 0.0443  -0.0220 -0.0169 9  ARG A NH2 
47  N N   . ILE A 10 ? 0.2206 0.2463 0.1989 0.0366  0.0112  -0.0131 10 ILE A N   
48  C CA  . ILE A 10 ? 0.2634 0.2784 0.2302 0.0370  0.0160  -0.0137 10 ILE A CA  
49  C C   . ILE A 10 ? 0.2290 0.2383 0.1931 0.0339  0.0117  -0.0186 10 ILE A C   
50  O O   . ILE A 10 ? 0.2257 0.2370 0.1990 0.0294  0.0077  -0.0202 10 ILE A O   
51  C CB  . ILE A 10 ? 0.2586 0.2707 0.2271 0.0340  0.0225  -0.0100 10 ILE A CB  
52  C CG1 . ILE A 10 ? 0.2646 0.2801 0.2330 0.0378  0.0284  -0.0061 10 ILE A CG1 
53  C CG2 . ILE A 10 ? 0.2479 0.2495 0.2064 0.0324  0.0259  -0.0109 10 ILE A CG2 
54  C CD1 . ILE A 10 ? 0.2689 0.2827 0.2386 0.0349  0.0352  -0.0031 10 ILE A CD1 
55  N N   . TYR A 11 ? 0.2269 0.2297 0.1792 0.0366  0.0124  -0.0209 11 TYR A N   
56  C CA  . TYR A 11 ? 0.2502 0.2469 0.1998 0.0339  0.0098  -0.0255 11 TYR A CA  
57  C C   . TYR A 11 ? 0.2736 0.2614 0.2169 0.0325  0.0154  -0.0237 11 TYR A C   
58  O O   . TYR A 11 ? 0.2741 0.2571 0.2063 0.0355  0.0192  -0.0231 11 TYR A O   
59  C CB  . TYR A 11 ? 0.2795 0.2758 0.2206 0.0371  0.0062  -0.0301 11 TYR A CB  
60  C CG  . TYR A 11 ? 0.2784 0.2691 0.2186 0.0344  0.0034  -0.0356 11 TYR A CG  
61  C CD1 . TYR A 11 ? 0.2888 0.2820 0.2395 0.0304  -0.0017 -0.0392 11 TYR A CD1 
62  C CD2 . TYR A 11 ? 0.3030 0.2860 0.2324 0.0358  0.0062  -0.0374 11 TYR A CD2 
63  C CE1 . TYR A 11 ? 0.3297 0.3175 0.2811 0.0281  -0.0040 -0.0446 11 TYR A CE1 
64  C CE2 . TYR A 11 ? 0.3381 0.3162 0.2679 0.0335  0.0040  -0.0425 11 TYR A CE2 
65  C CZ  . TYR A 11 ? 0.3197 0.3003 0.2607 0.0299  -0.0010 -0.0462 11 TYR A CZ  
66  O OH  . TYR A 11 ? 0.4175 0.3928 0.3601 0.0278  -0.0029 -0.0517 11 TYR A OH  
67  N N   . MET A 12 ? 0.2130 0.1992 0.1639 0.0274  0.0156  -0.0225 12 MET A N   
68  C CA  . MET A 12 ? 0.2572 0.2358 0.2026 0.0253  0.0202  -0.0206 12 MET A CA  
69  C C   . MET A 12 ? 0.2128 0.1904 0.1686 0.0198  0.0171  -0.0208 12 MET A C   
70  O O   . MET A 12 ? 0.2129 0.1932 0.1764 0.0160  0.0183  -0.0169 12 MET A O   
71  C CB  . MET A 12 ? 0.2693 0.2484 0.2119 0.0254  0.0268  -0.0154 12 MET A CB  
72  C CG  . MET A 12 ? 0.2988 0.2705 0.2341 0.0230  0.0316  -0.0133 12 MET A CG  
73  S SD  . MET A 12 ? 0.5553 0.5272 0.4858 0.0225  0.0398  -0.0085 12 MET A SD  
74  C CE  . MET A 12 ? 0.6067 0.5747 0.5245 0.0295  0.0427  -0.0101 12 MET A CE  
75  N N   . PRO A 13 ? 0.2485 0.2225 0.2052 0.0194  0.0132  -0.0255 13 PRO A N   
76  C CA  . PRO A 13 ? 0.2230 0.1962 0.1918 0.0146  0.0093  -0.0265 13 PRO A CA  
77  C C   . PRO A 13 ? 0.2356 0.2055 0.2074 0.0102  0.0123  -0.0212 13 PRO A C   
78  O O   . PRO A 13 ? 0.2380 0.2031 0.2006 0.0108  0.0168  -0.0191 13 PRO A O   
79  C CB  . PRO A 13 ? 0.2662 0.2345 0.2319 0.0160  0.0063  -0.0329 13 PRO A CB  
80  C CG  . PRO A 13 ? 0.2861 0.2565 0.2410 0.0212  0.0063  -0.0359 13 PRO A CG  
81  C CD  . PRO A 13 ? 0.2582 0.2297 0.2057 0.0235  0.0116  -0.0306 13 PRO A CD  
82  N N   . VAL A 14 ? 0.1862 0.1591 0.1712 0.0055  0.0098  -0.0191 14 VAL A N   
83  C CA  . VAL A 14 ? 0.1748 0.1461 0.1652 0.0005  0.0116  -0.0134 14 VAL A CA  
84  C C   . VAL A 14 ? 0.1706 0.1404 0.1747 -0.0033 0.0065  -0.0147 14 VAL A C   
85  O O   . VAL A 14 ? 0.1879 0.1589 0.1979 -0.0025 0.0019  -0.0198 14 VAL A O   
86  C CB  . VAL A 14 ? 0.1717 0.1491 0.1640 -0.0020 0.0149  -0.0077 14 VAL A CB  
87  C CG1 . VAL A 14 ? 0.2077 0.1848 0.1864 0.0017  0.0209  -0.0067 14 VAL A CG1 
88  C CG2 . VAL A 14 ? 0.2014 0.1867 0.2050 -0.0029 0.0113  -0.0082 14 VAL A CG2 
89  N N   . CYS A 15 ? 0.1847 0.1518 0.1940 -0.0077 0.0073  -0.0099 15 CYS A N   
90  C CA  . CYS A 15 ? 0.1947 0.1595 0.2182 -0.0112 0.0027  -0.0103 15 CYS A CA  
91  C C   . CYS A 15 ? 0.1708 0.1400 0.2063 -0.0174 0.0021  -0.0031 15 CYS A C   
92  O O   . CYS A 15 ? 0.1935 0.1641 0.2258 -0.0202 0.0058  0.0036  15 CYS A O   
93  C CB  . CYS A 15 ? 0.2191 0.1760 0.2402 -0.0108 0.0034  -0.0108 15 CYS A CB  
94  S SG  . CYS A 15 ? 0.2166 0.1687 0.2555 -0.0140 -0.0017 -0.0124 15 CYS A SG  
95  N N   . GLY A 16 ? 0.1965 0.1685 0.2456 -0.0198 -0.0025 -0.0044 16 GLY A N   
96  C CA  . GLY A 16 ? 0.1919 0.1681 0.2539 -0.0260 -0.0038 0.0024  16 GLY A CA  
97  C C   . GLY A 16 ? 0.2614 0.2317 0.3341 -0.0295 -0.0061 0.0052  16 GLY A C   
98  O O   . GLY A 16 ? 0.2224 0.1857 0.2949 -0.0270 -0.0075 0.0003  16 GLY A O   
99  N N   . SER A 17 ? 0.1952 0.1692 0.2785 -0.0354 -0.0067 0.0130  17 SER A N   
100 C CA  . SER A 17 ? 0.2064 0.1761 0.3017 -0.0395 -0.0090 0.0177  17 SER A CA  
101 C C   . SER A 17 ? 0.2901 0.2557 0.4007 -0.0400 -0.0145 0.0127  17 SER A C   
102 O O   . SER A 17 ? 0.2839 0.2447 0.4063 -0.0426 -0.0167 0.0153  17 SER A O   
103 C CB  . SER A 17 ? 0.2223 0.1983 0.3231 -0.0459 -0.0076 0.0284  17 SER A CB  
104 O OG  . SER A 17 ? 0.2635 0.2468 0.3724 -0.0488 -0.0093 0.0298  17 SER A OG  
105 N N   . ASN A 18 ? 0.2457 0.2132 0.3562 -0.0376 -0.0167 0.0053  18 ASN A N   
106 C CA  . ASN A 18 ? 0.2629 0.2263 0.3855 -0.0377 -0.0217 -0.0017 18 ASN A CA  
107 C C   . ASN A 18 ? 0.2790 0.2353 0.3935 -0.0322 -0.0216 -0.0112 18 ASN A C   
108 O O   . ASN A 18 ? 0.3192 0.2720 0.4400 -0.0315 -0.0252 -0.0192 18 ASN A O   
109 C CB  . ASN A 18 ? 0.2689 0.2394 0.3956 -0.0387 -0.0245 -0.0046 18 ASN A CB  
110 C CG  . ASN A 18 ? 0.2533 0.2295 0.3644 -0.0341 -0.0218 -0.0077 18 ASN A CG  
111 O OD1 . ASN A 18 ? 0.2649 0.2395 0.3615 -0.0303 -0.0177 -0.0078 18 ASN A OD1 
112 N ND2 . ASN A 18 ? 0.2454 0.2281 0.3602 -0.0346 -0.0244 -0.0102 18 ASN A ND2 
113 N N   . LEU A 19 ? 0.2295 0.1840 0.3293 -0.0286 -0.0174 -0.0105 19 LEU A N   
114 C CA  . LEU A 19 ? 0.2372 0.1859 0.3268 -0.0232 -0.0165 -0.0188 19 LEU A CA  
115 C C   . LEU A 19 ? 0.3031 0.2547 0.3858 -0.0198 -0.0181 -0.0275 19 LEU A C   
116 O O   . LEU A 19 ? 0.2896 0.2368 0.3693 -0.0167 -0.0192 -0.0359 19 LEU A O   
117 C CB  . LEU A 19 ? 0.2519 0.1920 0.3521 -0.0235 -0.0184 -0.0221 19 LEU A CB  
118 C CG  . LEU A 19 ? 0.3524 0.2893 0.4548 -0.0250 -0.0160 -0.0141 19 LEU A CG  
119 C CD1 . LEU A 19 ? 0.3778 0.3064 0.4927 -0.0248 -0.0179 -0.0179 19 LEU A CD1 
120 C CD2 . LEU A 19 ? 0.3517 0.2890 0.4356 -0.0214 -0.0111 -0.0130 19 LEU A CD2 
121 N N   . LYS A 20 ? 0.2363 0.1959 0.3164 -0.0204 -0.0182 -0.0253 20 LYS A N   
122 C CA  . LYS A 20 ? 0.2522 0.2161 0.3249 -0.0169 -0.0196 -0.0322 20 LYS A CA  
123 C C   . LYS A 20 ? 0.2071 0.1740 0.2631 -0.0128 -0.0149 -0.0298 20 LYS A C   
124 O O   . LYS A 20 ? 0.2400 0.2095 0.2935 -0.0141 -0.0113 -0.0223 20 LYS A O   
125 C CB  . LYS A 20 ? 0.2605 0.2317 0.3438 -0.0202 -0.0233 -0.0316 20 LYS A CB  
126 C CG  . LYS A 20 ? 0.3049 0.2726 0.4061 -0.0251 -0.0276 -0.0324 20 LYS A CG  
127 C CD  . LYS A 20 ? 0.3888 0.3623 0.4992 -0.0275 -0.0325 -0.0362 20 LYS A CD  
128 C CE  . LYS A 20 ? 0.5867 0.5546 0.7146 -0.0321 -0.0366 -0.0385 20 LYS A CE  
129 N NZ  . LYS A 20 ? 0.6689 0.6265 0.7959 -0.0299 -0.0363 -0.0445 20 LYS A NZ  
130 N N   . THR A 21 ? 0.2308 0.1971 0.2755 -0.0080 -0.0149 -0.0364 21 THR A N   
131 C CA  . THR A 21 ? 0.2384 0.2076 0.2678 -0.0037 -0.0108 -0.0350 21 THR A CA  
132 C C   . THR A 21 ? 0.2572 0.2353 0.2868 -0.0029 -0.0121 -0.0343 21 THR A C   
133 O O   . THR A 21 ? 0.2524 0.2337 0.2869 -0.0032 -0.0167 -0.0395 21 THR A O   
134 C CB  . THR A 21 ? 0.2325 0.1974 0.2497 0.0012  -0.0104 -0.0418 21 THR A CB  
135 O OG1 . THR A 21 ? 0.2452 0.2021 0.2625 0.0007  -0.0086 -0.0418 21 THR A OG1 
136 C CG2 . THR A 21 ? 0.2107 0.1780 0.2126 0.0056  -0.0064 -0.0400 21 THR A CG2 
137 N N   . TYR A 22 ? 0.1940 0.1762 0.2189 -0.0024 -0.0079 -0.0281 22 TYR A N   
138 C CA  . TYR A 22 ? 0.1820 0.1730 0.2068 -0.0009 -0.0079 -0.0266 22 TYR A CA  
139 C C   . TYR A 22 ? 0.1920 0.1832 0.2018 0.0048  -0.0045 -0.0274 22 TYR A C   
140 O O   . TYR A 22 ? 0.2057 0.1912 0.2055 0.0066  0.0000  -0.0258 22 TYR A O   
141 C CB  . TYR A 22 ? 0.2044 0.2002 0.2363 -0.0047 -0.0053 -0.0189 22 TYR A CB  
142 C CG  . TYR A 22 ? 0.1981 0.1949 0.2460 -0.0107 -0.0092 -0.0174 22 TYR A CG  
143 C CD1 . TYR A 22 ? 0.1850 0.1750 0.2377 -0.0142 -0.0094 -0.0157 22 TYR A CD1 
144 C CD2 . TYR A 22 ? 0.2492 0.2537 0.3083 -0.0129 -0.0131 -0.0176 22 TYR A CD2 
145 C CE1 . TYR A 22 ? 0.2569 0.2472 0.3252 -0.0196 -0.0131 -0.0140 22 TYR A CE1 
146 C CE2 . TYR A 22 ? 0.2550 0.2598 0.3292 -0.0186 -0.0169 -0.0162 22 TYR A CE2 
147 C CZ  . TYR A 22 ? 0.2331 0.2306 0.3118 -0.0219 -0.0168 -0.0144 22 TYR A CZ  
148 O OH  . TYR A 22 ? 0.2774 0.2749 0.3719 -0.0273 -0.0205 -0.0126 22 TYR A OH  
149 N N   . ASN A 23 ? 0.1909 0.1886 0.1991 0.0079  -0.0066 -0.0296 23 ASN A N   
150 C CA  . ASN A 23 ? 0.2077 0.2052 0.2022 0.0136  -0.0039 -0.0304 23 ASN A CA  
151 C C   . ASN A 23 ? 0.1892 0.1868 0.1776 0.0152  0.0028  -0.0244 23 ASN A C   
152 O O   . ASN A 23 ? 0.1972 0.1920 0.1737 0.0195  0.0063  -0.0243 23 ASN A O   
153 C CB  . ASN A 23 ? 0.2293 0.2348 0.2246 0.0161  -0.0081 -0.0332 23 ASN A CB  
154 C CG  . ASN A 23 ? 0.4051 0.4098 0.4015 0.0153  -0.0141 -0.0407 23 ASN A CG  
155 O OD1 . ASN A 23 ? 0.4504 0.4474 0.4430 0.0148  -0.0140 -0.0446 23 ASN A OD1 
156 N ND2 . ASN A 23 ? 0.6663 0.6792 0.6681 0.0149  -0.0191 -0.0430 23 ASN A ND2 
157 N N   . ASN A 24 ? 0.1743 0.1757 0.1708 0.0118  0.0049  -0.0193 24 ASN A N   
158 C CA  . ASN A 24 ? 0.1830 0.1840 0.1738 0.0126  0.0118  -0.0141 24 ASN A CA  
159 C C   . ASN A 24 ? 0.1718 0.1755 0.1722 0.0067  0.0136  -0.0091 24 ASN A C   
160 O O   . ASN A 24 ? 0.1723 0.1788 0.1848 0.0025  0.0091  -0.0090 24 ASN A O   
161 C CB  . ASN A 24 ? 0.1588 0.1661 0.1470 0.0174  0.0138  -0.0130 24 ASN A CB  
162 C CG  . ASN A 24 ? 0.1576 0.1748 0.1581 0.0164  0.0096  -0.0126 24 ASN A CG  
163 O OD1 . ASN A 24 ? 0.1691 0.1906 0.1802 0.0119  0.0094  -0.0097 24 ASN A OD1 
164 N ND2 . ASN A 24 ? 0.1914 0.2132 0.1909 0.0204  0.0058  -0.0153 24 ASN A ND2 
165 N N   . ASP A 25 ? 0.1879 0.1907 0.1828 0.0063  0.0201  -0.0049 25 ASP A N   
166 C CA  . ASP A 25 ? 0.1974 0.2033 0.1994 0.0006  0.0224  0.0001  25 ASP A CA  
167 C C   . ASP A 25 ? 0.1510 0.1667 0.1653 -0.0011 0.0207  0.0020  25 ASP A C   
168 O O   . ASP A 25 ? 0.1973 0.2163 0.2215 -0.0066 0.0193  0.0052  25 ASP A O   
169 C CB  . ASP A 25 ? 0.1907 0.1946 0.1829 0.0005  0.0302  0.0034  25 ASP A CB  
170 C CG  . ASP A 25 ? 0.2504 0.2458 0.2342 -0.0015 0.0319  0.0039  25 ASP A CG  
171 O OD1 . ASP A 25 ? 0.2159 0.2088 0.2053 -0.0054 0.0282  0.0047  25 ASP A OD1 
172 O OD2 . ASP A 25 ? 0.3660 0.3574 0.3380 0.0008  0.0371  0.0040  25 ASP A OD2 
173 N N   . CYS A 26 ? 0.1483 0.1694 0.1624 0.0036  0.0209  0.0007  26 CYS A N   
174 C CA  . CYS A 26 ? 0.1880 0.2192 0.2140 0.0023  0.0195  0.0027  26 CYS A CA  
175 C C   . CYS A 26 ? 0.1508 0.1842 0.1889 -0.0016 0.0118  0.0011  26 CYS A C   
176 O O   . CYS A 26 ? 0.1713 0.2107 0.2207 -0.0064 0.0108  0.0043  26 CYS A O   
177 C CB  . CYS A 26 ? 0.1944 0.2311 0.2187 0.0086  0.0203  0.0017  26 CYS A CB  
178 S SG  . CYS A 26 ? 0.2013 0.2518 0.2415 0.0078  0.0175  0.0040  26 CYS A SG  
179 N N   . LEU A 27 ? 0.1495 0.1784 0.1850 0.0003  0.0068  -0.0040 27 LEU A N   
180 C CA  . LEU A 27 ? 0.1636 0.1935 0.2101 -0.0035 -0.0003 -0.0067 27 LEU A CA  
181 C C   . LEU A 27 ? 0.1842 0.2098 0.2373 -0.0097 -0.0005 -0.0039 27 LEU A C   
182 O O   . LEU A 27 ? 0.1809 0.2106 0.2471 -0.0145 -0.0041 -0.0023 27 LEU A O   
183 C CB  . LEU A 27 ? 0.1732 0.1984 0.2143 -0.0004 -0.0050 -0.0134 27 LEU A CB  
184 C CG  . LEU A 27 ? 0.1658 0.1981 0.2048 0.0043  -0.0071 -0.0157 27 LEU A CG  
185 C CD1 . LEU A 27 ? 0.1926 0.2195 0.2225 0.0074  -0.0102 -0.0220 27 LEU A CD1 
186 C CD2 . LEU A 27 ? 0.1980 0.2404 0.2517 0.0012  -0.0124 -0.0155 27 LEU A CD2 
187 N N   . LEU A 28 ? 0.1666 0.1843 0.2109 -0.0097 0.0030  -0.0027 28 LEU A N   
188 C CA  . LEU A 28 ? 0.2022 0.2162 0.2530 -0.0157 0.0026  0.0008  28 LEU A CA  
189 C C   . LEU A 28 ? 0.1806 0.2023 0.2393 -0.0203 0.0052  0.0075  28 LEU A C   
190 O O   . LEU A 28 ? 0.2086 0.2323 0.2796 -0.0258 0.0022  0.0104  28 LEU A O   
191 C CB  . LEU A 28 ? 0.2020 0.2075 0.2417 -0.0148 0.0061  0.0013  28 LEU A CB  
192 C CG  . LEU A 28 ? 0.1726 0.1747 0.2176 -0.0206 0.0066  0.0064  28 LEU A CG  
193 C CD1 . LEU A 28 ? 0.1613 0.1615 0.2203 -0.0241 0.0002  0.0051  28 LEU A CD1 
194 C CD2 . LEU A 28 ? 0.2249 0.2193 0.2581 -0.0193 0.0100  0.0067  28 LEU A CD2 
195 N N   . ARG A 29 ? 0.1782 0.2047 0.2306 -0.0183 0.0111  0.0100  29 ARG A N   
196 C CA  . ARG A 29 ? 0.1668 0.2011 0.2257 -0.0229 0.0143  0.0161  29 ARG A CA  
197 C C   . ARG A 29 ? 0.1524 0.1960 0.2258 -0.0249 0.0103  0.0167  29 ARG A C   
198 O O   . ARG A 29 ? 0.2312 0.2802 0.3148 -0.0308 0.0101  0.0217  29 ARG A O   
199 C CB  . ARG A 29 ? 0.1808 0.2174 0.2294 -0.0201 0.0222  0.0176  29 ARG A CB  
200 C CG  . ARG A 29 ? 0.1456 0.1737 0.1810 -0.0199 0.0263  0.0180  29 ARG A CG  
201 C CD  . ARG A 29 ? 0.2346 0.2640 0.2594 -0.0173 0.0344  0.0189  29 ARG A CD  
202 N NE  . ARG A 29 ? 0.2068 0.2283 0.2195 -0.0182 0.0380  0.0194  29 ARG A NE  
203 C CZ  . ARG A 29 ? 0.2589 0.2802 0.2625 -0.0192 0.0452  0.0213  29 ARG A CZ  
204 N NH1 . ARG A 29 ? 0.2659 0.2944 0.2709 -0.0193 0.0503  0.0227  29 ARG A NH1 
205 N NH2 . ARG A 29 ? 0.2359 0.2501 0.2292 -0.0206 0.0471  0.0218  29 ARG A NH2 
206 N N   . CYS A 30 ? 0.1999 0.2458 0.2745 -0.0205 0.0068  0.0120  30 CYS A N   
207 C CA  . CYS A 30 ? 0.2152 0.2695 0.3040 -0.0228 0.0017  0.0120  30 CYS A CA  
208 C C   . CYS A 30 ? 0.1975 0.2487 0.2976 -0.0289 -0.0038 0.0124  30 CYS A C   
209 O O   . CYS A 30 ? 0.2507 0.3082 0.3632 -0.0339 -0.0055 0.0163  30 CYS A O   
210 C CB  . CYS A 30 ? 0.1839 0.2403 0.2713 -0.0175 -0.0023 0.0064  30 CYS A CB  
211 S SG  . CYS A 30 ? 0.2455 0.3097 0.3272 -0.0109 0.0025  0.0072  30 CYS A SG  
212 N N   . GLU A 31 ? 0.2280 0.2691 0.3236 -0.0282 -0.0065 0.0086  31 GLU A N   
213 C CA  . GLU A 31 ? 0.1977 0.2347 0.3048 -0.0334 -0.0116 0.0085  31 GLU A CA  
214 C C   . GLU A 31 ? 0.2721 0.3077 0.3835 -0.0391 -0.0092 0.0158  31 GLU A C   
215 O O   . GLU A 31 ? 0.2552 0.2918 0.3804 -0.0448 -0.0129 0.0185  31 GLU A O   
216 C CB  . GLU A 31 ? 0.2244 0.2517 0.3269 -0.0308 -0.0152 0.0015  31 GLU A CB  
217 C CG  . GLU A 31 ? 0.3206 0.3434 0.4366 -0.0359 -0.0204 0.0009  31 GLU A CG  
218 C CD  . GLU A 31 ? 0.4088 0.4283 0.5271 -0.0342 -0.0260 -0.0077 31 GLU A CD  
219 O OE1 . GLU A 31 ? 0.3323 0.3589 0.4546 -0.0337 -0.0291 -0.0103 31 GLU A OE1 
220 O OE2 . GLU A 31 ? 0.5124 0.5225 0.6287 -0.0335 -0.0273 -0.0118 31 GLU A OE2 
221 N N   . ILE A 32 ? 0.2432 0.2772 0.3434 -0.0382 -0.0030 0.0193  32 ILE A N   
222 C CA  . ILE A 32 ? 0.2298 0.2643 0.3327 -0.0441 -0.0003 0.0269  32 ILE A CA  
223 C C   . ILE A 32 ? 0.2501 0.2953 0.3650 -0.0492 -0.0003 0.0323  32 ILE A C   
224 O O   . ILE A 32 ? 0.2726 0.3193 0.3983 -0.0555 -0.0023 0.0378  32 ILE A O   
225 C CB  . ILE A 32 ? 0.2057 0.2379 0.2932 -0.0423 0.0066  0.0290  32 ILE A CB  
226 C CG1 . ILE A 32 ? 0.2376 0.2586 0.3165 -0.0394 0.0058  0.0255  32 ILE A CG1 
227 C CG2 . ILE A 32 ? 0.2711 0.3080 0.3607 -0.0487 0.0104  0.0373  32 ILE A CG2 
228 C CD1 . ILE A 32 ? 0.2267 0.2449 0.2899 -0.0372 0.0121  0.0264  32 ILE A CD1 
229 N N   . ASN A 33 ? 0.3128 0.4844 0.6300 -0.0801 -0.0100 0.1949  33 ASN A N   
230 C CA  . ASN A 33 ? 0.3219 0.5014 0.6657 -0.0887 0.0035  0.2021  33 ASN A CA  
231 C C   . ASN A 33 ? 0.3231 0.5115 0.7011 -0.0966 -0.0069 0.2009  33 ASN A C   
232 O O   . ASN A 33 ? 0.3314 0.5254 0.7325 -0.1045 0.0032  0.2066  33 ASN A O   
233 C CB  . ASN A 33 ? 0.3156 0.5122 0.6720 -0.0842 0.0176  0.2046  33 ASN A CB  
234 C CG  . ASN A 33 ? 0.3701 0.5560 0.6948 -0.0794 0.0328  0.2086  33 ASN A CG  
235 O OD1 . ASN A 33 ? 0.5646 0.7303 0.8639 -0.0827 0.0381  0.2126  33 ASN A OD1 
236 N ND2 . ASN A 33 ? 0.5318 0.7305 0.8569 -0.0714 0.0396  0.2075  33 ASN A ND2 
237 N N   . SER A 34 ? 0.3154 0.5047 0.6968 -0.0948 -0.0269 0.1933  34 SER A N   
238 C CA  . SER A 34 ? 0.3165 0.5146 0.7309 -0.1022 -0.0370 0.1919  34 SER A CA  
239 C C   . SER A 34 ? 0.3319 0.5123 0.7410 -0.1123 -0.0374 0.1959  34 SER A C   
240 O O   . SER A 34 ? 0.3409 0.5013 0.7188 -0.1126 -0.0327 0.1988  34 SER A O   
241 C CB  . SER A 34 ? 0.3033 0.5094 0.7252 -0.0969 -0.0584 0.1823  34 SER A CB  
242 O OG  . SER A 34 ? 0.3051 0.4927 0.7004 -0.0958 -0.0713 0.1784  34 SER A OG  
243 N N   . ASP A 35 ? 0.4900 0.6778 0.9299 -0.1203 -0.0435 0.1959  35 ASP A N   
244 C CA  . ASP A 35 ? 0.3496 0.5220 0.7883 -0.1303 -0.0449 0.1994  35 ASP A CA  
245 C C   . ASP A 35 ? 0.3744 0.5294 0.7860 -0.1277 -0.0609 0.1942  35 ASP A C   
246 O O   . ASP A 35 ? 0.3615 0.4964 0.7515 -0.1321 -0.0583 0.1977  35 ASP A O   
247 C CB  . ASP A 35 ? 0.3506 0.5367 0.8299 -0.1385 -0.0506 0.1990  35 ASP A CB  
248 C CG  . ASP A 35 ? 0.4304 0.6331 0.9384 -0.1421 -0.0344 0.2045  35 ASP A CG  
249 O OD1 . ASP A 35 ? 0.3608 0.5569 0.8556 -0.1430 -0.0160 0.2114  35 ASP A OD1 
250 O OD2 . ASP A 35 ? 0.3462 0.5678 0.8898 -0.1442 -0.0400 0.2020  35 ASP A OD2 
251 N N   . LEU A 36 ? 0.3353 0.4978 0.7479 -0.1205 -0.0774 0.1857  36 LEU A N   
252 C CA  . LEU A 36 ? 0.3338 0.4810 0.7223 -0.1177 -0.0933 0.1800  36 LEU A CA  
253 C C   . LEU A 36 ? 0.3366 0.4670 0.6847 -0.1120 -0.0854 0.1818  36 LEU A C   
254 O O   . LEU A 36 ? 0.3615 0.4718 0.6843 -0.1133 -0.0905 0.1816  36 LEU A O   
255 C CB  . LEU A 36 ? 0.3796 0.5395 0.7782 -0.1107 -0.1112 0.1707  36 LEU A CB  
256 C CG  . LEU A 36 ? 0.7751 0.9212 1.1464 -0.1051 -0.1275 0.1636  36 LEU A CG  
257 C CD1 . LEU A 36 ? 0.7203 0.8759 1.1109 -0.1042 -0.1473 0.1557  36 LEU A CD1 
258 C CD2 . LEU A 36 ? 0.9133 1.0572 1.2563 -0.0939 -0.1239 0.1610  36 LEU A CD2 
259 N N   . GLY A 37 ? 0.3428 0.4811 0.6852 -0.1057 -0.0728 0.1838  37 GLY A N   
260 C CA  . GLY A 37 ? 0.4139 0.5382 0.7192 -0.0996 -0.0645 0.1852  37 GLY A CA  
261 C C   . GLY A 37 ? 0.4129 0.5187 0.7000 -0.1059 -0.0506 0.1935  37 GLY A C   
262 O O   . GLY A 37 ? 0.3898 0.4759 0.6452 -0.1043 -0.0531 0.1931  37 GLY A O   
263 N N   . ARG A 38 ? 0.4238 0.5356 0.7303 -0.1129 -0.0357 0.2007  38 ARG A N   
264 C CA  . ARG A 38 ? 0.3769 0.4716 0.6695 -0.1200 -0.0221 0.2089  38 ARG A CA  
265 C C   . ARG A 38 ? 0.3874 0.4645 0.6723 -0.1268 -0.0328 0.2086  38 ARG A C   
266 O O   . ARG A 38 ? 0.3988 0.4554 0.6555 -0.1282 -0.0287 0.2119  38 ARG A O   
267 C CB  . ARG A 38 ? 0.5749 0.6807 0.8950 -0.1271 -0.0057 0.2162  38 ARG A CB  
268 C CG  . ARG A 38 ? 0.6079 0.7330 0.9402 -0.1209 0.0044  0.2164  38 ARG A CG  
269 C CD  . ARG A 38 ? 0.6244 0.7628 0.9893 -0.1284 0.0187  0.2227  38 ARG A CD  
270 N NE  . ARG A 38 ? 0.5697 0.6937 0.9213 -0.1345 0.0371  0.2317  38 ARG A NE  
271 C CZ  . ARG A 38 ? 0.5355 0.6488 0.8936 -0.1448 0.0402  0.2365  38 ARG A CZ  
272 N NH1 . ARG A 38 ? 0.6609 0.7604 1.0049 -0.1495 0.0573  0.2446  38 ARG A NH1 
273 N NH2 . ARG A 38 ? 0.6213 0.7372 0.9996 -0.1503 0.0262  0.2333  38 ARG A NH2 
274 N N   . ALA A 39 ? 0.3835 0.4684 0.6931 -0.1308 -0.0470 0.2044  39 ALA A N   
275 C CA  . ALA A 39 ? 0.3931 0.4622 0.6977 -0.1373 -0.0581 0.2038  39 ALA A CA  
276 C C   . ALA A 39 ? 0.3904 0.4428 0.6615 -0.1313 -0.0707 0.1985  39 ALA A C   
277 O O   . ALA A 39 ? 0.3997 0.4356 0.6599 -0.1361 -0.0783 0.1985  39 ALA A O   
278 C CB  . ALA A 39 ? 0.4318 0.5144 0.7716 -0.1426 -0.0707 0.2002  39 ALA A CB  
279 N N   . ASN A 40 ? 0.3779 0.4344 0.6326 -0.1208 -0.0729 0.1938  40 ASN A N   
280 C CA  . ASN A 40 ? 0.3745 0.4160 0.5973 -0.1145 -0.0842 0.1883  40 ASN A CA  
281 C C   . ASN A 40 ? 0.3763 0.4079 0.5671 -0.1081 -0.0721 0.1910  40 ASN A C   
282 O O   . ASN A 40 ? 0.4007 0.4227 0.5651 -0.1010 -0.0798 0.1861  40 ASN A O   
283 C CB  . ASN A 40 ? 0.4322 0.4860 0.6625 -0.1070 -0.1011 0.1787  40 ASN A CB  
284 C CG  . ASN A 40 ? 0.4160 0.4737 0.6700 -0.1127 -0.1170 0.1748  40 ASN A CG  
285 O OD1 . ASN A 40 ? 0.4739 0.5165 0.7150 -0.1150 -0.1281 0.1724  40 ASN A OD1 
286 N ND2 . ASN A 40 ? 0.3678 0.4461 0.6569 -0.1151 -0.1181 0.1741  40 ASN A ND2 
287 N N   . ASN A 41 ? 0.3642 0.3866 0.2767 -0.0246 -0.0299 0.0751  41 ASN A N   
288 C CA  . ASN A 41 ? 0.3935 0.4210 0.3014 -0.0311 -0.0300 0.0676  41 ASN A CA  
289 C C   . ASN A 41 ? 0.3324 0.3561 0.2503 -0.0299 -0.0258 0.0609  41 ASN A C   
290 O O   . ASN A 41 ? 0.3421 0.3706 0.2641 -0.0329 -0.0296 0.0588  41 ASN A O   
291 C CB  . ASN A 41 ? 0.5436 0.5808 0.4479 -0.0361 -0.0393 0.0714  41 ASN A CB  
292 C CG  . ASN A 41 ? 0.7963 0.8379 0.6877 -0.0394 -0.0424 0.0757  41 ASN A CG  
293 O OD1 . ASN A 41 ? 0.8067 0.8491 0.6981 -0.0370 -0.0471 0.0841  41 ASN A OD1 
294 N ND2 . ASN A 41 ? 0.7363 0.7808 0.6165 -0.0448 -0.0397 0.0697  41 ASN A ND2 
295 N N   . LEU A 42 ? 0.3489 0.3639 0.2704 -0.0254 -0.0180 0.0577  42 LEU A N   
296 C CA  . LEU A 42 ? 0.2823 0.2923 0.2139 -0.0233 -0.0135 0.0522  42 LEU A CA  
297 C C   . LEU A 42 ? 0.4109 0.4231 0.3376 -0.0293 -0.0115 0.0430  42 LEU A C   
298 O O   . LEU A 42 ? 0.3160 0.3289 0.2312 -0.0330 -0.0088 0.0387  42 LEU A O   
299 C CB  . LEU A 42 ? 0.2665 0.2665 0.2015 -0.0173 -0.0054 0.0509  42 LEU A CB  
300 C CG  . LEU A 42 ? 0.2643 0.2582 0.2106 -0.0143 -0.0004 0.0460  42 LEU A CG  
301 C CD1 . LEU A 42 ? 0.3331 0.3290 0.2923 -0.0112 -0.0055 0.0511  42 LEU A CD1 
302 C CD2 . LEU A 42 ? 0.2610 0.2450 0.2090 -0.0087 0.0077  0.0446  42 LEU A CD2 
303 N N   . ARG A 43 ? 0.2962 0.3100 0.2313 -0.0306 -0.0131 0.0400  43 ARG A N   
304 C CA  . ARG A 43 ? 0.2597 0.2744 0.1918 -0.0357 -0.0109 0.0311  43 ARG A CA  
305 C C   . ARG A 43 ? 0.2229 0.2341 0.1681 -0.0334 -0.0092 0.0286  43 ARG A C   
306 O O   . ARG A 43 ? 0.2592 0.2692 0.2145 -0.0284 -0.0109 0.0343  43 ARG A O   
307 C CB  . ARG A 43 ? 0.3456 0.3705 0.2709 -0.0427 -0.0178 0.0308  43 ARG A CB  
308 C CG  . ARG A 43 ? 0.3076 0.3388 0.2413 -0.0429 -0.0254 0.0359  43 ARG A CG  
309 C CD  . ARG A 43 ? 0.3586 0.3994 0.2855 -0.0502 -0.0317 0.0342  43 ARG A CD  
310 N NE  . ARG A 43 ? 0.4237 0.4698 0.3602 -0.0506 -0.0378 0.0369  43 ARG A NE  
311 C CZ  . ARG A 43 ? 0.5156 0.5656 0.4567 -0.0480 -0.0441 0.0452  43 ARG A CZ  
312 N NH1 . ARG A 43 ? 0.4077 0.4627 0.3579 -0.0482 -0.0494 0.0471  43 ARG A NH1 
313 N NH2 . ARG A 43 ? 0.3942 0.4434 0.3310 -0.0451 -0.0455 0.0517  43 ARG A NH2 
314 N N   . LYS A 44 ? 0.2582 0.2678 0.2031 -0.0368 -0.0059 0.0202  44 LYS A N   
315 C CA  . LYS A 44 ? 0.2252 0.2318 0.1822 -0.0352 -0.0043 0.0175  44 LYS A CA  
316 C C   . LYS A 44 ? 0.2250 0.2404 0.1870 -0.0384 -0.0123 0.0204  44 LYS A C   
317 O O   . LYS A 44 ? 0.2632 0.2861 0.2175 -0.0441 -0.0170 0.0194  44 LYS A O   
318 C CB  . LYS A 44 ? 0.2304 0.2318 0.1846 -0.0382 0.0018  0.0075  44 LYS A CB  
319 C CG  . LYS A 44 ? 0.2213 0.2187 0.1871 -0.0369 0.0041  0.0042  44 LYS A CG  
320 C CD  . LYS A 44 ? 0.2311 0.2217 0.1929 -0.0391 0.0109  -0.0057 44 LYS A CD  
321 C CE  . LYS A 44 ? 0.2513 0.2378 0.2243 -0.0385 0.0132  -0.0094 44 LYS A CE  
322 N NZ  . LYS A 44 ? 0.2271 0.2065 0.1952 -0.0408 0.0196  -0.0190 44 LYS A NZ  
323 N N   . ILE A 45 ? 0.2408 0.2561 0.2156 -0.0347 -0.0141 0.0237  45 ILE A N   
324 C CA  . ILE A 45 ? 0.2239 0.2478 0.2046 -0.0376 -0.0213 0.0256  45 ILE A CA  
325 C C   . ILE A 45 ? 0.2465 0.2689 0.2365 -0.0386 -0.0193 0.0204  45 ILE A C   
326 O O   . ILE A 45 ? 0.2498 0.2793 0.2429 -0.0423 -0.0245 0.0199  45 ILE A O   
327 C CB  . ILE A 45 ? 0.2345 0.2630 0.2215 -0.0334 -0.0277 0.0353  45 ILE A CB  
328 C CG1 . ILE A 45 ? 0.2370 0.2589 0.2355 -0.0258 -0.0243 0.0387  45 ILE A CG1 
329 C CG2 . ILE A 45 ? 0.2789 0.3104 0.2555 -0.0340 -0.0311 0.0405  45 ILE A CG2 
330 C CD1 . ILE A 45 ? 0.2547 0.2817 0.2617 -0.0220 -0.0311 0.0471  45 ILE A CD1 
331 N N   . ALA A 46 ? 0.2284 0.2418 0.2230 -0.0355 -0.0119 0.0163  46 ALA A N   
332 C CA  . ALA A 46 ? 0.2083 0.2196 0.2114 -0.0367 -0.0097 0.0112  46 ALA A CA  
333 C C   . ALA A 46 ? 0.2074 0.2082 0.2094 -0.0352 -0.0010 0.0046  46 ALA A C   
334 O O   . ALA A 46 ? 0.2158 0.2098 0.2164 -0.0304 0.0038  0.0061  46 ALA A O   
335 C CB  . ALA A 46 ? 0.2373 0.2507 0.2542 -0.0321 -0.0126 0.0166  46 ALA A CB  
336 N N   . ASP A 47 ? 0.2121 0.2115 0.2156 -0.0393 0.0011  -0.0026 47 ASP A N   
337 C CA  . ASP A 47 ? 0.2108 0.2000 0.2136 -0.0385 0.0091  -0.0095 47 ASP A CA  
338 C C   . ASP A 47 ? 0.2044 0.1888 0.2209 -0.0340 0.0119  -0.0087 47 ASP A C   
339 O O   . ASP A 47 ? 0.2661 0.2463 0.2862 -0.0360 0.0152  -0.0147 47 ASP A O   
340 C CB  . ASP A 47 ? 0.2238 0.2141 0.2204 -0.0457 0.0092  -0.0179 47 ASP A CB  
341 C CG  . ASP A 47 ? 0.2359 0.2161 0.2275 -0.0457 0.0170  -0.0257 47 ASP A CG  
342 O OD1 . ASP A 47 ? 0.2654 0.2390 0.2539 -0.0412 0.0219  -0.0249 47 ASP A OD1 
343 O OD2 . ASP A 47 ? 0.2975 0.2763 0.2878 -0.0503 0.0180  -0.0327 47 ASP A OD2 
344 N N   . GLN A 48 ? 0.2134 0.1988 0.2374 -0.0283 0.0103  -0.0011 48 GLN A N   
345 C CA  . GLN A 48 ? 0.2599 0.2418 0.2973 -0.0233 0.0124  0.0009  48 GLN A CA  
346 C C   . GLN A 48 ? 0.1995 0.1812 0.2410 -0.0164 0.0114  0.0093  48 GLN A C   
347 O O   . GLN A 48 ? 0.2116 0.1968 0.2460 -0.0161 0.0082  0.0137  48 GLN A O   
348 C CB  . GLN A 48 ? 0.2687 0.2578 0.3150 -0.0263 0.0074  0.0011  48 GLN A CB  
349 C CG  . GLN A 48 ? 0.2775 0.2776 0.3244 -0.0273 -0.0011 0.0075  48 GLN A CG  
350 C CD  . GLN A 48 ? 0.3338 0.3417 0.3885 -0.0310 -0.0062 0.0070  48 GLN A CD  
351 O OE1 . GLN A 48 ? 0.3665 0.3726 0.4317 -0.0294 -0.0042 0.0058  48 GLN A OE1 
352 N NE2 . GLN A 48 ? 0.6147 0.6316 0.6642 -0.0360 -0.0127 0.0078  48 GLN A NE2 
353 N N   . ALA A 49 ? 0.1925 0.1696 0.2451 -0.0107 0.0144  0.0116  49 ALA A N   
354 C CA  . ALA A 49 ? 0.2022 0.1788 0.2587 -0.0039 0.0135  0.0194  49 ALA A CA  
355 C C   . ALA A 49 ? 0.1880 0.1751 0.2469 -0.0041 0.0046  0.0264  49 ALA A C   
356 O O   . ALA A 49 ? 0.2167 0.2109 0.2802 -0.0075 -0.0002 0.0260  49 ALA A O   
357 C CB  . ALA A 49 ? 0.2609 0.2316 0.3294 0.0020  0.0178  0.0204  49 ALA A CB  
358 N N   . CYS A 50 ? 0.1616 0.2428 0.2224 -0.0015 0.0430  -0.0106 50 CYS A N   
359 C CA  . CYS A 50 ? 0.1779 0.2431 0.2478 -0.0020 0.0206  -0.0095 50 CYS A CA  
360 C C   . CYS A 50 ? 0.1786 0.2432 0.2661 0.0177  0.0200  -0.0191 50 CYS A C   
361 O O   . CYS A 50 ? 0.1890 0.2451 0.2869 0.0194  0.0050  -0.0193 50 CYS A O   
362 C CB  . CYS A 50 ? 0.1954 0.2434 0.2539 -0.0085 0.0017  -0.0061 50 CYS A CB  
363 S SG  . CYS A 50 ? 0.1977 0.2470 0.2347 -0.0328 -0.0005 0.0046  50 CYS A SG  
364 N N   . ASP A 51 ? 0.2068 0.2804 0.2973 0.0329  0.0350  -0.0273 51 ASP A N   
365 C CA  . ASP A 51 ? 0.2305 0.3043 0.3373 0.0517  0.0336  -0.0371 51 ASP A CA  
366 C C   . ASP A 51 ? 0.2206 0.3069 0.3423 0.0546  0.0412  -0.0398 51 ASP A C   
367 O O   . ASP A 51 ? 0.2749 0.3642 0.4120 0.0689  0.0388  -0.0481 51 ASP A O   
368 C CB  . ASP A 51 ? 0.4702 0.5493 0.5755 0.0667  0.0466  -0.0453 51 ASP A CB  
369 C CG  . ASP A 51 ? 0.4871 0.5804 0.5825 0.0638  0.0696  -0.0445 51 ASP A CG  
370 O OD1 . ASP A 51 ? 0.6904 0.7895 0.7797 0.0600  0.0768  -0.0390 51 ASP A OD1 
371 O OD2 . ASP A 51 ? 0.6476 0.7390 0.7290 0.0631  0.0738  -0.0432 51 ASP A OD2 
372 N N   . ASN A 52 ? 0.2047 0.2991 0.3216 0.0409  0.0501  -0.0332 52 ASN A N   
373 C CA  . ASN A 52 ? 0.2258 0.3311 0.3550 0.0398  0.0559  -0.0342 52 ASN A CA  
374 C C   . ASN A 52 ? 0.2228 0.3189 0.3580 0.0313  0.0356  -0.0290 52 ASN A C   
375 O O   . ASN A 52 ? 0.2339 0.3389 0.3798 0.0295  0.0379  -0.0293 52 ASN A O   
376 C CB  . ASN A 52 ? 0.2298 0.3467 0.3492 0.0286  0.0748  -0.0292 52 ASN A CB  
377 C CG  . ASN A 52 ? 0.2826 0.4007 0.3809 0.0363  0.0853  -0.0291 52 ASN A CG  
378 O OD1 . ASN A 52 ? 0.3129 0.4285 0.3917 0.0311  0.0860  -0.0239 52 ASN A OD1 
379 N ND2 . ASN A 52 ? 0.3120 0.4303 0.4040 0.0476  0.0830  -0.0306 52 ASN A ND2 
380 N N   . LEU A 53 ? 0.1970 0.2752 0.3244 0.0251  0.0160  -0.0239 53 LEU A N   
381 C CA  . LEU A 53 ? 0.1892 0.2554 0.3194 0.0158  -0.0047 -0.0183 53 LEU A CA  
382 C C   . LEU A 53 ? 0.2288 0.2784 0.3654 0.0274  -0.0266 -0.0231 53 LEU A C   
383 O O   . LEU A 53 ? 0.2727 0.3152 0.4056 0.0372  -0.0289 -0.0277 53 LEU A O   
384 C CB  . LEU A 53 ? 0.1961 0.2514 0.3087 -0.0047 -0.0133 -0.0067 53 LEU A CB  
385 C CG  . LEU A 53 ? 0.2060 0.2743 0.3072 -0.0180 0.0047  -0.0008 53 LEU A CG  
386 C CD1 . LEU A 53 ? 0.2660 0.3225 0.3502 -0.0379 -0.0081 0.0097  53 LEU A CD1 
387 C CD2 . LEU A 53 ? 0.1978 0.2799 0.3082 -0.0211 0.0159  -0.0002 53 LEU A CD2 
388 N N   . THR A 54 ? 0.2299 0.2719 0.3747 0.0264  -0.0436 -0.0220 54 THR A N   
389 C CA  . THR A 54 ? 0.2576 0.2782 0.4033 0.0346  -0.0684 -0.0247 54 THR A CA  
390 C C   . THR A 54 ? 0.2762 0.2766 0.4122 0.0189  -0.0904 -0.0150 54 THR A C   
391 O O   . THR A 54 ? 0.2564 0.2621 0.3887 0.0025  -0.0866 -0.0069 54 THR A O   
392 C CB  . THR A 54 ? 0.3697 0.3977 0.5357 0.0555  -0.0719 -0.0365 54 THR A CB  
393 O OG1 . THR A 54 ? 0.2831 0.3170 0.4597 0.0520  -0.0772 -0.0354 54 THR A OG1 
394 C CG2 . THR A 54 ? 0.4039 0.4548 0.5797 0.0685  -0.0478 -0.0456 54 THR A CG2 
395 N N   . ASP A 55 ? 0.2868 0.2628 0.4175 0.0237  -0.1141 -0.0159 55 ASP A N   
396 C CA  . ASP A 55 ? 0.3097 0.2622 0.4288 0.0092  -0.1376 -0.0070 55 ASP A CA  
397 C C   . ASP A 55 ? 0.4321 0.3647 0.5566 0.0235  -0.1624 -0.0129 55 ASP A C   
398 O O   . ASP A 55 ? 0.3510 0.2897 0.4892 0.0448  -0.1612 -0.0241 55 ASP A O   
399 C CB  . ASP A 55 ? 0.3212 0.2581 0.4166 -0.0084 -0.1423 0.0022  55 ASP A CB  
400 C CG  . ASP A 55 ? 0.3521 0.2741 0.4401 0.0023  -0.1499 -0.0029 55 ASP A CG  
401 O OD1 . ASP A 55 ? 0.3562 0.2550 0.4420 0.0103  -0.1722 -0.0056 55 ASP A OD1 
402 O OD2 . ASP A 55 ? 0.3648 0.2972 0.4481 0.0031  -0.1341 -0.0044 55 ASP A OD2 
403 N N   . ASN A 56 ? 0.3582 0.2671 0.4716 0.0117  -0.1851 -0.0053 56 ASN A N   
404 C CA  . ASN A 56 ? 0.3851 0.2726 0.5014 0.0243  -0.2109 -0.0101 56 ASN A CA  
405 C C   . ASN A 56 ? 0.4073 0.2704 0.5132 0.0356  -0.2262 -0.0147 56 ASN A C   
406 O O   . ASN A 56 ? 0.4719 0.3204 0.5826 0.0522  -0.2449 -0.0220 56 ASN A O   
407 C CB  . ASN A 56 ? 0.4716 0.3375 0.5753 0.0070  -0.2313 0.0002  56 ASN A CB  
408 C CG  . ASN A 56 ? 0.5691 0.4563 0.6856 -0.0003 -0.2212 0.0031  56 ASN A CG  
409 O OD1 . ASN A 56 ? 0.4066 0.3173 0.5446 0.0144  -0.2102 -0.0056 56 ASN A OD1 
410 N ND2 . ASN A 56 ? 0.7365 0.6158 0.8391 -0.0236 -0.2251 0.0153  56 ASN A ND2 
411 N N   . VAL A 57 ? 0.4054 0.2633 0.4960 0.0267  -0.2199 -0.0107 57 VAL A N   
412 C CA  . VAL A 57 ? 0.4320 0.2678 0.5128 0.0374  -0.2332 -0.0154 57 VAL A CA  
413 C C   . VAL A 57 ? 0.7111 0.5652 0.8115 0.0637  -0.2208 -0.0294 57 VAL A C   
414 O O   . VAL A 57 ? 0.6446 0.4843 0.7490 0.0820  -0.2371 -0.0378 57 VAL A O   
415 C CB  . VAL A 57 ? 0.4453 0.2668 0.5014 0.0186  -0.2341 -0.0066 57 VAL A CB  
416 C CG1 . VAL A 57 ? 0.4569 0.2532 0.5016 0.0295  -0.2496 -0.0114 57 VAL A CG1 
417 C CG2 . VAL A 57 ? 0.4789 0.2816 0.5162 -0.0066 -0.2491 0.0064  57 VAL A CG2 
418 N N   . ASN A 58 ? 0.5828 0.4683 0.6948 0.0658  -0.1928 -0.0324 58 ASN A N   
419 C CA  . ASN A 58 ? 0.9015 0.8051 1.0307 0.0890  -0.1797 -0.0454 58 ASN A CA  
420 C C   . ASN A 58 ? 0.9984 0.9279 1.1527 0.1035  -0.1701 -0.0545 58 ASN A C   
421 O O   . ASN A 58 ? 0.9789 0.9302 1.1474 0.1185  -0.1530 -0.0642 58 ASN A O   
422 C CB  . ASN A 58 ? 1.0221 0.9417 1.1472 0.0859  -0.1560 -0.0452 58 ASN A CB  
423 C CG  . ASN A 58 ? 1.2397 1.1364 1.3450 0.0817  -0.1661 -0.0422 58 ASN A CG  
424 O OD1 . ASN A 58 ? 1.2602 1.1300 1.3579 0.0875  -0.1895 -0.0438 58 ASN A OD1 
425 N ND2 . ASN A 58 ? 1.3546 1.2613 1.4504 0.0716  -0.1491 -0.0381 58 ASN A ND2 
426 N N   . ASP A 59 ? 1.1187 1.0459 1.2779 0.0989  -0.1813 -0.0517 59 ASP A N   
427 C CA  . ASP A 59 ? 1.1099 1.0619 1.2927 0.1121  -0.1744 -0.0606 59 ASP A CA  
428 C C   . ASP A 59 ? 1.1848 1.1211 1.3729 0.1247  -0.2009 -0.0661 59 ASP A C   
429 O O   . ASP A 59 ? 1.2565 1.1945 1.4493 0.1188  -0.2084 -0.0630 59 ASP A O   
430 C CB  . ASP A 59 ? 1.0762 1.0488 1.2637 0.0959  -0.1583 -0.0537 59 ASP A CB  
431 C CG  . ASP A 59 ? 1.1037 1.0991 1.2913 0.0900  -0.1288 -0.0525 59 ASP A CG  
432 O OD1 . ASP A 59 ? 1.1665 1.1527 1.3395 0.0844  -0.1243 -0.0486 59 ASP A OD1 
433 O OD2 . ASP A 59 ? 1.0299 1.0522 1.2315 0.0912  -0.1104 -0.0558 59 ASP A OD2 
434 N N   . ARG B 2  ? 0.7779 0.5622 0.5151 0.1293  -0.1252 -0.1476 2  ARG B N   
435 C CA  . ARG B 2  ? 0.6873 0.4782 0.4239 0.1199  -0.1106 -0.1355 2  ARG B CA  
436 C C   . ARG B 2  ? 0.7484 0.5871 0.5023 0.1215  -0.0943 -0.1286 2  ARG B C   
437 O O   . ARG B 2  ? 0.6089 0.4641 0.3614 0.1182  -0.0957 -0.1322 2  ARG B O   
438 C CB  . ARG B 2  ? 0.6595 0.4144 0.3692 0.1011  -0.1169 -0.1348 2  ARG B CB  
439 C CG  . ARG B 2  ? 0.7603 0.5117 0.4557 0.0917  -0.1256 -0.1414 2  ARG B CG  
440 C CD  . ARG B 2  ? 0.9105 0.6213 0.5781 0.0741  -0.1339 -0.1418 2  ARG B CD  
441 N NE  . ARG B 2  ? 0.8532 0.5635 0.5085 0.0653  -0.1416 -0.1480 2  ARG B NE  
442 C CZ  . ARG B 2  ? 0.8753 0.6078 0.5299 0.0562  -0.1325 -0.1430 2  ARG B CZ  
443 N NH1 . ARG B 2  ? 0.7300 0.4607 0.3731 0.0488  -0.1404 -0.1492 2  ARG B NH1 
444 N NH2 . ARG B 2  ? 0.8356 0.5925 0.5013 0.0546  -0.1153 -0.1316 2  ARG B NH2 
445 N N   . GLY B 3  ? 0.5843 0.4450 0.3545 0.1267  -0.0788 -0.1188 3  GLY B N   
446 C CA  . GLY B 3  ? 0.6165 0.5220 0.4037 0.1284  -0.0624 -0.1113 3  GLY B CA  
447 C C   . GLY B 3  ? 0.6618 0.5653 0.4361 0.1115  -0.0550 -0.1038 3  GLY B C   
448 O O   . GLY B 3  ? 0.6333 0.5024 0.3887 0.0997  -0.0593 -0.1019 3  GLY B O   
449 N N   . VAL B 4  ? 0.6495 0.5901 0.4340 0.1103  -0.0439 -0.0996 4  VAL B N   
450 C CA  . VAL B 4  ? 0.5515 0.4981 0.3283 0.0959  -0.0336 -0.0910 4  VAL B CA  
451 C C   . VAL B 4  ? 0.6789 0.6253 0.4625 0.0963  -0.0211 -0.0802 4  VAL B C   
452 O O   . VAL B 4  ? 0.5342 0.4948 0.3359 0.1098  -0.0156 -0.0781 4  VAL B O   
453 C CB  . VAL B 4  ? 0.5342 0.5246 0.3238 0.0970  -0.0239 -0.0891 4  VAL B CB  
454 C CG1 . VAL B 4  ? 0.7951 0.8003 0.5833 0.0853  -0.0090 -0.0779 4  VAL B CG1 
455 C CG2 . VAL B 4  ? 0.5516 0.5359 0.3297 0.0932  -0.0373 -0.0997 4  VAL B CG2 
456 N N   . CYS B 5  ? 0.6309 0.5595 0.3992 0.0813  -0.0174 -0.0736 5  CYS B N   
457 C CA  . CYS B 5  ? 0.5399 0.4670 0.3125 0.0796  -0.0054 -0.0629 5  CYS B CA  
458 C C   . CYS B 5  ? 0.5083 0.4832 0.3044 0.0863  0.0134  -0.0540 5  CYS B C   
459 O O   . CYS B 5  ? 0.5282 0.5274 0.3258 0.0800  0.0209  -0.0509 5  CYS B O   
460 C CB  . CYS B 5  ? 0.7821 0.6821 0.5321 0.0609  -0.0060 -0.0586 5  CYS B CB  
461 S SG  . CYS B 5  ? 0.7137 0.6129 0.4657 0.0549  0.0096  -0.0447 5  CYS B SG  
462 N N   . ALA B 6  ? 0.4881 0.4765 0.3025 0.0991  0.0210  -0.0500 6  ALA B N   
463 C CA  . ALA B 6  ? 0.5116 0.5460 0.3498 0.1072  0.0386  -0.0421 6  ALA B CA  
464 C C   . ALA B 6  ? 0.4492 0.4849 0.2874 0.0995  0.0528  -0.0297 6  ALA B C   
465 O O   . ALA B 6  ? 0.4938 0.5242 0.3398 0.1059  0.0573  -0.0252 6  ALA B O   
466 C CB  . ALA B 6  ? 0.4382 0.4893 0.2977 0.1263  0.0392  -0.0450 6  ALA B CB  
467 N N   . CYS B 7  ? 0.3986 0.3016 0.2533 0.0649  0.0096  0.0268  7  CYS B N   
468 C CA  . CYS B 7  ? 0.3099 0.2354 0.1864 0.0583  0.0098  0.0267  7  CYS B CA  
469 C C   . CYS B 7  ? 0.3311 0.2667 0.2151 0.0522  0.0062  0.0258  7  CYS B C   
470 O O   . CYS B 7  ? 0.3745 0.2984 0.2450 0.0488  0.0018  0.0248  7  CYS B O   
471 C CB  . CYS B 7  ? 0.3118 0.2359 0.1874 0.0497  0.0076  0.0261  7  CYS B CB  
472 S SG  . CYS B 7  ? 0.3631 0.2809 0.2355 0.0556  0.0121  0.0271  7  CYS B SG  
473 N N   . PRO B 8  ? 0.3135 0.2716 0.2195 0.0502  0.0081  0.0261  8  PRO B N   
474 C CA  . PRO B 8  ? 0.2810 0.2511 0.1965 0.0436  0.0049  0.0253  8  PRO B CA  
475 C C   . PRO B 8  ? 0.2829 0.2493 0.1930 0.0317  -0.0008 0.0239  8  PRO B C   
476 O O   . PRO B 8  ? 0.3282 0.2870 0.2320 0.0284  -0.0015 0.0237  8  PRO B O   
477 C CB  . PRO B 8  ? 0.2665 0.2610 0.2069 0.0441  0.0088  0.0260  8  PRO B CB  
478 C CG  . PRO B 8  ? 0.3325 0.3270 0.2755 0.0534  0.0146  0.0273  8  PRO B CG  
479 C CD  . PRO B 8  ? 0.3022 0.2755 0.2253 0.0544  0.0136  0.0272  8  PRO B CD  
480 N N   . ARG B 9  ? 0.2878 0.2595 0.2006 0.0257  -0.0047 0.0229  9  ARG B N   
481 C CA  . ARG B 9  ? 0.3021 0.2722 0.2117 0.0139  -0.0102 0.0215  9  ARG B CA  
482 C C   . ARG B 9  ? 0.3289 0.3214 0.2601 0.0068  -0.0101 0.0214  9  ARG B C   
483 O O   . ARG B 9  ? 0.3270 0.3213 0.2581 -0.0033 -0.0146 0.0201  9  ARG B O   
484 C CB  . ARG B 9  ? 0.3735 0.3335 0.2703 0.0104  -0.0152 0.0203  9  ARG B CB  
485 C CG  . ARG B 9  ? 0.5113 0.4487 0.3862 0.0170  -0.0155 0.0205  9  ARG B CG  
486 C CD  . ARG B 9  ? 0.5805 0.5064 0.4412 0.0118  -0.0212 0.0191  9  ARG B CD  
487 N NE  . ARG B 9  ? 0.9098 0.8233 0.7578 0.0032  -0.0257 0.0180  9  ARG B NE  
488 C CZ  . ARG B 9  ? 1.1005 1.0220 0.9547 -0.0077 -0.0293 0.0169  9  ARG B CZ  
489 N NH1 . ARG B 9  ? 1.1257 1.0345 0.9671 -0.0149 -0.0331 0.0159  9  ARG B NH1 
490 N NH2 . ARG B 9  ? 1.1915 1.1338 1.0651 -0.0112 -0.0292 0.0168  9  ARG B NH2 
491 N N   . ILE B 10 ? 0.2679 0.2776 0.2174 0.0120  -0.0051 0.0225  10 ILE B N   
492 C CA  . ILE B 10 ? 0.2791 0.3107 0.2500 0.0058  -0.0047 0.0224  10 ILE B CA  
493 C C   . ILE B 10 ? 0.2447 0.2751 0.2151 -0.0016 -0.0062 0.0220  10 ILE B C   
494 O O   . ILE B 10 ? 0.2607 0.2812 0.2235 0.0020  -0.0040 0.0225  10 ILE B O   
495 C CB  . ILE B 10 ? 0.2637 0.3129 0.2535 0.0135  0.0014  0.0238  10 ILE B CB  
496 C CG1 . ILE B 10 ? 0.5211 0.5721 0.5119 0.0209  0.0029  0.0243  10 ILE B CG1 
497 C CG2 . ILE B 10 ? 0.3058 0.3772 0.3174 0.0070  0.0019  0.0238  10 ILE B CG2 
498 C CD1 . ILE B 10 ? 0.5277 0.5891 0.5309 0.0312  0.0095  0.0257  10 ILE B CD1 
499 N N   . TYR B 11 ? 0.2363 0.2763 0.2146 -0.0120 -0.0098 0.0210  11 TYR B N   
500 C CA  . TYR B 11 ? 0.2232 0.2631 0.2019 -0.0200 -0.0115 0.0205  11 TYR B CA  
501 C C   . TYR B 11 ? 0.2369 0.2975 0.2376 -0.0204 -0.0076 0.0213  11 TYR B C   
502 O O   . TYR B 11 ? 0.1938 0.2726 0.2113 -0.0251 -0.0081 0.0211  11 TYR B O   
503 C CB  . TYR B 11 ? 0.2621 0.3003 0.2363 -0.0314 -0.0179 0.0188  11 TYR B CB  
504 C CG  . TYR B 11 ? 0.2572 0.2921 0.2287 -0.0397 -0.0201 0.0182  11 TYR B CG  
505 C CD1 . TYR B 11 ? 0.3159 0.3307 0.2688 -0.0389 -0.0207 0.0181  11 TYR B CD1 
506 C CD2 . TYR B 11 ? 0.2232 0.2751 0.2109 -0.0481 -0.0211 0.0177  11 TYR B CD2 
507 C CE1 . TYR B 11 ? 0.3513 0.3629 0.3016 -0.0464 -0.0227 0.0176  11 TYR B CE1 
508 C CE2 . TYR B 11 ? 0.3188 0.3676 0.3038 -0.0557 -0.0230 0.0171  11 TYR B CE2 
509 C CZ  . TYR B 11 ? 0.3704 0.3992 0.3370 -0.0547 -0.0238 0.0171  11 TYR B CZ  
510 O OH  . TYR B 11 ? 0.4041 0.4299 0.3683 -0.0624 -0.0256 0.0165  11 TYR B OH  
511 N N   . MET B 12 ? 0.2173 0.2578 0.2130 0.0115  -0.0554 0.0146  12 MET B N   
512 C CA  . MET B 12 ? 0.1881 0.2456 0.2014 0.0122  -0.0400 0.0192  12 MET B CA  
513 C C   . MET B 12 ? 0.2020 0.2532 0.2161 0.0090  -0.0346 0.0173  12 MET B C   
514 O O   . MET B 12 ? 0.2230 0.2658 0.2200 0.0152  -0.0257 0.0142  12 MET B O   
515 C CB  . MET B 12 ? 0.2486 0.3088 0.2487 0.0226  -0.0285 0.0192  12 MET B CB  
516 C CG  . MET B 12 ? 0.3428 0.4089 0.3405 0.0268  -0.0328 0.0210  12 MET B CG  
517 S SD  . MET B 12 ? 0.5060 0.5972 0.5370 0.0213  -0.0319 0.0290  12 MET B SD  
518 C CE  . MET B 12 ? 0.2854 0.3917 0.3315 0.0225  -0.0124 0.0327  12 MET B CE  
519 N N   . PRO B 13 ? 0.1845 0.2395 0.2178 -0.0006 -0.0401 0.0191  13 PRO B N   
520 C CA  . PRO B 13 ? 0.2301 0.2736 0.2591 -0.0041 -0.0395 0.0160  13 PRO B CA  
521 C C   . PRO B 13 ? 0.2440 0.2944 0.2777 -0.0016 -0.0233 0.0176  13 PRO B C   
522 O O   . PRO B 13 ? 0.2085 0.2770 0.2592 -0.0010 -0.0129 0.0224  13 PRO B O   
523 C CB  . PRO B 13 ? 0.2393 0.2883 0.2911 -0.0152 -0.0488 0.0187  13 PRO B CB  
524 C CG  . PRO B 13 ? 0.2280 0.2968 0.3012 -0.0172 -0.0492 0.0246  13 PRO B CG  
525 C CD  . PRO B 13 ? 0.1875 0.2537 0.2430 -0.0086 -0.0497 0.0233  13 PRO B CD  
526 N N   . VAL B 14 ? 0.1901 0.2258 0.2083 -0.0002 -0.0211 0.0131  14 VAL B N   
527 C CA  . VAL B 14 ? 0.2162 0.2563 0.2378 0.0016  -0.0065 0.0140  14 VAL B CA  
528 C C   . VAL B 14 ? 0.1867 0.2191 0.2137 -0.0056 -0.0097 0.0127  14 VAL B C   
529 O O   . VAL B 14 ? 0.2176 0.2378 0.2399 -0.0102 -0.0226 0.0100  14 VAL B O   
530 C CB  . VAL B 14 ? 0.2131 0.2439 0.2093 0.0120  0.0024  0.0102  14 VAL B CB  
531 C CG1 . VAL B 14 ? 0.2082 0.2486 0.2015 0.0189  0.0075  0.0121  14 VAL B CG1 
532 C CG2 . VAL B 14 ? 0.1996 0.2064 0.1681 0.0148  -0.0065 0.0036  14 VAL B CG2 
533 N N   . CYS B 15 ? 0.1665 0.2055 0.2022 -0.0062 0.0023  0.0144  15 CYS B N   
534 C CA  . CYS B 15 ? 0.1905 0.2232 0.2328 -0.0129 0.0003  0.0136  15 CYS B CA  
535 C C   . CYS B 15 ? 0.1866 0.2079 0.2105 -0.0074 0.0091  0.0099  15 CYS B C   
536 O O   . CYS B 15 ? 0.1948 0.2243 0.2175 -0.0018 0.0228  0.0112  15 CYS B O   
537 C CB  . CYS B 15 ? 0.1819 0.2342 0.2553 -0.0202 0.0061  0.0195  15 CYS B CB  
538 S SG  . CYS B 15 ? 0.1959 0.2413 0.2795 -0.0293 0.0027  0.0190  15 CYS B SG  
539 N N   . GLY B 16 ? 0.2113 0.2137 0.2209 -0.0091 0.0017  0.0054  16 GLY B N   
540 C CA  . GLY B 16 ? 0.2056 0.1961 0.1978 -0.0043 0.0096  0.0020  16 GLY B CA  
541 C C   . GLY B 16 ? 0.2010 0.1982 0.2102 -0.0097 0.0168  0.0045  16 GLY B C   
542 O O   . GLY B 16 ? 0.2186 0.2253 0.2508 -0.0182 0.0132  0.0080  16 GLY B O   
543 N N   . SER B 17 ? 0.1903 0.1818 0.1871 -0.0047 0.0272  0.0026  17 SER B N   
544 C CA  . SER B 17 ? 0.1996 0.1955 0.2094 -0.0090 0.0345  0.0045  17 SER B CA  
545 C C   . SER B 17 ? 0.2668 0.2511 0.2808 -0.0171 0.0238  0.0030  17 SER B C   
546 O O   . SER B 17 ? 0.2435 0.2347 0.2749 -0.0229 0.0277  0.0058  17 SER B O   
547 C CB  . SER B 17 ? 0.2229 0.2124 0.2148 -0.0011 0.0466  0.0021  17 SER B CB  
548 O OG  . SER B 17 ? 0.2647 0.2328 0.2281 0.0042  0.0405  -0.0038 17 SER B OG  
549 N N   . ASN B 18 ? 0.2442 0.2117 0.2426 -0.0177 0.0103  -0.0012 18 ASN B N   
550 C CA  . ASN B 18 ? 0.2977 0.2541 0.3000 -0.0257 -0.0017 -0.0027 18 ASN B CA  
551 C C   . ASN B 18 ? 0.2325 0.2012 0.2593 -0.0345 -0.0107 0.0011  18 ASN B C   
552 O O   . ASN B 18 ? 0.2948 0.2550 0.3253 -0.0416 -0.0223 -0.0002 18 ASN B O   
553 C CB  . ASN B 18 ? 0.2566 0.1897 0.2308 -0.0222 -0.0120 -0.0091 18 ASN B CB  
554 C CG  . ASN B 18 ? 0.2456 0.1783 0.2092 -0.0178 -0.0185 -0.0104 18 ASN B CG  
555 O OD1 . ASN B 18 ? 0.2665 0.2160 0.2421 -0.0163 -0.0143 -0.0066 18 ASN B OD1 
556 N ND2 . ASN B 18 ? 0.3090 0.2219 0.2497 -0.0156 -0.0287 -0.0158 18 ASN B ND2 
557 N N   . LEU B 19 ? 0.2061 0.1941 0.2487 -0.0338 -0.0053 0.0056  19 LEU B N   
558 C CA  . LEU B 19 ? 0.2409 0.2428 0.3072 -0.0412 -0.0127 0.0098  19 LEU B CA  
559 C C   . LEU B 19 ? 0.2955 0.2865 0.3528 -0.0433 -0.0286 0.0069  19 LEU B C   
560 O O   . LEU B 19 ? 0.3097 0.3048 0.3834 -0.0514 -0.0384 0.0088  19 LEU B O   
561 C CB  . LEU B 19 ? 0.2890 0.2995 0.3804 -0.0506 -0.0118 0.0135  19 LEU B CB  
562 C CG  . LEU B 19 ? 0.2526 0.2811 0.3617 -0.0503 0.0036  0.0182  19 LEU B CG  
563 C CD1 . LEU B 19 ? 0.2826 0.3150 0.3970 -0.0536 0.0023  0.0179  19 LEU B CD1 
564 C CD2 . LEU B 19 ? 0.4064 0.4512 0.5192 -0.0451 0.0094  0.0207  19 LEU B CD2 
565 N N   . LYS B 20 ? 0.2369 0.2140 0.2677 -0.0358 -0.0315 0.0023  20 LYS B N   
566 C CA  . LYS B 20 ? 0.2797 0.2486 0.3011 -0.0363 -0.0456 -0.0002 20 LYS B CA  
567 C C   . LYS B 20 ? 0.2661 0.2461 0.2862 -0.0303 -0.0428 0.0018  20 LYS B C   
568 O O   . LYS B 20 ? 0.2484 0.2319 0.2597 -0.0224 -0.0312 0.0019  20 LYS B O   
569 C CB  . LYS B 20 ? 0.3662 0.3103 0.3585 -0.0328 -0.0525 -0.0071 20 LYS B CB  
570 C CG  . LYS B 20 ? 0.4524 0.3855 0.4469 -0.0392 -0.0556 -0.0089 20 LYS B CG  
571 C CD  . LYS B 20 ? 0.6885 0.5966 0.6565 -0.0376 -0.0650 -0.0156 20 LYS B CD  
572 C CE  . LYS B 20 ? 0.7220 0.6195 0.6890 -0.0412 -0.0627 -0.0174 20 LYS B CE  
573 N NZ  . LYS B 20 ? 0.8229 0.7349 0.8193 -0.0499 -0.0604 -0.0124 20 LYS B NZ  
574 N N   . THR B 21 ? 0.2541 0.2402 0.2836 -0.0340 -0.0529 0.0035  21 THR B N   
575 C CA  . THR B 21 ? 0.1980 0.1931 0.2253 -0.0285 -0.0523 0.0052  21 THR B CA  
576 C C   . THR B 21 ? 0.2872 0.2645 0.2848 -0.0217 -0.0595 -0.0005 21 THR B C   
577 O O   . THR B 21 ? 0.3665 0.3281 0.3528 -0.0246 -0.0717 -0.0046 21 THR B O   
578 C CB  . THR B 21 ? 0.2520 0.2613 0.3028 -0.0358 -0.0608 0.0096  21 THR B CB  
579 O OG1 . THR B 21 ? 0.2493 0.2752 0.3274 -0.0418 -0.0533 0.0148  21 THR B OG1 
580 C CG2 . THR B 21 ? 0.2601 0.2788 0.3094 -0.0305 -0.0607 0.0116  21 THR B CG2 
581 N N   . TYR B 22 ? 0.2376 0.2177 0.2229 -0.0125 -0.0517 -0.0007 22 TYR B N   
582 C CA  . TYR B 22 ? 0.2200 0.1850 0.1771 -0.0050 -0.0568 -0.0055 22 TYR B CA  
583 C C   . TYR B 22 ? 0.2989 0.2756 0.2607 -0.0023 -0.0593 -0.0027 22 TYR B C   
584 O O   . TYR B 22 ? 0.2574 0.2531 0.2375 -0.0020 -0.0505 0.0025  22 TYR B O   
585 C CB  . TYR B 22 ? 0.2443 0.2016 0.1813 0.0041  -0.0448 -0.0083 22 TYR B CB  
586 C CG  . TYR B 22 ? 0.2728 0.2158 0.2011 0.0023  -0.0433 -0.0118 22 TYR B CG  
587 C CD1 . TYR B 22 ? 0.2476 0.1998 0.1948 -0.0027 -0.0352 -0.0086 22 TYR B CD1 
588 C CD2 . TYR B 22 ? 0.3482 0.2687 0.2508 0.0049  -0.0508 -0.0180 22 TYR B CD2 
589 C CE1 . TYR B 22 ? 0.2611 0.2003 0.2008 -0.0044 -0.0339 -0.0116 22 TYR B CE1 
590 C CE2 . TYR B 22 ? 0.3833 0.2904 0.2781 0.0031  -0.0495 -0.0211 22 TYR B CE2 
591 C CZ  . TYR B 22 ? 0.2933 0.2102 0.2072 -0.0016 -0.0411 -0.0177 22 TYR B CZ  
592 O OH  . TYR B 22 ? 0.3103 0.2144 0.2176 -0.0034 -0.0397 -0.0204 22 TYR B OH  
593 N N   . ASN B 23 ? 0.2634 0.2286 0.2083 -0.0001 -0.0709 -0.0062 23 ASN B N   
594 C CA  . ASN B 23 ? 0.2633 0.2395 0.2137 0.0017  -0.0749 -0.0033 23 ASN B CA  
595 C C   . ASN B 23 ? 0.2702 0.2579 0.2189 0.0102  -0.0619 -0.0007 23 ASN B C   
596 O O   . ASN B 23 ? 0.2554 0.2593 0.2192 0.0101  -0.0608 0.0039  23 ASN B O   
597 C CB  . ASN B 23 ? 0.2865 0.2475 0.2169 0.0032  -0.0893 -0.0078 23 ASN B CB  
598 C CG  . ASN B 23 ? 0.4287 0.3829 0.3657 -0.0061 -0.1035 -0.0093 23 ASN B CG  
599 O OD1 . ASN B 23 ? 0.5093 0.4670 0.4629 -0.0136 -0.1028 -0.0077 23 ASN B OD1 
600 N ND2 . ASN B 23 ? 0.4626 0.4076 0.3873 -0.0060 -0.1168 -0.0122 23 ASN B ND2 
601 N N   . ASN B 24 ? 0.2522 0.2317 0.1830 0.0175  -0.0518 -0.0036 24 ASN B N   
602 C CA  . ASN B 24 ? 0.2391 0.2290 0.1677 0.0254  -0.0388 -0.0015 24 ASN B CA  
603 C C   . ASN B 24 ? 0.2150 0.1966 0.1286 0.0310  -0.0273 -0.0044 24 ASN B C   
604 O O   . ASN B 24 ? 0.2756 0.2420 0.1783 0.0293  -0.0305 -0.0084 24 ASN B O   
605 C CB  . ASN B 24 ? 0.2636 0.2504 0.1767 0.0322  -0.0438 -0.0027 24 ASN B CB  
606 C CG  . ASN B 24 ? 0.3362 0.2999 0.2197 0.0360  -0.0535 -0.0095 24 ASN B CG  
607 O OD1 . ASN B 24 ? 0.3091 0.2596 0.1754 0.0396  -0.0490 -0.0135 24 ASN B OD1 
608 N ND2 . ASN B 24 ? 0.3278 0.2867 0.2048 0.0357  -0.0664 -0.0107 24 ASN B ND2 
609 N N   . ASP B 25 ? 0.2677 0.2283 0.1607 0.0310  -0.0311 0.0311  25 ASP B N   
610 C CA  . ASP B 25 ? 0.2654 0.2167 0.1743 0.0278  -0.0317 0.0304  25 ASP B CA  
611 C C   . ASP B 25 ? 0.2653 0.2160 0.1867 0.0236  -0.0270 0.0247  25 ASP B C   
612 O O   . ASP B 25 ? 0.2611 0.2087 0.1991 0.0196  -0.0289 0.0230  25 ASP B O   
613 C CB  . ASP B 25 ? 0.2863 0.2275 0.1909 0.0306  -0.0304 0.0333  25 ASP B CB  
614 C CG  . ASP B 25 ? 0.2730 0.2118 0.1736 0.0332  -0.0365 0.0385  25 ASP B CG  
615 O OD1 . ASP B 25 ? 0.3106 0.2479 0.2241 0.0306  -0.0411 0.0391  25 ASP B OD1 
616 O OD2 . ASP B 25 ? 0.3677 0.3069 0.2523 0.0380  -0.0368 0.0420  25 ASP B OD2 
617 N N   . CYS B 26 ? 0.2700 0.2232 0.1841 0.0245  -0.0209 0.0216  26 CYS B N   
618 C CA  . CYS B 26 ? 0.3193 0.2715 0.2444 0.0207  -0.0158 0.0160  26 CYS B CA  
619 C C   . CYS B 26 ? 0.2651 0.2240 0.2028 0.0163  -0.0182 0.0126  26 CYS B C   
620 O O   . CYS B 26 ? 0.2641 0.2192 0.2183 0.0123  -0.0179 0.0095  26 CYS B O   
621 C CB  . CYS B 26 ? 0.2845 0.2399 0.1972 0.0230  -0.0092 0.0138  26 CYS B CB  
622 S SG  . CYS B 26 ? 0.3261 0.2805 0.2510 0.0188  -0.0023 0.0068  26 CYS B SG  
623 N N   . LEU B 27 ? 0.2637 0.2320 0.1939 0.0170  -0.0208 0.0130  27 LEU B N   
624 C CA  . LEU B 27 ? 0.2593 0.2341 0.2003 0.0126  -0.0228 0.0098  27 LEU B CA  
625 C C   . LEU B 27 ? 0.2615 0.2313 0.2165 0.0100  -0.0285 0.0120  27 LEU B C   
626 O O   . LEU B 27 ? 0.2512 0.2203 0.2215 0.0057  -0.0288 0.0086  27 LEU B O   
627 C CB  . LEU B 27 ? 0.2752 0.2615 0.2047 0.0140  -0.0245 0.0101  27 LEU B CB  
628 C CG  . LEU B 27 ? 0.3298 0.3233 0.2496 0.0153  -0.0189 0.0059  27 LEU B CG  
629 C CD1 . LEU B 27 ? 0.3872 0.3913 0.2918 0.0183  -0.0208 0.0075  27 LEU B CD1 
630 C CD2 . LEU B 27 ? 0.3067 0.3033 0.2398 0.0103  -0.0159 -0.0007 27 LEU B CD2 
631 N N   . LEU B 28 ? 0.2530 0.2192 0.2030 0.0128  -0.0332 0.0176  28 LEU B N   
632 C CA  . LEU B 28 ? 0.2598 0.2211 0.2230 0.0107  -0.0386 0.0198  28 LEU B CA  
633 C C   . LEU B 28 ? 0.2535 0.2058 0.2317 0.0083  -0.0364 0.0172  28 LEU B C   
634 O O   . LEU B 28 ? 0.2452 0.1953 0.2390 0.0048  -0.0387 0.0156  28 LEU B O   
635 C CB  . LEU B 28 ? 0.2479 0.2071 0.2023 0.0143  -0.0438 0.0261  28 LEU B CB  
636 C CG  . LEU B 28 ? 0.2626 0.2158 0.2296 0.0128  -0.0493 0.0288  28 LEU B CG  
637 C CD1 . LEU B 28 ? 0.2403 0.1971 0.2196 0.0085  -0.0520 0.0271  28 LEU B CD1 
638 C CD2 . LEU B 28 ? 0.3275 0.2806 0.2839 0.0166  -0.0541 0.0348  28 LEU B CD2 
639 N N   . ARG B 29 ? 0.2548 0.2020 0.2286 0.0102  -0.0319 0.0166  29 ARG B N   
640 C CA  . ARG B 29 ? 0.2694 0.2089 0.2564 0.0081  -0.0291 0.0137  29 ARG B CA  
641 C C   . ARG B 29 ? 0.2519 0.1942 0.2513 0.0039  -0.0259 0.0076  29 ARG B C   
642 O O   . ARG B 29 ? 0.2632 0.2010 0.2788 0.0010  -0.0269 0.0055  29 ARG B O   
643 C CB  . ARG B 29 ? 0.2739 0.2083 0.2516 0.0109  -0.0241 0.0141  29 ARG B CB  
644 C CG  . ARG B 29 ? 0.4402 0.3672 0.4303 0.0087  -0.0204 0.0109  29 ARG B CG  
645 C CD  . ARG B 29 ? 0.5812 0.5025 0.5612 0.0115  -0.0160 0.0123  29 ARG B CD  
646 N NE  . ARG B 29 ? 0.6959 0.6196 0.6685 0.0118  -0.0088 0.0090  29 ARG B NE  
647 C CZ  . ARG B 29 ? 0.7482 0.6744 0.7028 0.0155  -0.0061 0.0109  29 ARG B CZ  
648 N NH1 . ARG B 29 ? 0.7259 0.6523 0.6679 0.0194  -0.0099 0.0162  29 ARG B NH1 
649 N NH2 . ARG B 29 ? 0.6801 0.6085 0.6292 0.0156  0.0006  0.0076  29 ARG B NH2 
650 N N   . CYS B 30 ? 0.2536 0.2034 0.2462 0.0036  -0.0225 0.0046  30 CYS B N   
651 C CA  . CYS B 30 ? 0.3266 0.2799 0.3303 -0.0005 -0.0197 -0.0015 30 CYS B CA  
652 C C   . CYS B 30 ? 0.2957 0.2494 0.3131 -0.0038 -0.0249 -0.0015 30 CYS B C   
653 O O   . CYS B 30 ? 0.2722 0.2229 0.3051 -0.0071 -0.0240 -0.0054 30 CYS B O   
654 C CB  . CYS B 30 ? 0.3094 0.2721 0.3018 0.0000  -0.0159 -0.0043 30 CYS B CB  
655 S SG  . CYS B 30 ? 0.3770 0.3386 0.3576 0.0028  -0.0078 -0.0063 30 CYS B SG  
656 N N   . GLU B 31 ? 0.2456 0.2023 0.2576 -0.0028 -0.0304 0.0028  31 GLU B N   
657 C CA  . GLU B 31 ? 0.2873 0.2444 0.3106 -0.0057 -0.0354 0.0034  31 GLU B CA  
658 C C   . GLU B 31 ? 0.2676 0.2156 0.3027 -0.0058 -0.0392 0.0060  31 GLU B C   
659 O O   . GLU B 31 ? 0.2642 0.2097 0.3141 -0.0088 -0.0411 0.0041  31 GLU B O   
660 C CB  . GLU B 31 ? 0.2765 0.2403 0.2890 -0.0046 -0.0397 0.0073  31 GLU B CB  
661 C CG  . GLU B 31 ? 0.3310 0.3048 0.3325 -0.0045 -0.0364 0.0045  31 GLU B CG  
662 C CD  . GLU B 31 ? 0.3975 0.3759 0.4093 -0.0091 -0.0346 -0.0012 31 GLU B CD  
663 O OE1 . GLU B 31 ? 0.4428 0.4212 0.4634 -0.0120 -0.0384 -0.0005 31 GLU B OE1 
664 O OE2 . GLU B 31 ? 0.4951 0.4772 0.5052 -0.0098 -0.0291 -0.0063 31 GLU B OE2 
665 N N   . ILE B 32 ? 0.2406 0.1839 0.2693 -0.0025 -0.0405 0.0100  32 ILE B N   
666 C CA  . ILE B 32 ? 0.2791 0.2143 0.3189 -0.0023 -0.0437 0.0117  32 ILE B CA  
667 C C   . ILE B 32 ? 0.2832 0.2138 0.3387 -0.0051 -0.0401 0.0064  32 ILE B C   
668 O O   . ILE B 32 ? 0.2953 0.2216 0.3656 -0.0067 -0.0432 0.0060  32 ILE B O   
669 C CB  . ILE B 32 ? 0.2483 0.1794 0.2780 0.0016  -0.0444 0.0160  32 ILE B CB  
670 C CG1 . ILE B 32 ? 0.2596 0.1940 0.2780 0.0042  -0.0498 0.0218  32 ILE B CG1 
671 C CG2 . ILE B 32 ? 0.2864 0.2092 0.3284 0.0016  -0.0464 0.0165  32 ILE B CG2 
672 C CD1 . ILE B 32 ? 0.2769 0.2088 0.2817 0.0085  -0.0500 0.0258  32 ILE B CD1 
673 N N   . ASN B 33 ? 0.2468 0.1786 0.2993 -0.0054 -0.0336 0.0023  33 ASN B N   
674 C CA  . ASN B 33 ? 0.3043 0.2318 0.3704 -0.0077 -0.0294 -0.0029 33 ASN B CA  
675 C C   . ASN B 33 ? 0.3664 0.2970 0.4446 -0.0115 -0.0281 -0.0082 33 ASN B C   
676 O O   . ASN B 33 ? 0.5301 0.4580 0.6203 -0.0135 -0.0248 -0.0129 33 ASN B O   
677 C CB  . ASN B 33 ? 0.2965 0.2229 0.3547 -0.0065 -0.0228 -0.0049 33 ASN B CB  
678 C CG  . ASN B 33 ? 0.3483 0.2691 0.3996 -0.0033 -0.0238 -0.0006 33 ASN B CG  
679 O OD1 . ASN B 33 ? 0.4228 0.3390 0.4817 -0.0030 -0.0285 0.0019  33 ASN B OD1 
680 N ND2 . ASN B 33 ? 0.4734 0.3947 0.5098 -0.0008 -0.0196 0.0004  33 ASN B ND2 
681 N N   . SER B 34 ? 0.3176 0.2538 0.3930 -0.0126 -0.0307 -0.0075 34 SER B N   
682 C CA  . SER B 34 ? 0.3132 0.2526 0.3987 -0.0163 -0.0295 -0.0123 34 SER B CA  
683 C C   . SER B 34 ? 0.3277 0.2620 0.4289 -0.0179 -0.0346 -0.0115 34 SER B C   
684 O O   . SER B 34 ? 0.2860 0.2162 0.3876 -0.0161 -0.0397 -0.0065 34 SER B O   
685 C CB  . SER B 34 ? 0.3753 0.3230 0.4502 -0.0168 -0.0301 -0.0119 34 SER B CB  
686 O OG  . SER B 34 ? 0.2634 0.2112 0.3361 -0.0161 -0.0365 -0.0064 34 SER B OG  
687 N N   . ASP B 35 ? 0.3131 0.2476 0.4270 -0.0212 -0.0330 -0.0165 35 ASP B N   
688 C CA  . ASP B 35 ? 0.3040 0.2333 0.4329 -0.0227 -0.0374 -0.0161 35 ASP B CA  
689 C C   . ASP B 35 ? 0.2806 0.2113 0.4049 -0.0224 -0.0436 -0.0104 35 ASP B C   
690 O O   . ASP B 35 ? 0.2910 0.2167 0.4215 -0.0214 -0.0488 -0.0066 35 ASP B O   
691 C CB  . ASP B 35 ? 0.3654 0.2957 0.5067 -0.0264 -0.0344 -0.0226 35 ASP B CB  
692 C CG  . ASP B 35 ? 0.4318 0.3596 0.5820 -0.0270 -0.0293 -0.0282 35 ASP B CG  
693 O OD1 . ASP B 35 ? 0.4314 0.3561 0.5791 -0.0247 -0.0282 -0.0267 35 ASP B OD1 
694 O OD2 . ASP B 35 ? 0.6009 0.5296 0.7607 -0.0296 -0.0262 -0.0340 35 ASP B OD2 
695 N N   . LEU B 36 ? 0.2669 0.2048 0.3801 -0.0230 -0.0428 -0.0102 36 LEU B N   
696 C CA  . LEU B 36 ? 0.2929 0.2329 0.4004 -0.0229 -0.0479 -0.0051 36 LEU B CA  
697 C C   . LEU B 36 ? 0.2982 0.2367 0.3954 -0.0191 -0.0519 0.0016  36 LEU B C   
698 O O   . LEU B 36 ? 0.3104 0.2467 0.4090 -0.0184 -0.0575 0.0065  36 LEU B O   
699 C CB  . LEU B 36 ? 0.2548 0.2040 0.3527 -0.0246 -0.0457 -0.0071 36 LEU B CB  
700 C CG  . LEU B 36 ? 0.4387 0.3907 0.5347 -0.0262 -0.0502 -0.0036 36 LEU B CG  
701 C CD1 . LEU B 36 ? 0.4139 0.3603 0.5264 -0.0293 -0.0522 -0.0049 36 LEU B CD1 
702 C CD2 . LEU B 36 ? 0.4289 0.3908 0.5151 -0.0279 -0.0477 -0.0060 36 LEU B CD2 
703 N N   . GLY B 37 ? 0.2336 0.1732 0.3201 -0.0163 -0.0491 0.0021  37 GLY B N   
704 C CA  . GLY B 37 ? 0.2470 0.1847 0.3241 -0.0126 -0.0527 0.0081  37 GLY B CA  
705 C C   . GLY B 37 ? 0.2416 0.1711 0.3303 -0.0117 -0.0564 0.0100  37 GLY B C   
706 O O   . GLY B 37 ? 0.2763 0.2040 0.3633 -0.0100 -0.0619 0.0154  37 GLY B O   
707 N N   . ARG B 38 ? 0.2844 0.2094 0.3850 -0.0128 -0.0533 0.0056  38 ARG B N   
708 C CA  . ARG B 38 ? 0.3005 0.2183 0.4131 -0.0120 -0.0565 0.0068  38 ARG B CA  
709 C C   . ARG B 38 ? 0.2786 0.1944 0.4013 -0.0132 -0.0620 0.0088  38 ARG B C   
710 O O   . ARG B 38 ? 0.2997 0.2119 0.4243 -0.0112 -0.0673 0.0132  38 ARG B O   
711 C CB  . ARG B 38 ? 0.3145 0.2288 0.4386 -0.0132 -0.0519 0.0010  38 ARG B CB  
712 C CG  . ARG B 38 ? 0.3335 0.2478 0.4487 -0.0116 -0.0468 -0.0002 38 ARG B CG  
713 C CD  . ARG B 38 ? 0.5133 0.4234 0.6412 -0.0127 -0.0430 -0.0052 38 ARG B CD  
714 N NE  . ARG B 38 ? 0.5816 0.4936 0.7034 -0.0131 -0.0358 -0.0091 38 ARG B NE  
715 C CZ  . ARG B 38 ? 0.8013 0.7128 0.9099 -0.0108 -0.0332 -0.0070 38 ARG B CZ  
716 N NH1 . ARG B 38 ? 0.8825 0.7956 0.9864 -0.0112 -0.0264 -0.0106 38 ARG B NH1 
717 N NH2 . ARG B 38 ? 0.9051 0.8148 1.0054 -0.0079 -0.0374 -0.0013 38 ARG B NH2 
718 N N   . ALA B 39 ? 0.2484 0.1665 0.3764 -0.0163 -0.0607 0.0057  39 ALA B N   
719 C CA  . ALA B 39 ? 0.3027 0.2183 0.4404 -0.0176 -0.0656 0.0077  39 ALA B CA  
720 C C   . ALA B 39 ? 0.3625 0.2799 0.4896 -0.0158 -0.0709 0.0147  39 ALA B C   
721 O O   . ALA B 39 ? 0.3705 0.2841 0.5033 -0.0152 -0.0762 0.0184  39 ALA B O   
722 C CB  . ALA B 39 ? 0.3476 0.2654 0.4917 -0.0215 -0.0628 0.0031  39 ALA B CB  
723 N N   . ASN B 40 ? 0.3430 0.3349 0.3505 -0.0201 -0.0102 0.0902  40 ASN B N   
724 C CA  . ASN B 40 ? 0.3231 0.3213 0.3319 -0.0206 -0.0042 0.0897  40 ASN B CA  
725 C C   . ASN B 40 ? 0.3205 0.3233 0.3162 -0.0204 -0.0040 0.0852  40 ASN B C   
726 O O   . ASN B 40 ? 0.3220 0.3296 0.3186 -0.0209 0.0009  0.0835  40 ASN B O   
727 C CB  . ASN B 40 ? 0.3470 0.3425 0.3705 -0.0209 -0.0032 0.0851  40 ASN B CB  
728 C CG  . ASN B 40 ? 0.4273 0.4208 0.4638 -0.0217 -0.0004 0.0910  40 ASN B CG  
729 O OD1 . ASN B 40 ? 0.4759 0.4741 0.5144 -0.0225 0.0055  0.0971  40 ASN B OD1 
730 N ND2 . ASN B 40 ? 0.3538 0.3398 0.3987 -0.0217 -0.0048 0.0893  40 ASN B ND2 
731 N N   . ASN B 41 ? 0.2985 0.2997 0.2824 -0.0198 -0.0090 0.0830  41 ASN B N   
732 C CA  . ASN B 41 ? 0.3000 0.3047 0.2706 -0.0197 -0.0096 0.0784  41 ASN B CA  
733 C C   . ASN B 41 ? 0.2986 0.3030 0.2734 -0.0193 -0.0092 0.0695  41 ASN B C   
734 O O   . ASN B 41 ? 0.3182 0.3276 0.2864 -0.0197 -0.0059 0.0671  41 ASN B O   
735 C CB  . ASN B 41 ? 0.4363 0.4489 0.3968 -0.0206 -0.0043 0.0841  41 ASN B CB  
736 C CG  . ASN B 41 ? 0.7269 0.7417 0.6704 -0.0206 -0.0069 0.0823  41 ASN B CG  
737 O OD1 . ASN B 41 ? 0.8979 0.9120 0.8340 -0.0205 -0.0103 0.0862  41 ASN B OD1 
738 N ND2 . ASN B 41 ? 0.8096 0.8274 0.7470 -0.0209 -0.0054 0.0762  41 ASN B ND2 
739 N N   . LEU B 42 ? 0.2614 0.2597 0.2475 -0.0188 -0.0127 0.0649  42 LEU B N   
740 C CA  . LEU B 42 ? 0.2291 0.2266 0.2217 -0.0184 -0.0129 0.0569  42 LEU B CA  
741 C C   . LEU B 42 ? 0.2211 0.2181 0.2017 -0.0177 -0.0165 0.0500  42 LEU B C   
742 O O   . LEU B 42 ? 0.2617 0.2544 0.2347 -0.0173 -0.0224 0.0482  42 LEU B O   
743 C CB  . LEU B 42 ? 0.2171 0.2078 0.2240 -0.0183 -0.0165 0.0541  42 LEU B CB  
744 C CG  . LEU B 42 ? 0.2051 0.1949 0.2214 -0.0179 -0.0168 0.0465  42 LEU B CG  
745 C CD1 . LEU B 42 ? 0.2598 0.2558 0.2831 -0.0184 -0.0092 0.0485  42 LEU B CD1 
746 C CD2 . LEU B 42 ? 0.2316 0.2143 0.2603 -0.0181 -0.0214 0.0445  42 LEU B CD2 
747 N N   . ARG B 43 ? 0.2800 0.2812 0.2594 -0.0176 -0.0128 0.0457  43 ARG B N   
748 C CA  . ARG B 43 ? 0.2622 0.2625 0.2313 -0.0170 -0.0159 0.0385  43 ARG B CA  
749 C C   . ARG B 43 ? 0.2246 0.2260 0.2017 -0.0164 -0.0136 0.0319  43 ARG B C   
750 O O   . ARG B 43 ? 0.2262 0.2304 0.2147 -0.0167 -0.0086 0.0337  43 ARG B O   
751 C CB  . ARG B 43 ? 0.2965 0.3021 0.2487 -0.0176 -0.0137 0.0407  43 ARG B CB  
752 C CG  . ARG B 43 ? 0.2895 0.3026 0.2414 -0.0187 -0.0054 0.0450  43 ARG B CG  
753 C CD  . ARG B 43 ? 0.4056 0.4238 0.3399 -0.0197 -0.0036 0.0480  43 ARG B CD  
754 N NE  . ARG B 43 ? 0.4635 0.4813 0.3880 -0.0193 -0.0055 0.0404  43 ARG B NE  
755 C CZ  . ARG B 43 ? 0.4808 0.5024 0.4040 -0.0197 -0.0007 0.0360  43 ARG B CZ  
756 N NH1 . ARG B 43 ? 0.4581 0.4846 0.3886 -0.0205 0.0063  0.0387  43 ARG B NH1 
757 N NH2 . ARG B 43 ? 0.4273 0.4477 0.3417 -0.0192 -0.0028 0.0289  43 ARG B NH2 
758 N N   . LYS B 44 ? 0.2604 0.2590 0.2322 -0.0156 -0.0174 0.0243  44 LYS B N   
759 C CA  . LYS B 44 ? 0.2554 0.2556 0.2332 -0.0149 -0.0148 0.0179  44 LYS B CA  
760 C C   . LYS B 44 ? 0.2464 0.2542 0.2161 -0.0155 -0.0075 0.0187  44 LYS B C   
761 O O   . LYS B 44 ? 0.2455 0.2555 0.1998 -0.0161 -0.0074 0.0200  44 LYS B O   
762 C CB  . LYS B 44 ? 0.2431 0.2377 0.2180 -0.0138 -0.0213 0.0096  44 LYS B CB  
763 C CG  . LYS B 44 ? 0.2066 0.2027 0.1889 -0.0128 -0.0188 0.0029  44 LYS B CG  
764 C CD  . LYS B 44 ? 0.2779 0.2679 0.2604 -0.0116 -0.0254 -0.0049 44 LYS B CD  
765 C CE  . LYS B 44 ? 0.2629 0.2513 0.2277 -0.0116 -0.0287 -0.0074 44 LYS B CE  
766 N NZ  . LYS B 44 ? 0.2994 0.2820 0.2652 -0.0104 -0.0345 -0.0157 44 LYS B NZ  
767 N N   . ILE B 45 ? 0.2254 0.2372 0.2052 -0.0156 -0.0017 0.0177  45 ILE B N   
768 C CA  . ILE B 45 ? 0.1971 0.2157 0.1703 -0.0163 0.0056  0.0173  45 ILE B CA  
769 C C   . ILE B 45 ? 0.1922 0.2112 0.1685 -0.0153 0.0070  0.0089  45 ILE B C   
770 O O   . ILE B 45 ? 0.2320 0.2559 0.1999 -0.0159 0.0123  0.0073  45 ILE B O   
771 C CB  . ILE B 45 ? 0.1976 0.2222 0.1767 -0.0177 0.0133  0.0238  45 ILE B CB  
772 C CG1 . ILE B 45 ? 0.2219 0.2465 0.2205 -0.0172 0.0156  0.0221  45 ILE B CG1 
773 C CG2 . ILE B 45 ? 0.2488 0.2735 0.2233 -0.0188 0.0123  0.0325  45 ILE B CG2 
774 C CD1 . ILE B 45 ? 0.2427 0.2738 0.2468 -0.0188 0.0240  0.0276  45 ILE B CD1 
775 N N   . ALA B 46 ? 0.2009 0.2150 0.1888 -0.0137 0.0026  0.0033  46 ALA B N   
776 C CA  . ALA B 46 ? 0.1991 0.2132 0.1898 -0.0125 0.0035  -0.0047 46 ALA B CA  
777 C C   . ALA B 46 ? 0.2039 0.2111 0.2038 -0.0108 -0.0040 -0.0102 46 ALA B C   
778 O O   . ALA B 46 ? 0.2255 0.2288 0.2345 -0.0108 -0.0080 -0.0078 46 ALA B O   
779 C CB  . ALA B 46 ? 0.2347 0.2545 0.2374 -0.0126 0.0112  -0.0045 46 ALA B CB  
780 N N   . ASP B 47 ? 0.2145 0.2199 0.2118 -0.0095 -0.0054 -0.0176 47 ASP B N   
781 C CA  . ASP B 47 ? 0.2301 0.2291 0.2346 -0.0080 -0.0125 -0.0236 47 ASP B CA  
782 C C   . ASP B 47 ? 0.2344 0.2353 0.2570 -0.0070 -0.0096 -0.0268 47 ASP B C   
783 O O   . ASP B 47 ? 0.2438 0.2427 0.2700 -0.0055 -0.0113 -0.0336 47 ASP B O   
784 C CB  . ASP B 47 ? 0.2225 0.2189 0.2136 -0.0073 -0.0153 -0.0298 47 ASP B CB  
785 C CG  . ASP B 47 ? 0.2573 0.2512 0.2312 -0.0082 -0.0194 -0.0273 47 ASP B CG  
786 O OD1 . ASP B 47 ? 0.2670 0.2564 0.2429 -0.0086 -0.0252 -0.0245 47 ASP B OD1 
787 O OD2 . ASP B 47 ? 0.2738 0.2703 0.2330 -0.0087 -0.0169 -0.0283 47 ASP B OD2 
788 N N   . GLN B 48 ? 0.1850 0.1898 0.2189 -0.0078 -0.0049 -0.0219 48 GLN B N   
789 C CA  . GLN B 48 ? 0.1941 0.2013 0.2463 -0.0071 -0.0018 -0.0238 48 GLN B CA  
790 C C   . GLN B 48 ? 0.2583 0.2673 0.3211 -0.0085 0.0003  -0.0170 48 GLN B C   
791 O O   . GLN B 48 ? 0.2322 0.2412 0.2874 -0.0099 0.0006  -0.0108 48 GLN B O   
792 C CB  . GLN B 48 ? 0.2443 0.2579 0.2967 -0.0067 0.0064  -0.0266 48 GLN B CB  
793 C CG  . GLN B 48 ? 0.2921 0.3123 0.3355 -0.0086 0.0144  -0.0213 48 GLN B CG  
794 C CD  . GLN B 48 ? 0.4653 0.4914 0.5078 -0.0084 0.0223  -0.0252 48 GLN B CD  
795 O OE1 . GLN B 48 ? 0.4567 0.4861 0.5132 -0.0079 0.0270  -0.0267 48 GLN B OE1 
796 N NE2 . GLN B 48 ? 0.3503 0.3774 0.3759 -0.0088 0.0240  -0.0267 48 GLN B NE2 
797 N N   . ALA B 49 ? 0.2191 0.2294 0.2996 -0.0082 0.0018  -0.0181 49 ALA B N   
798 C CA  . ALA B 49 ? 0.1884 0.2006 0.2790 -0.0095 0.0046  -0.0120 49 ALA B CA  
799 C C   . ALA B 49 ? 0.2410 0.2603 0.3259 -0.0109 0.0135  -0.0067 49 ALA B C   
800 O O   . ALA B 49 ? 0.2516 0.2751 0.3288 -0.0107 0.0184  -0.0090 49 ALA B O   
801 C CB  . ALA B 49 ? 0.1877 0.2005 0.2984 -0.0090 0.0048  -0.0146 49 ALA B CB  
802 N N   . CYS B 50 ? 0.2238 0.2442 0.3125 -0.0126 0.0156  0.0003  50 CYS B N   
803 C CA  . CYS B 50 ? 0.2508 0.2774 0.3331 -0.0140 0.0234  0.0061  50 CYS B CA  
804 C C   . CYS B 50 ? 0.2558 0.2893 0.3465 -0.0143 0.0317  0.0045  50 CYS B C   
805 O O   . CYS B 50 ? 0.2442 0.2833 0.3271 -0.0155 0.0385  0.0072  50 CYS B O   
806 C CB  . CYS B 50 ? 0.2707 0.2962 0.3557 -0.0156 0.0234  0.0141  50 CYS B CB  
807 S SG  . CYS B 50 ? 0.2347 0.2532 0.3086 -0.0156 0.0150  0.0171  50 CYS B SG  
808 N N   . ASP B 51 ? 0.2618 0.2951 0.3686 -0.0133 0.0314  0.0002  51 ASP B N   
809 C CA  . ASP B 51 ? 0.3451 0.3850 0.4632 -0.0137 0.0393  -0.0006 51 ASP B CA  
810 C C   . ASP B 51 ? 0.3307 0.3764 0.4394 -0.0140 0.0467  -0.0027 51 ASP B C   
811 O O   . ASP B 51 ? 0.3009 0.3525 0.4099 -0.0156 0.0544  0.0011  51 ASP B O   
812 C CB  . ASP B 51 ? 0.3387 0.3773 0.4744 -0.0122 0.0366  -0.0063 51 ASP B CB  
813 C CG  . ASP B 51 ? 0.5875 0.6202 0.7328 -0.0124 0.0294  -0.0044 51 ASP B CG  
814 O OD1 . ASP B 51 ? 0.4018 0.4282 0.5405 -0.0117 0.0217  -0.0058 51 ASP B OD1 
815 O OD2 . ASP B 51 ? 0.6532 0.6878 0.8129 -0.0133 0.0317  -0.0019 51 ASP B OD2 
816 N N   . ASN B 52 ? 0.2940 0.3382 0.3939 -0.0125 0.0445  -0.0086 52 ASN B N   
817 C CA  . ASN B 52 ? 0.4405 0.4899 0.5316 -0.0130 0.0517  -0.0111 52 ASN B CA  
818 C C   . ASN B 52 ? 0.3240 0.3751 0.3955 -0.0148 0.0542  -0.0065 52 ASN B C   
819 O O   . ASN B 52 ? 0.2944 0.3499 0.3567 -0.0156 0.0601  -0.0083 52 ASN B O   
820 C CB  . ASN B 52 ? 0.5177 0.5651 0.6080 -0.0107 0.0493  -0.0198 52 ASN B CB  
821 C CG  . ASN B 52 ? 0.6265 0.6756 0.7357 -0.0092 0.0513  -0.0248 52 ASN B CG  
822 O OD1 . ASN B 52 ? 0.5729 0.6282 0.6888 -0.0099 0.0595  -0.0250 52 ASN B OD1 
823 N ND2 . ASN B 52 ? 0.4479 0.4918 0.5661 -0.0072 0.0438  -0.0288 52 ASN B ND2 
824 N N   . LEU B 53 ? 0.2830 0.3311 0.3485 -0.0157 0.0499  -0.0004 53 LEU B N   
825 C CA  . LEU B 53 ? 0.2149 0.2644 0.2617 -0.0173 0.0510  0.0042  53 LEU B CA  
826 C C   . LEU B 53 ? 0.2776 0.3332 0.3234 -0.0199 0.0590  0.0111  53 LEU B C   
827 O O   . LEU B 53 ? 0.4673 0.5251 0.4982 -0.0216 0.0608  0.0157  53 LEU B O   
828 C CB  . LEU B 53 ? 0.2329 0.2763 0.2729 -0.0169 0.0426  0.0076  53 LEU B CB  
829 C CG  . LEU B 53 ? 0.2867 0.3234 0.3254 -0.0149 0.0343  0.0011  53 LEU B CG  
830 C CD1 . LEU B 53 ? 0.3346 0.3660 0.3652 -0.0149 0.0270  0.0049  53 LEU B CD1 
831 C CD2 . LEU B 53 ? 0.2816 0.3192 0.3101 -0.0141 0.0354  -0.0056 53 LEU B CD2 
832 N N   . THR B 54 ? 0.4381 0.4967 0.4996 -0.0203 0.0635  0.0119  54 THR B N   
833 C CA  . THR B 54 ? 0.6633 0.7271 0.7260 -0.0228 0.0704  0.0189  54 THR B CA  
834 C C   . THR B 54 ? 0.6681 0.7369 0.7451 -0.0232 0.0777  0.0163  54 THR B C   
835 O O   . THR B 54 ? 0.8158 0.8903 0.8882 -0.0249 0.0855  0.0163  54 THR B O   
836 C CB  . THR B 54 ? 0.7727 0.8333 0.8405 -0.0232 0.0666  0.0261  54 THR B CB  
837 O OG1 . THR B 54 ? 0.9411 1.0065 1.0079 -0.0258 0.0733  0.0334  54 THR B OG1 
838 C CG2 . THR B 54 ? 0.8266 0.8840 0.9135 -0.0218 0.0632  0.0235  54 THR B CG2 
# 
